data_3U44
#
_entry.id   3U44
#
_cell.length_a   100.230
_cell.length_b   138.960
_cell.length_c   102.970
_cell.angle_alpha   90.00
_cell.angle_beta   105.33
_cell.angle_gamma   90.00
#
_symmetry.space_group_name_H-M   'P 1 21 1'
#
loop_
_entity.id
_entity.type
_entity.pdbx_description
1 polymer 'ATP-dependent helicase/nuclease subunit A'
2 polymer 'ATP-dependent helicase/deoxyribonuclease subunit B'
3 polymer 'DNA (36-MER)'
4 non-polymer 'IRON/SULFUR CLUSTER'
5 water water
#
loop_
_entity_poly.entity_id
_entity_poly.type
_entity_poly.pdbx_seq_one_letter_code
_entity_poly.pdbx_strand_id
1 'polypeptide(L)'
;MNIPKPADSTWTDDQWNAIVSTGQDILVAAAAGSGKTAVLVERMIRKITAEENPIDVDRLLVVTFTNASAAEMKHRIAEA
LEKELVQRPGSLHIRRQLSLLNRASISTLHSFCLQVLKKYYYLIDLDPGFRIADQTEGELIGDEVLDELFEDEYAKGEKA
FFELVDRYTTDRHDLDLQFLVKQVYEYSRSHPNPEAWLESFVHLYDVSEKSAIEELPFYQYVKEDIAMVLNGAKEKLLRA
LELTKAPGGPAPRADNFLDDLAQIDELIQHQDDFSELYKRVPAVSFKRAKAVKGDEFDPALLDEATDLRNGAKKLLEKLK
TDYFTRSPEQHLKSLAEMKPVIETLVQLVISYGKRFEAAKQEKSIIDFSDLEHYCLAILTAENDKGEREPSEAARFYQEQ
FHEVLVDEYQDTNLVQESILQLVTSGPEETGNLFMVGDVKQSIYRFRLAEPLLFLSKYKRFTESGEGTGRKIDLNKNFRS
RADILDSTNFLFKQLMGGKIGEVDYDEQAELKLGAAYPDNDETETELLLIDNAEDTDASEEAEELETVQFEAKAIAKEIR
KLISSPFKVYDGKKKTHRNIQYRDIVILLRSMPWAPQIMEELRAQGIPVYANLTSGYFEAVEVAVALSVLKVIDNPYQDI
PLASVLRSPIVGADENELSLIRLENKKAPYYEAMKDYLAAGDRSDELYQKLNTFYGHLQKWRAFSKNHSVSELIWEVYRD
TKYMDYVGGMPGGKQRQANLRVLYDRARQYESTAFRGLFRFLRFIERMQERGDDLGTARGLSEQEDVVRLMTIHSSKGLE
FPVVFVAGLGRNFNMMDLNKSYLLDKELGFGTKYIHPQLRISYPTLPLIAMKKKMRRELLSEELRVLYVALTRAKEKLFL
IGSCKDHQKQLAKWQASASQTDWLLPEFDRYQARTYLDFIGPALARHRDLGDLAGVPAHADISGHPARFAVQMIHSYDLL
DDDLEERMEEKSERLEAIRRGEPVPGSFAFDEKAREQLSWTYPHQEVTQIRTKQSVSEIKRKREYEDEYSGRAPVKPADG
SILYRRPAFMMKKGLTAAEKGTAMHTVMQHIPLSHVPSIEEAEQTVHRLYEKELLTEEQKDAIDIEEIVQFFHTEIGGQL
IGAKWKDREIPFSLALPAKEIYPDAHEADEPLLVQGIIDCLYETEDGLYLLAYKSDRIEGKFQHGFEGAAPILKKRYETQ
IQLYTKAVEQIAKTKVKGCALYFFDGGHILTL
;
A
2 'polypeptide(L)'
;MGAEFLVGRSGSGKTKLIINSIQDELRRAPFGKPIIFLVPDQMTFLMEYELAKTPDMGGMIRAQVFSFSRLAWRVLQHTG
GMSRPFLTSTGVQMLLRKLIEEHKQEFKVYQKASDKSGFTAQVERMLTEFKRYCLEPEDIRRMAESGTASEYRGERVLSE
KLHDLSILYQQMEKSLADQYLHSEDYLTLLAEHIPLAEDIKGAHIYVDGFYQFTPQEFRVLEQLMVHAEHITFSLTADKP
SYEREPHELELFRMTGKTYYRLHQKAKELNLDITYKELSGTERHTKTPELAHLEAQYEARPAIPYAEKQEALTVMQAANR
RAELEGIAREIHALVREKGYRYKDVAILARQPEDYKDMVKEVFADYEIPYFIDGKASMLNHPLIEFIRSSLDVLKGNWRY
EAVFRCVKTELLFPLNEPKAKVREQVDQLENYCIAYGIKGDRWTKGDRFQYRRFVSLDDDFAQTDQEIEMENMLNDTRDW
IVPPLFQLQKRMKKAKTVQEKAEALYRYLEETDVPLKLDQERQRAEDDGRIIEAQQHQQAWDAVIQLLEEFVEMMGDDEI
SLDLFQQMIEAGAESLTFSLIPPALDQVFVGNMDLSRMYGTSCTFVLGANDGVLPARPDENGVLSDDDREWLKTIGVELS
SGGRERLLDEHFLIYMAFSSPSDRLYVSYPIADAEGKTLLPSMIVKRLEELFPHHKERLLTNEPEQVSDEEQLMYVVNKS
VAQSFTASQLRLWTREYDISDVWWSTYNVLMSEQDRLQSKKLFSSLFFRNEVKQLERSVSRQLYGERIQGSVSRMETFNA
CPFSHFASHGLHLKERQFFKLEAPDIGQLFHSSLKLISDRLRDEKLDWRDLTKEQCELFSYDAVERLAPKLQKEILLSSN
RHYYVKEKLQKIVTRVSGILSEHAKASGFVPIGLELGFGGKGPLPPLTFQLKNGCTMELVGRIDRVDKAESSKGLLLRIV
AYKSSDKGLDLAEVYYGLALQMLTYLDLSITHSADWLGMRATPAGVLYFHIHDPMIQSNLPLGLDEIEQEIFKKFKMKGL
LLGDQEVVRLMDTTLQEGRSNIINAGLKKDGSLRSDSAAVGEKEFDLLTKHVRRTFQEAGEQITDGRVSIEPYKMKNKTP
CTYCAFKSVCQFDESLEENEYRPLKAEKDKTILEWIKKEADGNEHS
;
B
3 'polydeoxyribonucleotide'
;(DT)(DC)(DT)(DA)(DA)(DT)(DG)(DC)(DG)(DA)(DG)(DC)(DA)(DC)(DT)(DG)(DC)(DT)(DA)(DT)
(DT)(DC)(DC)(DC)(DT)(DA)(DG)(DC)(DA)(DG)(DT)(DG)(DC)(DT)(DC)(DG)(DC)(DA)(DT)(DT)
(DA)(DG)(DA)(DT)(DT)(DT)(DT)(DG)
;
X
#
loop_
_chem_comp.id
_chem_comp.type
_chem_comp.name
_chem_comp.formula
DA DNA linking 2'-DEOXYADENOSINE-5'-MONOPHOSPHATE 'C10 H14 N5 O6 P'
DC DNA linking 2'-DEOXYCYTIDINE-5'-MONOPHOSPHATE 'C9 H14 N3 O7 P'
DG DNA linking 2'-DEOXYGUANOSINE-5'-MONOPHOSPHATE 'C10 H14 N5 O7 P'
DT DNA linking THYMIDINE-5'-MONOPHOSPHATE 'C10 H15 N2 O8 P'
SF4 non-polymer 'IRON/SULFUR CLUSTER' 'Fe4 S4'
#
# COMPACT_ATOMS: atom_id res chain seq x y z
N THR A 10 15.48 -5.59 -43.33
CA THR A 10 15.82 -7.01 -43.50
C THR A 10 15.88 -7.73 -42.16
N TRP A 11 16.02 -9.05 -42.20
CA TRP A 11 16.21 -9.84 -41.00
C TRP A 11 17.42 -10.76 -41.15
N THR A 12 17.85 -11.34 -40.03
CA THR A 12 18.82 -12.43 -40.08
C THR A 12 18.03 -13.70 -40.38
N ASP A 13 18.73 -14.77 -40.72
CA ASP A 13 18.06 -16.05 -40.95
C ASP A 13 17.48 -16.58 -39.65
N ASP A 14 18.14 -16.26 -38.54
CA ASP A 14 17.69 -16.70 -37.23
C ASP A 14 16.39 -15.99 -36.83
N GLN A 15 16.35 -14.68 -37.08
CA GLN A 15 15.13 -13.91 -36.85
C GLN A 15 14.03 -14.40 -37.76
N TRP A 16 14.35 -14.53 -39.04
CA TRP A 16 13.41 -15.05 -40.03
C TRP A 16 12.82 -16.38 -39.58
N ASN A 17 13.67 -17.24 -39.04
CA ASN A 17 13.20 -18.52 -38.51
C ASN A 17 12.16 -18.31 -37.41
N ALA A 18 12.54 -17.55 -36.39
CA ALA A 18 11.65 -17.26 -35.27
C ALA A 18 10.33 -16.69 -35.74
N ILE A 19 10.37 -15.94 -36.84
CA ILE A 19 9.19 -15.25 -37.36
C ILE A 19 8.22 -16.17 -38.08
N VAL A 20 8.75 -17.06 -38.92
CA VAL A 20 7.91 -17.82 -39.84
C VAL A 20 7.65 -19.28 -39.41
N SER A 21 8.48 -19.83 -38.54
CA SER A 21 8.36 -21.23 -38.17
C SER A 21 6.98 -21.52 -37.58
N THR A 22 6.55 -22.76 -37.68
CA THR A 22 5.25 -23.18 -37.15
C THR A 22 5.15 -24.71 -37.14
N GLY A 23 4.20 -25.22 -36.37
CA GLY A 23 3.91 -26.65 -36.38
C GLY A 23 4.37 -27.37 -35.13
N GLN A 24 5.11 -26.68 -34.28
CA GLN A 24 5.60 -27.27 -33.04
C GLN A 24 6.02 -26.19 -32.04
N ASP A 25 6.36 -26.61 -30.83
CA ASP A 25 6.87 -25.68 -29.83
C ASP A 25 8.21 -25.11 -30.29
N ILE A 26 8.45 -23.84 -30.02
CA ILE A 26 9.67 -23.17 -30.43
C ILE A 26 10.33 -22.41 -29.29
N LEU A 27 11.61 -22.70 -29.05
CA LEU A 27 12.36 -22.02 -28.01
C LEU A 27 13.36 -21.06 -28.64
N VAL A 28 13.17 -19.77 -28.39
CA VAL A 28 14.04 -18.75 -28.95
C VAL A 28 15.02 -18.22 -27.91
N ALA A 29 16.28 -18.61 -28.03
CA ALA A 29 17.32 -18.11 -27.14
C ALA A 29 17.82 -16.77 -27.67
N ALA A 30 17.33 -15.69 -27.08
CA ALA A 30 17.65 -14.35 -27.54
C ALA A 30 18.69 -13.67 -26.67
N ALA A 31 19.86 -13.42 -27.25
CA ALA A 31 20.94 -12.74 -26.53
C ALA A 31 20.59 -11.28 -26.32
N ALA A 32 21.36 -10.60 -25.50
CA ALA A 32 21.13 -9.18 -25.24
C ALA A 32 21.14 -8.40 -26.56
N GLY A 33 20.16 -7.52 -26.72
CA GLY A 33 20.06 -6.72 -27.92
C GLY A 33 19.83 -7.53 -29.18
N SER A 34 19.03 -8.59 -29.07
CA SER A 34 18.73 -9.44 -30.22
C SER A 34 17.65 -8.83 -31.09
N GLY A 35 16.97 -7.80 -30.57
CA GLY A 35 15.83 -7.23 -31.26
C GLY A 35 14.68 -8.20 -31.25
N LYS A 36 14.63 -9.02 -30.20
CA LYS A 36 13.61 -10.05 -30.05
C LYS A 36 12.20 -9.46 -30.13
N THR A 37 12.02 -8.27 -29.55
CA THR A 37 10.73 -7.61 -29.55
C THR A 37 10.22 -7.40 -30.96
N ALA A 38 11.02 -6.74 -31.79
CA ALA A 38 10.65 -6.49 -33.18
C ALA A 38 10.27 -7.78 -33.89
N VAL A 39 11.06 -8.84 -33.66
CA VAL A 39 10.80 -10.13 -34.27
C VAL A 39 9.52 -10.76 -33.73
N LEU A 40 9.27 -10.57 -32.44
CA LEU A 40 8.08 -11.09 -31.80
C LEU A 40 6.83 -10.41 -32.36
N VAL A 41 6.95 -9.11 -32.61
CA VAL A 41 5.87 -8.34 -33.19
C VAL A 41 5.57 -8.80 -34.62
N GLU A 42 6.60 -8.80 -35.46
CA GLU A 42 6.46 -9.21 -36.85
C GLU A 42 5.77 -10.56 -36.98
N ARG A 43 6.21 -11.53 -36.17
CA ARG A 43 5.62 -12.88 -36.21
C ARG A 43 4.11 -12.83 -36.04
N MET A 44 3.64 -12.02 -35.09
CA MET A 44 2.22 -11.88 -34.85
C MET A 44 1.55 -11.09 -35.96
N ILE A 45 2.21 -10.04 -36.42
CA ILE A 45 1.69 -9.20 -37.50
C ILE A 45 1.30 -10.05 -38.70
N ARG A 46 2.13 -11.02 -39.05
CA ARG A 46 1.90 -11.86 -40.21
C ARG A 46 0.66 -12.74 -40.04
N LYS A 47 0.66 -13.58 -39.02
CA LYS A 47 -0.46 -14.49 -38.79
C LYS A 47 -1.77 -13.72 -38.75
N ILE A 48 -1.70 -12.45 -38.35
CA ILE A 48 -2.88 -11.61 -38.26
C ILE A 48 -3.16 -10.88 -39.57
N THR A 49 -2.12 -10.37 -40.21
CA THR A 49 -2.28 -9.67 -41.47
C THR A 49 -1.56 -10.41 -42.59
N ALA A 50 -2.28 -11.30 -43.27
CA ALA A 50 -1.71 -12.08 -44.35
C ALA A 50 -2.76 -12.40 -45.40
N GLU A 51 -2.31 -12.56 -46.64
CA GLU A 51 -3.23 -12.85 -47.73
C GLU A 51 -3.88 -14.22 -47.55
N GLU A 52 -3.05 -15.24 -47.33
CA GLU A 52 -3.53 -16.61 -47.27
C GLU A 52 -4.80 -16.76 -46.44
N ASN A 53 -4.65 -16.93 -45.14
CA ASN A 53 -5.80 -17.00 -44.25
C ASN A 53 -5.50 -16.44 -42.86
N PRO A 54 -5.72 -15.13 -42.69
CA PRO A 54 -5.43 -14.40 -41.45
C PRO A 54 -6.16 -14.98 -40.24
N ILE A 55 -5.66 -14.64 -39.06
CA ILE A 55 -6.34 -14.97 -37.81
C ILE A 55 -6.51 -13.70 -36.98
N ASP A 56 -7.56 -13.65 -36.17
CA ASP A 56 -7.80 -12.49 -35.32
C ASP A 56 -6.83 -12.45 -34.15
N VAL A 57 -6.64 -11.27 -33.56
CA VAL A 57 -5.70 -11.10 -32.46
C VAL A 57 -6.18 -11.81 -31.20
N ASP A 58 -7.49 -11.80 -30.97
CA ASP A 58 -8.09 -12.42 -29.80
C ASP A 58 -7.89 -13.93 -29.78
N ARG A 59 -7.33 -14.46 -30.86
CA ARG A 59 -7.03 -15.88 -30.95
C ARG A 59 -5.57 -16.15 -30.52
N LEU A 60 -4.90 -15.12 -30.04
CA LEU A 60 -3.52 -15.25 -29.58
C LEU A 60 -3.39 -14.95 -28.09
N LEU A 61 -2.47 -15.64 -27.43
CA LEU A 61 -2.17 -15.38 -26.03
C LEU A 61 -0.72 -14.93 -25.88
N VAL A 62 -0.52 -13.71 -25.41
CA VAL A 62 0.83 -13.17 -25.26
C VAL A 62 1.10 -12.76 -23.81
N VAL A 63 1.99 -13.49 -23.15
CA VAL A 63 2.35 -13.15 -21.78
C VAL A 63 3.72 -12.45 -21.73
N THR A 64 3.76 -11.34 -21.00
CA THR A 64 5.00 -10.62 -20.78
C THR A 64 5.26 -10.55 -19.28
N PHE A 65 6.36 -9.91 -18.88
CA PHE A 65 6.70 -9.84 -17.46
C PHE A 65 6.26 -8.52 -16.82
N THR A 66 5.78 -7.59 -17.65
CA THR A 66 5.25 -6.32 -17.16
C THR A 66 4.09 -5.85 -18.03
N ASN A 67 3.14 -5.16 -17.41
CA ASN A 67 2.01 -4.60 -18.16
C ASN A 67 2.46 -3.48 -19.10
N ALA A 68 3.61 -2.89 -18.79
CA ALA A 68 4.17 -1.83 -19.62
C ALA A 68 4.72 -2.38 -20.93
N SER A 69 5.41 -3.51 -20.84
CA SER A 69 5.96 -4.17 -22.02
C SER A 69 4.85 -4.75 -22.87
N ALA A 70 3.77 -5.17 -22.20
CA ALA A 70 2.59 -5.64 -22.90
C ALA A 70 1.94 -4.47 -23.64
N ALA A 71 1.74 -3.37 -22.93
CA ALA A 71 1.23 -2.16 -23.54
C ALA A 71 2.13 -1.73 -24.69
N GLU A 72 3.43 -1.86 -24.49
CA GLU A 72 4.40 -1.55 -25.52
C GLU A 72 4.17 -2.44 -26.73
N MET A 73 3.92 -3.71 -26.47
CA MET A 73 3.63 -4.68 -27.51
C MET A 73 2.45 -4.23 -28.36
N LYS A 74 1.39 -3.77 -27.68
CA LYS A 74 0.18 -3.36 -28.36
C LYS A 74 0.39 -2.16 -29.29
N HIS A 75 1.19 -1.21 -28.85
CA HIS A 75 1.48 -0.01 -29.64
C HIS A 75 2.18 -0.35 -30.95
N ARG A 76 3.22 -1.18 -30.86
CA ARG A 76 4.00 -1.56 -32.03
C ARG A 76 3.19 -2.47 -32.96
N ILE A 77 2.26 -3.21 -32.39
CA ILE A 77 1.33 -4.02 -33.17
C ILE A 77 0.36 -3.10 -33.90
N ALA A 78 -0.04 -2.02 -33.23
CA ALA A 78 -0.97 -1.06 -33.81
C ALA A 78 -0.38 -0.37 -35.03
N GLU A 79 0.82 0.19 -34.88
CA GLU A 79 1.49 0.89 -35.97
C GLU A 79 1.51 0.06 -37.23
N ALA A 80 2.14 -1.11 -37.15
CA ALA A 80 2.31 -1.98 -38.31
C ALA A 80 0.97 -2.26 -38.99
N LEU A 81 -0.08 -2.38 -38.19
CA LEU A 81 -1.43 -2.57 -38.72
C LEU A 81 -1.83 -1.38 -39.58
N GLU A 82 -1.59 -0.18 -39.08
CA GLU A 82 -1.85 1.03 -39.84
C GLU A 82 -1.09 1.01 -41.17
N LYS A 83 0.21 0.74 -41.07
CA LYS A 83 1.06 0.68 -42.25
C LYS A 83 0.54 -0.36 -43.24
N GLU A 84 0.30 -1.57 -42.76
CA GLU A 84 -0.26 -2.63 -43.59
C GLU A 84 -1.61 -2.22 -44.17
N LEU A 85 -2.30 -1.33 -43.45
CA LEU A 85 -3.62 -0.87 -43.87
C LEU A 85 -3.55 0.13 -45.01
N VAL A 86 -2.66 1.10 -44.90
CA VAL A 86 -2.53 2.14 -45.91
C VAL A 86 -2.32 1.53 -47.30
N GLN A 87 -1.65 0.39 -47.35
CA GLN A 87 -1.39 -0.31 -48.61
C GLN A 87 -2.60 -1.11 -49.06
N ARG A 88 -3.34 -1.66 -48.11
CA ARG A 88 -4.59 -2.36 -48.40
C ARG A 88 -5.76 -1.62 -47.76
N PRO A 89 -6.05 -0.41 -48.25
CA PRO A 89 -7.04 0.49 -47.65
C PRO A 89 -8.43 -0.12 -47.58
N GLY A 90 -8.70 -1.12 -48.41
CA GLY A 90 -10.00 -1.76 -48.45
C GLY A 90 -10.07 -3.05 -47.66
N SER A 91 -9.19 -3.19 -46.67
CA SER A 91 -9.15 -4.39 -45.86
C SER A 91 -10.10 -4.29 -44.66
N LEU A 92 -11.14 -5.12 -44.66
CA LEU A 92 -12.09 -5.15 -43.56
C LEU A 92 -11.49 -5.85 -42.35
N HIS A 93 -10.73 -6.92 -42.63
CA HIS A 93 -10.11 -7.70 -41.57
C HIS A 93 -9.06 -6.90 -40.81
N ILE A 94 -8.21 -6.19 -41.54
CA ILE A 94 -7.15 -5.41 -40.93
C ILE A 94 -7.67 -4.28 -40.04
N ARG A 95 -8.69 -3.57 -40.52
CA ARG A 95 -9.30 -2.52 -39.71
C ARG A 95 -9.84 -3.10 -38.41
N ARG A 96 -10.53 -4.23 -38.53
CA ARG A 96 -11.12 -4.89 -37.37
C ARG A 96 -10.07 -5.26 -36.32
N GLN A 97 -8.95 -5.82 -36.76
CA GLN A 97 -7.87 -6.20 -35.84
C GLN A 97 -7.48 -5.01 -34.98
N LEU A 98 -7.42 -3.85 -35.61
CA LEU A 98 -7.08 -2.61 -34.92
C LEU A 98 -8.00 -2.37 -33.73
N SER A 99 -9.21 -2.92 -33.82
CA SER A 99 -10.20 -2.79 -32.75
C SER A 99 -10.07 -3.91 -31.71
N LEU A 100 -9.38 -4.97 -32.08
CA LEU A 100 -9.26 -6.14 -31.22
C LEU A 100 -8.08 -6.04 -30.24
N LEU A 101 -7.19 -5.09 -30.48
CA LEU A 101 -6.02 -4.93 -29.63
C LEU A 101 -6.37 -4.66 -28.16
N ASN A 102 -7.52 -4.04 -27.94
CA ASN A 102 -7.97 -3.76 -26.57
C ASN A 102 -8.66 -4.97 -25.94
N ARG A 103 -9.17 -5.85 -26.79
CA ARG A 103 -9.86 -7.04 -26.34
C ARG A 103 -8.92 -8.24 -26.35
N ALA A 104 -7.72 -8.02 -26.87
CA ALA A 104 -6.74 -9.09 -27.00
C ALA A 104 -6.10 -9.45 -25.66
N SER A 105 -5.60 -10.67 -25.56
CA SER A 105 -4.94 -11.12 -24.34
C SER A 105 -3.43 -10.92 -24.44
N ILE A 106 -2.98 -9.76 -23.98
CA ILE A 106 -1.56 -9.45 -23.94
C ILE A 106 -1.24 -8.82 -22.59
N SER A 107 -0.56 -9.57 -21.71
CA SER A 107 -0.37 -9.12 -20.35
C SER A 107 0.58 -10.02 -19.57
N THR A 108 0.77 -9.71 -18.29
CA THR A 108 1.51 -10.58 -17.39
C THR A 108 0.68 -11.81 -17.12
N LEU A 109 1.33 -12.91 -16.76
CA LEU A 109 0.61 -14.15 -16.51
C LEU A 109 -0.41 -13.96 -15.40
N HIS A 110 -0.03 -13.15 -14.39
CA HIS A 110 -0.95 -12.82 -13.31
C HIS A 110 -2.20 -12.15 -13.86
N SER A 111 -1.99 -11.22 -14.79
CA SER A 111 -3.10 -10.49 -15.41
C SER A 111 -4.03 -11.45 -16.13
N PHE A 112 -3.47 -12.49 -16.74
CA PHE A 112 -4.29 -13.51 -17.39
C PHE A 112 -5.04 -14.33 -16.35
N CYS A 113 -4.31 -14.84 -15.36
CA CYS A 113 -4.90 -15.63 -14.29
C CYS A 113 -6.11 -14.92 -13.71
N LEU A 114 -6.01 -13.61 -13.54
CA LEU A 114 -7.11 -12.82 -13.00
C LEU A 114 -8.34 -12.96 -13.87
N GLN A 115 -8.15 -12.79 -15.18
CA GLN A 115 -9.26 -12.94 -16.13
C GLN A 115 -9.90 -14.31 -16.04
N VAL A 116 -9.08 -15.33 -15.81
CA VAL A 116 -9.57 -16.70 -15.67
C VAL A 116 -10.40 -16.86 -14.41
N LEU A 117 -9.84 -16.44 -13.28
CA LEU A 117 -10.53 -16.52 -12.00
C LEU A 117 -11.89 -15.81 -12.07
N LYS A 118 -11.90 -14.62 -12.64
CA LYS A 118 -13.13 -13.84 -12.78
C LYS A 118 -14.21 -14.60 -13.54
N LYS A 119 -13.78 -15.35 -14.55
CA LYS A 119 -14.72 -16.04 -15.44
C LYS A 119 -15.21 -17.38 -14.86
N TYR A 120 -14.29 -18.16 -14.32
CA TYR A 120 -14.61 -19.50 -13.83
C TYR A 120 -14.60 -19.62 -12.30
N TYR A 121 -14.74 -18.49 -11.62
CA TYR A 121 -14.67 -18.47 -10.15
C TYR A 121 -15.58 -19.51 -9.51
N TYR A 122 -16.72 -19.76 -10.14
CA TYR A 122 -17.74 -20.63 -9.58
C TYR A 122 -17.35 -22.11 -9.57
N LEU A 123 -16.26 -22.45 -10.25
CA LEU A 123 -15.80 -23.83 -10.29
C LEU A 123 -15.05 -24.20 -9.02
N ILE A 124 -14.27 -23.25 -8.50
CA ILE A 124 -13.59 -23.41 -7.23
C ILE A 124 -14.35 -22.65 -6.15
N ASP A 125 -13.78 -22.56 -4.96
CA ASP A 125 -14.38 -21.78 -3.89
C ASP A 125 -13.72 -20.40 -3.87
N LEU A 126 -14.29 -19.47 -4.62
CA LEU A 126 -13.78 -18.11 -4.69
C LEU A 126 -14.93 -17.13 -4.82
N ASP A 127 -14.92 -16.10 -3.99
CA ASP A 127 -15.95 -15.09 -4.01
C ASP A 127 -15.68 -14.12 -5.16
N PRO A 128 -16.60 -14.04 -6.13
CA PRO A 128 -16.45 -13.03 -7.18
C PRO A 128 -16.40 -11.66 -6.53
N GLY A 129 -15.68 -10.73 -7.14
CA GLY A 129 -15.46 -9.45 -6.50
C GLY A 129 -14.39 -9.61 -5.43
N PHE A 130 -13.73 -10.75 -5.45
CA PHE A 130 -12.61 -11.01 -4.55
C PHE A 130 -11.59 -9.90 -4.71
N ARG A 131 -10.83 -9.64 -3.67
CA ARG A 131 -9.82 -8.58 -3.72
C ARG A 131 -8.42 -9.17 -3.62
N ILE A 132 -7.46 -8.54 -4.28
CA ILE A 132 -6.07 -8.97 -4.21
C ILE A 132 -5.30 -8.13 -3.20
N ALA A 133 -4.91 -8.77 -2.10
CA ALA A 133 -4.17 -8.08 -1.05
C ALA A 133 -2.70 -7.94 -1.43
N ASP A 134 -2.13 -6.77 -1.18
CA ASP A 134 -0.71 -6.55 -1.45
C ASP A 134 0.14 -7.40 -0.51
N GLN A 135 1.38 -7.65 -0.91
CA GLN A 135 2.26 -8.55 -0.16
C GLN A 135 2.44 -8.14 1.29
N THR A 136 1.99 -6.94 1.63
CA THR A 136 2.11 -6.43 3.00
C THR A 136 1.00 -6.95 3.91
N GLU A 137 -0.22 -6.48 3.69
CA GLU A 137 -1.35 -6.89 4.51
C GLU A 137 -1.48 -8.41 4.52
N GLY A 138 -1.13 -9.04 3.41
CA GLY A 138 -1.13 -10.49 3.30
C GLY A 138 -0.23 -11.12 4.36
N GLU A 139 0.99 -10.60 4.45
CA GLU A 139 1.94 -11.09 5.45
C GLU A 139 1.46 -10.79 6.86
N LEU A 140 0.84 -9.62 7.04
CA LEU A 140 0.32 -9.22 8.34
C LEU A 140 -0.79 -10.17 8.78
N ILE A 141 -1.49 -10.76 7.81
CA ILE A 141 -2.51 -11.75 8.11
C ILE A 141 -1.84 -13.08 8.46
N GLY A 142 -0.72 -13.36 7.81
CA GLY A 142 0.05 -14.56 8.11
C GLY A 142 0.54 -14.54 9.54
N ASP A 143 1.08 -13.39 9.97
CA ASP A 143 1.52 -13.21 11.33
C ASP A 143 0.41 -13.51 12.33
N GLU A 144 -0.80 -13.06 12.00
CA GLU A 144 -1.95 -13.23 12.89
C GLU A 144 -2.32 -14.69 13.02
N VAL A 145 -2.70 -15.31 11.91
CA VAL A 145 -3.08 -16.72 11.90
C VAL A 145 -1.99 -17.59 12.54
N LEU A 146 -0.73 -17.20 12.32
CA LEU A 146 0.39 -17.92 12.91
C LEU A 146 0.31 -17.89 14.44
N ASP A 147 0.22 -16.68 14.98
CA ASP A 147 0.14 -16.50 16.43
C ASP A 147 -1.01 -17.29 17.04
N GLU A 148 -2.13 -17.35 16.31
CA GLU A 148 -3.27 -18.14 16.74
C GLU A 148 -2.92 -19.63 16.72
N LEU A 149 -2.27 -20.05 15.64
CA LEU A 149 -1.86 -21.44 15.49
C LEU A 149 -0.90 -21.86 16.61
N PHE A 150 0.16 -21.09 16.79
CA PHE A 150 1.15 -21.38 17.83
C PHE A 150 0.52 -21.41 19.22
N GLU A 151 -0.41 -20.49 19.47
CA GLU A 151 -1.09 -20.44 20.75
C GLU A 151 -1.90 -21.71 20.99
N ASP A 152 -2.60 -22.17 19.95
CA ASP A 152 -3.40 -23.39 20.04
C ASP A 152 -2.53 -24.60 20.34
N GLU A 153 -1.39 -24.69 19.68
CA GLU A 153 -0.47 -25.81 19.89
C GLU A 153 0.09 -25.81 21.31
N TYR A 154 0.54 -24.64 21.76
CA TYR A 154 1.05 -24.50 23.11
C TYR A 154 0.04 -24.99 24.13
N ALA A 155 -1.23 -24.62 23.92
CA ALA A 155 -2.30 -25.00 24.83
C ALA A 155 -2.64 -26.49 24.70
N LYS A 156 -2.49 -27.03 23.50
CA LYS A 156 -2.78 -28.43 23.26
C LYS A 156 -1.76 -29.33 23.96
N GLY A 157 -0.54 -28.81 24.11
CA GLY A 157 0.49 -29.49 24.88
C GLY A 157 0.98 -30.80 24.31
N GLU A 158 0.80 -31.01 23.02
CA GLU A 158 1.31 -32.22 22.38
C GLU A 158 2.82 -32.34 22.55
N LYS A 159 3.28 -33.55 22.84
CA LYS A 159 4.70 -33.81 23.05
C LYS A 159 5.54 -33.41 21.84
N ALA A 160 5.18 -33.94 20.68
CA ALA A 160 5.94 -33.71 19.45
C ALA A 160 6.17 -32.22 19.18
N PHE A 161 5.15 -31.42 19.42
CA PHE A 161 5.24 -29.98 19.17
C PHE A 161 6.40 -29.35 19.93
N PHE A 162 6.48 -29.60 21.23
CA PHE A 162 7.51 -29.02 22.07
C PHE A 162 8.91 -29.44 21.62
N GLU A 163 9.04 -30.68 21.17
CA GLU A 163 10.31 -31.19 20.67
C GLU A 163 10.77 -30.36 19.48
N LEU A 164 9.83 -29.97 18.63
CA LEU A 164 10.13 -29.16 17.46
C LEU A 164 10.51 -27.74 17.87
N VAL A 165 9.77 -27.18 18.82
CA VAL A 165 10.01 -25.83 19.32
C VAL A 165 11.37 -25.74 20.02
N ASP A 166 11.54 -26.52 21.08
CA ASP A 166 12.79 -26.55 21.83
C ASP A 166 13.98 -26.64 20.90
N ARG A 167 13.78 -27.30 19.76
CA ARG A 167 14.85 -27.61 18.84
C ARG A 167 15.20 -26.44 17.92
N TYR A 168 14.19 -25.77 17.37
CA TYR A 168 14.42 -24.76 16.35
C TYR A 168 14.34 -23.30 16.81
N THR A 169 13.83 -23.08 18.02
CA THR A 169 13.74 -21.72 18.53
C THR A 169 14.80 -21.45 19.58
N THR A 170 15.37 -20.26 19.56
CA THR A 170 16.35 -19.90 20.58
C THR A 170 15.65 -19.73 21.91
N ASP A 171 15.80 -20.74 22.77
CA ASP A 171 15.10 -20.72 24.06
C ASP A 171 15.35 -19.40 24.76
N ARG A 172 14.30 -18.88 25.39
CA ARG A 172 14.24 -17.53 25.96
C ARG A 172 13.35 -16.66 25.06
N HIS A 173 12.98 -17.21 23.91
CA HIS A 173 11.91 -16.68 23.07
C HIS A 173 11.62 -17.61 21.89
N ASP A 174 10.36 -17.63 21.45
CA ASP A 174 9.91 -18.61 20.46
C ASP A 174 9.83 -18.05 19.04
N LEU A 175 10.24 -16.80 18.86
CA LEU A 175 10.08 -16.12 17.57
C LEU A 175 10.63 -16.92 16.39
N ASP A 176 11.66 -17.70 16.64
CA ASP A 176 12.40 -18.34 15.56
C ASP A 176 11.61 -19.40 14.79
N LEU A 177 10.73 -20.12 15.50
CA LEU A 177 9.93 -21.19 14.90
C LEU A 177 8.98 -20.72 13.82
N GLN A 178 8.43 -19.52 13.98
CA GLN A 178 7.36 -19.06 13.11
C GLN A 178 7.79 -18.53 11.73
N PHE A 179 9.04 -18.12 11.56
CA PHE A 179 9.51 -17.78 10.21
C PHE A 179 10.03 -19.00 9.45
N LEU A 180 10.45 -20.03 10.19
CA LEU A 180 10.78 -21.30 9.56
C LEU A 180 9.50 -21.81 8.91
N VAL A 181 8.41 -21.68 9.64
CA VAL A 181 7.10 -22.11 9.14
C VAL A 181 6.72 -21.36 7.87
N LYS A 182 6.86 -20.03 7.91
CA LYS A 182 6.60 -19.22 6.73
C LYS A 182 7.56 -19.59 5.62
N GLN A 183 8.85 -19.52 5.91
CA GLN A 183 9.90 -19.84 4.94
C GLN A 183 9.55 -21.13 4.21
N VAL A 184 9.19 -22.17 4.98
CA VAL A 184 8.80 -23.45 4.41
C VAL A 184 7.56 -23.31 3.54
N TYR A 185 6.52 -22.71 4.10
CA TYR A 185 5.27 -22.50 3.38
C TYR A 185 5.48 -21.75 2.06
N GLU A 186 6.12 -20.59 2.16
CA GLU A 186 6.38 -19.75 0.99
C GLU A 186 7.09 -20.53 -0.11
N TYR A 187 7.99 -21.42 0.30
CA TYR A 187 8.74 -22.24 -0.65
C TYR A 187 7.83 -23.24 -1.36
N SER A 188 7.01 -23.93 -0.58
CA SER A 188 6.12 -24.95 -1.12
C SER A 188 5.24 -24.41 -2.25
N ARG A 189 4.86 -23.15 -2.14
CA ARG A 189 3.94 -22.54 -3.10
C ARG A 189 4.55 -22.43 -4.49
N SER A 190 5.85 -22.64 -4.58
CA SER A 190 6.53 -22.61 -5.87
C SER A 190 6.33 -23.94 -6.60
N HIS A 191 5.53 -24.82 -5.99
CA HIS A 191 5.30 -26.14 -6.53
C HIS A 191 3.82 -26.30 -6.90
N PRO A 192 3.56 -26.89 -8.08
CA PRO A 192 2.20 -27.08 -8.60
C PRO A 192 1.31 -27.81 -7.61
N ASN A 193 1.91 -28.63 -6.76
CA ASN A 193 1.18 -29.32 -5.70
C ASN A 193 1.92 -29.18 -4.37
N PRO A 194 1.74 -28.03 -3.69
CA PRO A 194 2.42 -27.71 -2.44
C PRO A 194 2.35 -28.82 -1.39
N GLU A 195 1.14 -29.20 -1.00
CA GLU A 195 0.94 -30.19 0.05
C GLU A 195 1.76 -31.46 -0.19
N ALA A 196 1.60 -32.06 -1.36
CA ALA A 196 2.35 -33.26 -1.71
C ALA A 196 3.85 -33.03 -1.48
N TRP A 197 4.34 -31.90 -1.97
CA TRP A 197 5.75 -31.56 -1.85
C TRP A 197 6.16 -31.39 -0.39
N LEU A 198 5.20 -31.04 0.46
CA LEU A 198 5.47 -30.91 1.89
C LEU A 198 5.63 -32.29 2.53
N GLU A 199 4.70 -33.17 2.19
CA GLU A 199 4.74 -34.54 2.69
C GLU A 199 5.92 -35.30 2.10
N SER A 200 6.54 -34.71 1.09
CA SER A 200 7.71 -35.30 0.44
C SER A 200 8.94 -35.12 1.30
N PHE A 201 8.84 -34.25 2.30
CA PHE A 201 9.97 -33.98 3.20
C PHE A 201 10.45 -35.22 3.92
N VAL A 202 9.51 -35.98 4.47
CA VAL A 202 9.83 -37.12 5.33
C VAL A 202 10.55 -38.24 4.58
N HIS A 203 10.25 -38.40 3.30
CA HIS A 203 10.83 -39.47 2.49
C HIS A 203 12.35 -39.46 2.54
N LEU A 204 12.92 -38.28 2.75
CA LEU A 204 14.37 -38.14 2.86
C LEU A 204 14.88 -38.67 4.19
N TYR A 205 14.12 -38.40 5.25
CA TYR A 205 14.54 -38.75 6.61
C TYR A 205 14.18 -40.16 7.02
N ASP A 206 13.53 -40.90 6.12
CA ASP A 206 13.27 -42.31 6.35
C ASP A 206 14.46 -43.12 5.85
N VAL A 207 15.29 -43.57 6.79
CA VAL A 207 16.53 -44.24 6.44
C VAL A 207 16.99 -45.16 7.58
N SER A 208 17.81 -46.16 7.25
CA SER A 208 18.37 -47.06 8.25
C SER A 208 19.88 -47.15 8.11
N GLU A 209 20.53 -47.71 9.11
CA GLU A 209 21.97 -47.95 9.06
C GLU A 209 22.26 -48.99 7.98
N LYS A 210 21.20 -49.60 7.47
CA LYS A 210 21.31 -50.61 6.43
C LYS A 210 21.27 -49.98 5.04
N SER A 211 21.17 -48.65 5.00
CA SER A 211 20.95 -47.94 3.75
C SER A 211 22.23 -47.57 3.00
N ALA A 212 22.15 -47.56 1.68
CA ALA A 212 23.26 -47.15 0.84
C ALA A 212 23.21 -45.65 0.59
N ILE A 213 24.22 -44.95 1.06
CA ILE A 213 24.25 -43.49 0.94
C ILE A 213 24.62 -43.04 -0.47
N GLU A 214 25.45 -43.82 -1.15
CA GLU A 214 25.84 -43.50 -2.53
C GLU A 214 24.61 -43.58 -3.44
N GLU A 215 23.55 -44.20 -2.94
CA GLU A 215 22.32 -44.35 -3.70
C GLU A 215 21.44 -43.11 -3.60
N LEU A 216 20.91 -42.85 -2.41
CA LEU A 216 19.93 -41.78 -2.20
C LEU A 216 20.27 -40.45 -2.89
N PRO A 217 19.25 -39.63 -3.13
CA PRO A 217 19.30 -38.40 -3.94
C PRO A 217 20.39 -37.40 -3.57
N PHE A 218 20.45 -36.99 -2.31
CA PHE A 218 21.33 -35.89 -1.92
C PHE A 218 22.81 -36.18 -2.11
N TYR A 219 23.19 -37.45 -2.11
CA TYR A 219 24.61 -37.80 -2.20
C TYR A 219 25.21 -37.40 -3.54
N GLN A 220 24.36 -37.13 -4.53
CA GLN A 220 24.83 -36.72 -5.83
C GLN A 220 25.78 -35.53 -5.70
N TYR A 221 25.40 -34.58 -4.84
CA TYR A 221 26.18 -33.36 -4.66
C TYR A 221 27.37 -33.58 -3.74
N VAL A 222 27.28 -34.60 -2.89
CA VAL A 222 28.42 -35.00 -2.07
C VAL A 222 29.46 -35.63 -2.98
N LYS A 223 28.99 -36.46 -3.90
CA LYS A 223 29.84 -37.12 -4.88
C LYS A 223 30.65 -36.09 -5.65
N GLU A 224 29.95 -35.16 -6.30
CA GLU A 224 30.58 -34.15 -7.13
C GLU A 224 31.49 -33.21 -6.33
N ASP A 225 31.11 -32.94 -5.09
CA ASP A 225 31.91 -32.08 -4.22
C ASP A 225 33.28 -32.70 -3.97
N ILE A 226 33.28 -33.96 -3.56
CA ILE A 226 34.52 -34.69 -3.31
C ILE A 226 35.39 -34.73 -4.56
N ALA A 227 34.75 -35.03 -5.69
CA ALA A 227 35.44 -35.08 -6.98
C ALA A 227 36.29 -33.82 -7.15
N MET A 228 35.64 -32.67 -7.11
CA MET A 228 36.33 -31.39 -7.23
C MET A 228 37.50 -31.27 -6.25
N VAL A 229 37.19 -31.22 -4.96
CA VAL A 229 38.21 -30.99 -3.93
C VAL A 229 39.42 -31.92 -4.07
N LEU A 230 39.17 -33.21 -4.25
CA LEU A 230 40.25 -34.17 -4.44
C LEU A 230 41.07 -33.84 -5.69
N ASN A 231 40.38 -33.61 -6.80
CA ASN A 231 41.04 -33.22 -8.04
C ASN A 231 41.74 -31.87 -7.87
N GLY A 232 41.05 -30.93 -7.24
CA GLY A 232 41.60 -29.62 -6.98
C GLY A 232 42.86 -29.73 -6.15
N ALA A 233 42.90 -30.71 -5.25
CA ALA A 233 44.09 -30.98 -4.47
C ALA A 233 45.22 -31.43 -5.36
N LYS A 234 44.98 -32.52 -6.10
CA LYS A 234 45.96 -33.08 -7.00
C LYS A 234 46.50 -32.04 -7.99
N GLU A 235 45.58 -31.41 -8.71
CA GLU A 235 45.95 -30.38 -9.68
C GLU A 235 46.73 -29.25 -9.02
N LYS A 236 46.42 -28.99 -7.75
CA LYS A 236 47.11 -27.93 -7.01
C LYS A 236 48.50 -28.39 -6.59
N LEU A 237 48.66 -29.69 -6.40
CA LEU A 237 49.95 -30.27 -6.04
C LEU A 237 50.87 -30.37 -7.25
N LEU A 238 50.34 -30.90 -8.34
CA LEU A 238 51.14 -31.18 -9.53
C LEU A 238 52.03 -30.01 -9.92
N ARG A 239 51.54 -28.79 -9.74
CA ARG A 239 52.33 -27.60 -10.05
C ARG A 239 53.54 -27.48 -9.13
N ALA A 240 53.33 -27.79 -7.85
CA ALA A 240 54.42 -27.79 -6.88
C ALA A 240 55.51 -28.76 -7.32
N LEU A 241 55.11 -29.85 -7.96
CA LEU A 241 56.05 -30.82 -8.50
C LEU A 241 56.79 -30.23 -9.69
N GLU A 242 56.07 -29.48 -10.52
CA GLU A 242 56.66 -28.83 -11.68
C GLU A 242 57.64 -27.74 -11.25
N LEU A 243 57.38 -27.14 -10.09
CA LEU A 243 58.24 -26.08 -9.59
C LEU A 243 59.64 -26.59 -9.27
N THR A 244 59.72 -27.87 -8.91
CA THR A 244 60.99 -28.52 -8.62
C THR A 244 61.94 -27.62 -7.81
N ASP A 255 59.55 -33.45 -4.18
CA ASP A 255 59.93 -34.65 -3.44
C ASP A 255 58.79 -35.19 -2.59
N ASN A 256 58.65 -34.67 -1.37
CA ASN A 256 57.60 -35.10 -0.47
C ASN A 256 56.21 -34.97 -1.10
N PHE A 257 56.14 -34.12 -2.12
CA PHE A 257 54.91 -33.91 -2.87
C PHE A 257 54.46 -35.18 -3.58
N LEU A 258 55.35 -36.17 -3.63
CA LEU A 258 55.01 -37.46 -4.21
C LEU A 258 54.34 -38.36 -3.18
N ASP A 259 54.82 -38.29 -1.93
CA ASP A 259 54.16 -38.96 -0.83
C ASP A 259 52.73 -38.44 -0.75
N ASP A 260 52.61 -37.12 -0.63
CA ASP A 260 51.33 -36.44 -0.60
C ASP A 260 50.50 -36.85 -1.81
N LEU A 261 51.08 -36.66 -3.00
CA LEU A 261 50.40 -36.95 -4.25
C LEU A 261 49.93 -38.40 -4.31
N ALA A 262 50.86 -39.34 -4.13
CA ALA A 262 50.53 -40.75 -4.17
C ALA A 262 49.37 -41.06 -3.23
N GLN A 263 49.41 -40.49 -2.03
CA GLN A 263 48.34 -40.65 -1.07
C GLN A 263 47.02 -40.13 -1.65
N ILE A 264 47.07 -38.94 -2.24
CA ILE A 264 45.90 -38.36 -2.88
C ILE A 264 45.32 -39.29 -3.94
N ASP A 265 46.16 -39.71 -4.88
CA ASP A 265 45.74 -40.63 -5.93
C ASP A 265 44.99 -41.80 -5.32
N GLU A 266 45.50 -42.27 -4.18
CA GLU A 266 44.89 -43.40 -3.48
C GLU A 266 43.45 -43.06 -3.07
N LEU A 267 43.21 -41.80 -2.75
CA LEU A 267 41.87 -41.34 -2.43
C LEU A 267 41.00 -41.20 -3.67
N ILE A 268 41.60 -40.67 -4.74
CA ILE A 268 40.88 -40.47 -5.99
C ILE A 268 40.35 -41.78 -6.55
N GLN A 269 41.09 -42.87 -6.28
CA GLN A 269 40.66 -44.20 -6.72
C GLN A 269 39.35 -44.59 -6.05
N HIS A 270 39.17 -44.14 -4.81
CA HIS A 270 38.01 -44.55 -4.01
C HIS A 270 36.94 -43.47 -3.91
N GLN A 271 36.99 -42.48 -4.80
CA GLN A 271 36.03 -41.38 -4.78
C GLN A 271 34.59 -41.88 -4.68
N ASP A 272 34.33 -43.02 -5.31
CA ASP A 272 32.99 -43.60 -5.33
C ASP A 272 32.57 -44.11 -3.96
N ASP A 273 33.45 -44.88 -3.32
CA ASP A 273 33.14 -45.48 -2.04
C ASP A 273 33.26 -44.45 -0.90
N PHE A 274 32.12 -44.12 -0.30
CA PHE A 274 32.08 -43.14 0.79
C PHE A 274 32.53 -43.77 2.10
N SER A 275 32.09 -45.01 2.33
CA SER A 275 32.48 -45.75 3.52
C SER A 275 33.99 -45.94 3.55
N GLU A 276 34.58 -46.12 2.37
CA GLU A 276 36.02 -46.28 2.23
C GLU A 276 36.73 -44.99 2.62
N LEU A 277 36.26 -43.88 2.09
CA LEU A 277 36.85 -42.57 2.36
C LEU A 277 36.88 -42.29 3.87
N TYR A 278 35.88 -42.81 4.58
CA TYR A 278 35.82 -42.64 6.03
C TYR A 278 37.01 -43.34 6.69
N LYS A 279 37.52 -44.38 6.03
CA LYS A 279 38.67 -45.12 6.54
C LYS A 279 39.98 -44.44 6.18
N ARG A 280 40.02 -43.84 4.99
CA ARG A 280 41.24 -43.23 4.48
C ARG A 280 41.36 -41.76 4.86
N VAL A 281 40.48 -40.94 4.29
CA VAL A 281 40.54 -39.49 4.43
C VAL A 281 40.90 -39.00 5.84
N PRO A 282 40.15 -39.44 6.86
CA PRO A 282 40.42 -38.97 8.22
C PRO A 282 41.81 -39.40 8.70
N ALA A 283 42.15 -40.66 8.48
CA ALA A 283 43.40 -41.23 8.98
C ALA A 283 44.62 -40.78 8.20
N VAL A 284 44.82 -41.37 7.02
CA VAL A 284 46.01 -41.12 6.21
C VAL A 284 46.33 -39.63 6.12
N SER A 285 45.62 -38.92 5.24
CA SER A 285 45.84 -37.49 5.03
C SER A 285 47.31 -37.10 5.10
N ASP A 298 64.77 -19.84 -5.53
CA ASP A 298 64.26 -18.47 -5.36
C ASP A 298 63.20 -18.41 -4.27
N PRO A 299 63.41 -17.54 -3.27
CA PRO A 299 62.51 -17.37 -2.12
C PRO A 299 61.06 -17.12 -2.52
N ALA A 300 60.85 -16.70 -3.77
CA ALA A 300 59.51 -16.45 -4.27
C ALA A 300 58.79 -17.76 -4.52
N LEU A 301 59.31 -18.54 -5.46
CA LEU A 301 58.71 -19.79 -5.87
C LEU A 301 58.90 -20.87 -4.80
N LEU A 302 59.91 -20.71 -3.97
CA LEU A 302 60.18 -21.66 -2.89
C LEU A 302 59.14 -21.55 -1.78
N ASP A 303 58.84 -20.31 -1.39
CA ASP A 303 57.88 -20.05 -0.33
C ASP A 303 56.46 -20.03 -0.89
N GLU A 304 56.35 -19.99 -2.22
CA GLU A 304 55.04 -20.04 -2.87
C GLU A 304 54.63 -21.49 -3.13
N ALA A 305 55.60 -22.40 -3.12
CA ALA A 305 55.33 -23.81 -3.36
C ALA A 305 54.87 -24.49 -2.08
N THR A 306 55.15 -23.87 -0.94
CA THR A 306 54.76 -24.41 0.36
C THR A 306 53.28 -24.20 0.65
N ASP A 307 52.76 -23.04 0.25
CA ASP A 307 51.34 -22.75 0.44
C ASP A 307 50.46 -23.62 -0.44
N LEU A 308 50.97 -23.97 -1.63
CA LEU A 308 50.25 -24.84 -2.54
C LEU A 308 50.02 -26.18 -1.85
N ARG A 309 51.05 -26.63 -1.13
CA ARG A 309 50.98 -27.85 -0.36
C ARG A 309 49.99 -27.69 0.79
N ASN A 310 49.87 -26.46 1.29
CA ASN A 310 48.89 -26.16 2.33
C ASN A 310 47.49 -26.13 1.77
N GLY A 311 47.37 -25.75 0.50
CA GLY A 311 46.10 -25.81 -0.19
C GLY A 311 45.54 -27.21 -0.09
N ALA A 312 46.40 -28.20 -0.38
CA ALA A 312 46.05 -29.59 -0.20
C ALA A 312 45.50 -29.83 1.20
N LYS A 313 46.31 -29.50 2.20
CA LYS A 313 45.93 -29.66 3.60
C LYS A 313 44.57 -29.00 3.88
N LYS A 314 44.47 -27.72 3.59
CA LYS A 314 43.23 -26.97 3.84
C LYS A 314 42.02 -27.63 3.15
N LEU A 315 42.18 -27.99 1.88
CA LEU A 315 41.10 -28.62 1.14
C LEU A 315 40.72 -29.96 1.72
N LEU A 316 41.73 -30.75 2.11
CA LEU A 316 41.51 -32.08 2.68
C LEU A 316 40.92 -31.98 4.08
N GLU A 317 41.43 -31.03 4.87
CA GLU A 317 40.93 -30.83 6.23
C GLU A 317 39.44 -30.53 6.22
N LYS A 318 39.02 -29.66 5.30
CA LYS A 318 37.61 -29.32 5.15
C LYS A 318 36.82 -30.55 4.71
N LEU A 319 37.35 -31.25 3.70
CA LEU A 319 36.73 -32.48 3.23
C LEU A 319 36.53 -33.45 4.39
N LYS A 320 37.53 -33.53 5.26
CA LYS A 320 37.47 -34.41 6.42
C LYS A 320 36.38 -33.97 7.38
N THR A 321 36.45 -32.71 7.82
CA THR A 321 35.50 -32.18 8.79
C THR A 321 34.06 -32.31 8.31
N ASP A 322 33.83 -31.98 7.05
CA ASP A 322 32.48 -32.01 6.48
C ASP A 322 31.81 -33.38 6.62
N TYR A 323 32.40 -34.39 5.98
CA TYR A 323 31.77 -35.70 5.87
C TYR A 323 32.36 -36.77 6.79
N PHE A 324 33.65 -36.67 7.10
CA PHE A 324 34.36 -37.81 7.67
C PHE A 324 34.79 -37.69 9.14
N THR A 325 34.18 -36.79 9.89
CA THR A 325 34.40 -36.73 11.32
C THR A 325 33.46 -37.70 12.03
N ARG A 326 32.56 -38.28 11.26
CA ARG A 326 31.61 -39.26 11.78
C ARG A 326 31.39 -40.40 10.78
N SER A 327 31.09 -41.59 11.31
CA SER A 327 30.91 -42.77 10.47
C SER A 327 29.65 -42.66 9.60
N PRO A 328 29.71 -43.22 8.39
CA PRO A 328 28.54 -43.27 7.50
C PRO A 328 27.33 -43.85 8.23
N GLU A 329 27.57 -44.75 9.19
CA GLU A 329 26.51 -45.36 9.96
C GLU A 329 25.89 -44.38 10.96
N GLN A 330 26.74 -43.59 11.61
CA GLN A 330 26.25 -42.62 12.59
C GLN A 330 25.52 -41.47 11.90
N HIS A 331 26.01 -41.07 10.73
CA HIS A 331 25.32 -40.08 9.92
C HIS A 331 23.90 -40.55 9.64
N LEU A 332 23.77 -41.84 9.34
CA LEU A 332 22.47 -42.44 9.05
C LEU A 332 21.55 -42.41 10.28
N LYS A 333 22.09 -42.82 11.42
CA LYS A 333 21.33 -42.80 12.67
C LYS A 333 20.89 -41.39 13.03
N SER A 334 21.81 -40.44 12.88
CA SER A 334 21.52 -39.04 13.15
C SER A 334 20.32 -38.59 12.33
N LEU A 335 20.28 -39.02 11.08
CA LEU A 335 19.22 -38.64 10.16
C LEU A 335 17.88 -39.24 10.58
N ALA A 336 17.83 -40.57 10.67
CA ALA A 336 16.61 -41.28 11.00
C ALA A 336 16.01 -40.81 12.32
N GLU A 337 16.84 -40.21 13.17
CA GLU A 337 16.38 -39.69 14.46
C GLU A 337 15.52 -38.44 14.32
N MET A 338 15.78 -37.65 13.28
CA MET A 338 15.09 -36.37 13.11
C MET A 338 13.75 -36.53 12.39
N LYS A 339 13.49 -37.74 11.88
CA LYS A 339 12.25 -38.00 11.15
C LYS A 339 11.00 -37.57 11.94
N PRO A 340 10.89 -38.00 13.21
CA PRO A 340 9.74 -37.60 14.04
C PRO A 340 9.56 -36.08 14.06
N VAL A 341 10.67 -35.35 14.19
CA VAL A 341 10.62 -33.89 14.21
C VAL A 341 10.14 -33.34 12.88
N ILE A 342 10.74 -33.82 11.79
CA ILE A 342 10.40 -33.35 10.45
C ILE A 342 8.91 -33.50 10.19
N GLU A 343 8.34 -34.63 10.60
CA GLU A 343 6.92 -34.88 10.44
C GLU A 343 6.10 -33.83 11.18
N THR A 344 6.48 -33.56 12.43
CA THR A 344 5.82 -32.54 13.23
C THR A 344 5.88 -31.19 12.53
N LEU A 345 7.08 -30.82 12.07
CA LEU A 345 7.28 -29.56 11.37
C LEU A 345 6.35 -29.42 10.18
N VAL A 346 6.32 -30.45 9.33
CA VAL A 346 5.46 -30.45 8.15
C VAL A 346 3.99 -30.24 8.51
N GLN A 347 3.47 -31.12 9.36
CA GLN A 347 2.07 -31.04 9.77
C GLN A 347 1.72 -29.67 10.32
N LEU A 348 2.71 -28.98 10.87
CA LEU A 348 2.52 -27.62 11.37
C LEU A 348 2.30 -26.65 10.22
N VAL A 349 3.22 -26.68 9.25
CA VAL A 349 3.13 -25.81 8.08
C VAL A 349 1.83 -26.04 7.34
N ILE A 350 1.40 -27.30 7.27
CA ILE A 350 0.14 -27.64 6.61
C ILE A 350 -1.05 -27.05 7.35
N SER A 351 -1.01 -27.10 8.68
CA SER A 351 -2.06 -26.49 9.49
C SER A 351 -2.03 -24.98 9.31
N TYR A 352 -0.85 -24.42 9.10
CA TYR A 352 -0.73 -22.99 8.83
C TYR A 352 -1.38 -22.63 7.50
N GLY A 353 -1.03 -23.37 6.46
CA GLY A 353 -1.58 -23.14 5.14
C GLY A 353 -3.09 -23.11 5.14
N LYS A 354 -3.70 -24.10 5.78
CA LYS A 354 -5.15 -24.17 5.88
C LYS A 354 -5.73 -22.93 6.56
N ARG A 355 -5.23 -22.64 7.76
CA ARG A 355 -5.71 -21.48 8.51
C ARG A 355 -5.53 -20.18 7.72
N PHE A 356 -4.40 -20.04 7.04
CA PHE A 356 -4.13 -18.86 6.25
C PHE A 356 -5.18 -18.66 5.17
N GLU A 357 -5.38 -19.71 4.38
CA GLU A 357 -6.37 -19.67 3.30
C GLU A 357 -7.75 -19.33 3.84
N ALA A 358 -8.13 -19.98 4.92
CA ALA A 358 -9.43 -19.75 5.55
C ALA A 358 -9.58 -18.31 6.00
N ALA A 359 -8.51 -17.73 6.51
CA ALA A 359 -8.52 -16.34 6.96
C ALA A 359 -8.79 -15.41 5.78
N LYS A 360 -8.17 -15.69 4.65
CA LYS A 360 -8.36 -14.89 3.45
C LYS A 360 -9.82 -14.98 2.98
N GLN A 361 -10.34 -16.21 2.95
CA GLN A 361 -11.71 -16.43 2.50
C GLN A 361 -12.71 -15.58 3.26
N GLU A 362 -12.56 -15.54 4.59
CA GLU A 362 -13.43 -14.74 5.43
C GLU A 362 -13.50 -13.30 4.94
N LYS A 363 -12.34 -12.76 4.60
CA LYS A 363 -12.25 -11.38 4.15
C LYS A 363 -12.31 -11.28 2.62
N SER A 364 -12.62 -12.40 1.98
CA SER A 364 -12.73 -12.47 0.52
C SER A 364 -11.51 -11.87 -0.17
N ILE A 365 -10.34 -12.45 0.09
CA ILE A 365 -9.11 -11.97 -0.53
C ILE A 365 -8.22 -13.12 -1.02
N ILE A 366 -7.23 -12.77 -1.83
CA ILE A 366 -6.26 -13.74 -2.32
C ILE A 366 -4.90 -13.05 -2.44
N ASP A 367 -3.84 -13.86 -2.46
CA ASP A 367 -2.50 -13.35 -2.67
C ASP A 367 -2.16 -13.46 -4.16
N PHE A 368 -0.91 -13.17 -4.50
CA PHE A 368 -0.45 -13.35 -5.88
C PHE A 368 -0.16 -14.82 -6.14
N SER A 369 0.18 -15.55 -5.07
CA SER A 369 0.34 -17.00 -5.16
C SER A 369 -1.02 -17.64 -5.40
N ASP A 370 -2.03 -17.18 -4.68
CA ASP A 370 -3.39 -17.68 -4.85
C ASP A 370 -3.82 -17.50 -6.30
N LEU A 371 -3.45 -16.36 -6.88
CA LEU A 371 -3.80 -16.05 -8.26
C LEU A 371 -3.38 -17.15 -9.21
N GLU A 372 -2.16 -17.63 -9.04
CA GLU A 372 -1.62 -18.70 -9.90
C GLU A 372 -2.22 -20.05 -9.55
N HIS A 373 -2.35 -20.32 -8.25
CA HIS A 373 -2.82 -21.62 -7.77
C HIS A 373 -4.31 -21.84 -7.99
N TYR A 374 -5.10 -20.79 -7.79
CA TYR A 374 -6.54 -20.88 -8.06
C TYR A 374 -6.77 -21.04 -9.56
N CYS A 375 -5.97 -20.35 -10.35
CA CYS A 375 -6.05 -20.48 -11.81
C CYS A 375 -5.75 -21.91 -12.23
N LEU A 376 -4.67 -22.47 -11.67
CA LEU A 376 -4.29 -23.85 -11.94
C LEU A 376 -5.39 -24.79 -11.47
N ALA A 377 -6.04 -24.43 -10.37
CA ALA A 377 -7.14 -25.22 -9.84
C ALA A 377 -8.31 -25.23 -10.81
N ILE A 378 -8.64 -24.06 -11.37
CA ILE A 378 -9.69 -23.95 -12.36
C ILE A 378 -9.33 -24.75 -13.60
N LEU A 379 -8.08 -24.60 -14.05
CA LEU A 379 -7.63 -25.23 -15.28
C LEU A 379 -7.53 -26.75 -15.17
N THR A 380 -7.37 -27.25 -13.95
CA THR A 380 -7.29 -28.69 -13.72
C THR A 380 -8.48 -29.20 -12.91
N ALA A 381 -9.25 -30.10 -13.51
CA ALA A 381 -10.32 -30.78 -12.79
C ALA A 381 -10.04 -32.27 -12.80
N GLU A 382 -9.56 -32.78 -11.68
CA GLU A 382 -9.21 -34.20 -11.59
C GLU A 382 -10.25 -35.03 -10.85
N ASN A 383 -10.45 -36.24 -11.36
CA ASN A 383 -11.28 -37.23 -10.68
C ASN A 383 -10.52 -38.55 -10.64
N ASP A 384 -11.17 -39.60 -10.13
CA ASP A 384 -10.56 -40.93 -10.10
C ASP A 384 -11.62 -42.02 -10.24
N ARG A 388 -5.91 -37.05 -13.32
CA ARG A 388 -5.63 -35.63 -13.49
C ARG A 388 -5.99 -35.18 -14.90
N GLU A 389 -6.91 -34.22 -14.99
CA GLU A 389 -7.50 -33.82 -16.26
C GLU A 389 -7.40 -32.33 -16.54
N PRO A 390 -7.12 -31.98 -17.81
CA PRO A 390 -7.22 -30.60 -18.30
C PRO A 390 -8.68 -30.20 -18.40
N SER A 391 -9.19 -29.55 -17.36
CA SER A 391 -10.63 -29.28 -17.23
C SER A 391 -11.23 -28.58 -18.46
N GLU A 392 -12.56 -28.53 -18.49
CA GLU A 392 -13.27 -27.94 -19.61
C GLU A 392 -13.03 -26.43 -19.71
N ALA A 393 -12.50 -25.85 -18.65
CA ALA A 393 -12.05 -24.46 -18.72
C ALA A 393 -10.76 -24.41 -19.53
N ALA A 394 -9.86 -25.33 -19.24
CA ALA A 394 -8.60 -25.47 -19.97
C ALA A 394 -8.88 -25.67 -21.45
N ARG A 395 -9.79 -26.58 -21.75
CA ARG A 395 -10.16 -26.90 -23.12
C ARG A 395 -10.57 -25.64 -23.89
N PHE A 396 -11.29 -24.76 -23.22
CA PHE A 396 -11.76 -23.53 -23.84
C PHE A 396 -10.59 -22.66 -24.33
N TYR A 397 -9.59 -22.51 -23.48
CA TYR A 397 -8.44 -21.67 -23.81
C TYR A 397 -7.54 -22.32 -24.87
N GLN A 398 -7.47 -23.65 -24.83
CA GLN A 398 -6.72 -24.40 -25.84
C GLN A 398 -7.36 -24.18 -27.21
N GLU A 399 -8.68 -24.18 -27.23
CA GLU A 399 -9.45 -23.91 -28.44
C GLU A 399 -9.26 -22.46 -28.88
N GLN A 400 -9.38 -21.54 -27.94
CA GLN A 400 -9.35 -20.12 -28.24
C GLN A 400 -8.01 -19.64 -28.79
N PHE A 401 -6.92 -20.01 -28.13
CA PHE A 401 -5.59 -19.58 -28.56
C PHE A 401 -4.99 -20.53 -29.59
N HIS A 402 -4.72 -19.99 -30.78
CA HIS A 402 -4.06 -20.76 -31.83
C HIS A 402 -2.57 -20.85 -31.53
N GLU A 403 -2.07 -19.89 -30.76
CA GLU A 403 -0.66 -19.87 -30.37
C GLU A 403 -0.45 -19.04 -29.10
N VAL A 404 0.52 -19.43 -28.30
CA VAL A 404 0.85 -18.73 -27.06
C VAL A 404 2.31 -18.28 -27.06
N LEU A 405 2.54 -17.02 -26.70
CA LEU A 405 3.88 -16.46 -26.70
C LEU A 405 4.30 -16.04 -25.29
N VAL A 406 5.45 -16.55 -24.85
CA VAL A 406 5.95 -16.24 -23.52
C VAL A 406 7.34 -15.59 -23.58
N ASP A 407 7.44 -14.39 -23.01
CA ASP A 407 8.72 -13.67 -22.98
C ASP A 407 9.42 -13.91 -21.66
N GLU A 408 10.72 -13.62 -21.62
CA GLU A 408 11.51 -13.81 -20.41
C GLU A 408 11.22 -15.18 -19.78
N TYR A 409 11.36 -16.22 -20.59
CA TYR A 409 10.94 -17.57 -20.21
C TYR A 409 11.88 -18.21 -19.18
N GLN A 410 13.12 -17.75 -19.15
CA GLN A 410 14.11 -18.31 -18.23
C GLN A 410 13.74 -18.06 -16.76
N ASP A 411 12.81 -17.14 -16.54
CA ASP A 411 12.41 -16.77 -15.18
C ASP A 411 11.11 -17.44 -14.77
N THR A 412 10.61 -18.35 -15.59
CA THR A 412 9.36 -19.05 -15.31
C THR A 412 9.53 -19.99 -14.13
N ASN A 413 8.45 -20.19 -13.38
CA ASN A 413 8.45 -21.16 -12.29
C ASN A 413 7.63 -22.40 -12.65
N LEU A 414 7.45 -23.28 -11.67
CA LEU A 414 6.76 -24.55 -11.93
C LEU A 414 5.24 -24.38 -12.06
N VAL A 415 4.67 -23.52 -11.23
CA VAL A 415 3.23 -23.26 -11.28
C VAL A 415 2.83 -22.62 -12.60
N GLN A 416 3.57 -21.58 -12.99
CA GLN A 416 3.34 -20.90 -14.26
C GLN A 416 3.45 -21.89 -15.42
N GLU A 417 4.55 -22.63 -15.46
CA GLU A 417 4.79 -23.59 -16.52
C GLU A 417 3.63 -24.58 -16.67
N SER A 418 3.16 -25.10 -15.55
CA SER A 418 2.06 -26.06 -15.56
C SER A 418 0.78 -25.40 -16.05
N ILE A 419 0.67 -24.09 -15.83
CA ILE A 419 -0.46 -23.32 -16.35
C ILE A 419 -0.28 -23.11 -17.85
N LEU A 420 0.95 -22.84 -18.27
CA LEU A 420 1.27 -22.66 -19.68
C LEU A 420 1.01 -23.94 -20.46
N GLN A 421 1.58 -25.04 -20.00
CA GLN A 421 1.41 -26.33 -20.66
C GLN A 421 -0.07 -26.68 -20.74
N LEU A 422 -0.87 -26.05 -19.90
CA LEU A 422 -2.28 -26.37 -19.78
C LEU A 422 -3.17 -25.55 -20.73
N VAL A 423 -2.80 -24.31 -21.00
CA VAL A 423 -3.54 -23.48 -21.95
C VAL A 423 -3.01 -23.68 -23.37
N THR A 424 -1.82 -24.27 -23.48
CA THR A 424 -1.27 -24.62 -24.78
C THR A 424 -1.88 -25.94 -25.24
N SER A 425 -2.25 -26.00 -26.50
CA SER A 425 -2.91 -27.19 -27.06
C SER A 425 -1.95 -28.06 -27.87
N GLY A 426 -1.84 -29.33 -27.49
CA GLY A 426 -1.05 -30.28 -28.23
C GLY A 426 0.24 -30.71 -27.55
N PRO A 427 0.68 -31.95 -27.81
CA PRO A 427 1.95 -32.50 -27.31
C PRO A 427 3.13 -31.75 -27.90
N GLU A 428 4.27 -31.79 -27.21
CA GLU A 428 5.43 -30.96 -27.54
C GLU A 428 5.88 -31.05 -28.99
N GLU A 429 5.84 -32.26 -29.56
CA GLU A 429 6.24 -32.49 -30.95
C GLU A 429 5.51 -31.51 -31.87
N THR A 430 4.21 -31.33 -31.61
CA THR A 430 3.42 -30.31 -32.29
C THR A 430 3.10 -29.25 -31.25
N GLY A 431 2.01 -28.52 -31.45
CA GLY A 431 1.55 -27.57 -30.46
C GLY A 431 1.97 -26.14 -30.70
N ASN A 432 1.39 -25.24 -29.92
CA ASN A 432 1.50 -23.81 -30.17
C ASN A 432 2.30 -23.02 -29.13
N LEU A 433 3.11 -23.70 -28.33
CA LEU A 433 3.91 -23.01 -27.33
C LEU A 433 5.13 -22.35 -27.97
N PHE A 434 5.24 -21.04 -27.78
CA PHE A 434 6.34 -20.27 -28.34
C PHE A 434 6.99 -19.44 -27.25
N MET A 435 8.22 -19.77 -26.91
CA MET A 435 8.91 -19.14 -25.77
C MET A 435 10.22 -18.48 -26.17
N VAL A 436 10.54 -17.37 -25.50
CA VAL A 436 11.75 -16.61 -25.79
C VAL A 436 12.41 -16.10 -24.51
N GLY A 437 13.74 -16.13 -24.50
CA GLY A 437 14.50 -15.66 -23.35
C GLY A 437 15.95 -16.06 -23.47
N ASP A 438 16.70 -15.91 -22.39
CA ASP A 438 18.10 -16.32 -22.35
C ASP A 438 18.53 -16.74 -20.95
N VAL A 439 18.91 -18.01 -20.80
CA VAL A 439 19.36 -18.53 -19.52
C VAL A 439 20.50 -17.68 -18.99
N LYS A 440 21.36 -17.20 -19.89
CA LYS A 440 22.50 -16.38 -19.50
C LYS A 440 22.06 -15.12 -18.78
N GLN A 441 20.79 -14.75 -18.95
CA GLN A 441 20.26 -13.54 -18.34
C GLN A 441 19.27 -13.82 -17.22
N SER A 442 19.20 -15.07 -16.78
CA SER A 442 18.33 -15.43 -15.67
C SER A 442 19.03 -15.07 -14.37
N ILE A 443 18.55 -14.01 -13.72
CA ILE A 443 19.15 -13.52 -12.49
C ILE A 443 18.21 -13.64 -11.28
N TYR A 444 16.98 -14.08 -11.51
CA TYR A 444 16.03 -14.25 -10.42
C TYR A 444 15.82 -15.72 -10.07
N ARG A 445 16.65 -16.24 -9.18
CA ARG A 445 16.43 -17.57 -8.62
C ARG A 445 15.97 -17.45 -7.18
N PHE A 446 16.23 -16.31 -6.57
CA PHE A 446 15.90 -16.10 -5.16
C PHE A 446 14.39 -15.93 -5.02
N ARG A 447 13.73 -15.72 -6.15
CA ARG A 447 12.27 -15.67 -6.20
C ARG A 447 11.72 -17.03 -6.61
N LEU A 448 12.63 -18.00 -6.70
CA LEU A 448 12.28 -19.38 -7.08
C LEU A 448 11.86 -19.52 -8.54
N ALA A 449 12.58 -18.84 -9.42
CA ALA A 449 12.38 -19.05 -10.85
C ALA A 449 13.28 -20.19 -11.31
N GLU A 450 12.81 -20.98 -12.28
CA GLU A 450 13.54 -22.17 -12.70
C GLU A 450 14.03 -22.09 -14.15
N PRO A 451 15.30 -21.68 -14.32
CA PRO A 451 15.93 -21.62 -15.64
C PRO A 451 16.22 -23.00 -16.23
N LEU A 452 16.34 -24.00 -15.37
CA LEU A 452 16.56 -25.37 -15.82
C LEU A 452 15.41 -25.83 -16.70
N LEU A 453 14.24 -25.24 -16.47
CA LEU A 453 13.05 -25.52 -17.27
C LEU A 453 13.31 -25.11 -18.71
N PHE A 454 13.84 -23.90 -18.88
CA PHE A 454 14.21 -23.38 -20.19
C PHE A 454 15.36 -24.20 -20.76
N LEU A 455 16.37 -24.43 -19.93
CA LEU A 455 17.59 -25.10 -20.35
C LEU A 455 17.36 -26.57 -20.71
N SER A 456 16.44 -27.22 -20.01
CA SER A 456 16.12 -28.62 -20.28
C SER A 456 15.48 -28.75 -21.66
N LYS A 457 14.69 -27.75 -22.04
CA LYS A 457 14.03 -27.75 -23.34
C LYS A 457 15.00 -27.43 -24.46
N TYR A 458 15.99 -26.58 -24.17
CA TYR A 458 16.99 -26.19 -25.15
C TYR A 458 17.85 -27.39 -25.55
N LYS A 459 18.14 -28.25 -24.58
CA LYS A 459 18.94 -29.44 -24.82
C LYS A 459 18.06 -30.56 -25.38
N ARG A 460 16.75 -30.42 -25.19
CA ARG A 460 15.81 -31.42 -25.66
C ARG A 460 15.37 -31.11 -27.09
N PHE A 461 15.61 -29.87 -27.51
CA PHE A 461 15.17 -29.42 -28.83
C PHE A 461 16.30 -29.45 -29.84
N THR A 462 15.94 -29.55 -31.12
CA THR A 462 16.91 -29.55 -32.20
C THR A 462 16.83 -28.25 -32.98
N GLU A 463 17.94 -27.85 -33.60
CA GLU A 463 17.97 -26.62 -34.39
C GLU A 463 17.00 -26.71 -35.57
N SER A 464 16.70 -27.93 -36.01
CA SER A 464 15.66 -28.14 -37.00
C SER A 464 14.36 -28.42 -36.26
N GLY A 465 13.29 -28.69 -37.00
CA GLY A 465 12.00 -28.93 -36.39
C GLY A 465 11.58 -30.38 -36.40
N GLU A 466 12.47 -31.27 -36.84
CA GLU A 466 12.14 -32.67 -37.00
C GLU A 466 11.58 -33.32 -35.74
N GLY A 467 10.31 -33.71 -35.79
CA GLY A 467 9.67 -34.48 -34.74
C GLY A 467 10.01 -34.06 -33.32
N THR A 468 10.21 -32.76 -33.13
CA THR A 468 10.56 -32.24 -31.81
C THR A 468 10.43 -30.73 -31.78
N GLY A 469 10.61 -30.15 -30.60
CA GLY A 469 10.58 -28.71 -30.44
C GLY A 469 11.71 -28.06 -31.22
N ARG A 470 11.36 -27.07 -32.04
CA ARG A 470 12.36 -26.32 -32.80
C ARG A 470 12.98 -25.23 -31.95
N LYS A 471 14.31 -25.12 -31.99
CA LYS A 471 15.00 -24.08 -31.25
C LYS A 471 15.80 -23.18 -32.19
N ILE A 472 15.91 -21.91 -31.81
CA ILE A 472 16.60 -20.91 -32.62
C ILE A 472 17.46 -20.02 -31.74
N ASP A 473 18.60 -19.60 -32.27
CA ASP A 473 19.50 -18.72 -31.54
C ASP A 473 19.59 -17.35 -32.19
N LEU A 474 19.60 -16.30 -31.38
CA LEU A 474 19.79 -14.95 -31.90
C LEU A 474 21.11 -14.39 -31.38
N ASN A 475 22.14 -14.47 -32.21
CA ASN A 475 23.49 -14.08 -31.80
C ASN A 475 23.78 -12.59 -32.01
N LYS A 476 23.36 -12.05 -33.14
CA LYS A 476 23.66 -10.67 -33.50
C LYS A 476 23.13 -9.65 -32.49
N ASN A 477 24.05 -8.83 -31.97
CA ASN A 477 23.70 -7.73 -31.09
C ASN A 477 23.77 -6.42 -31.87
N PHE A 478 22.60 -5.89 -32.24
CA PHE A 478 22.53 -4.72 -33.11
C PHE A 478 22.78 -3.41 -32.36
N ARG A 479 22.72 -3.47 -31.04
CA ARG A 479 22.67 -2.25 -30.24
C ARG A 479 23.94 -1.91 -29.48
N SER A 480 24.97 -2.74 -29.59
CA SER A 480 26.20 -2.53 -28.82
C SER A 480 27.47 -2.57 -29.67
N ARG A 481 28.47 -1.83 -29.22
CA ARG A 481 29.75 -1.72 -29.92
C ARG A 481 30.57 -3.01 -29.81
N ALA A 482 31.53 -3.17 -30.72
CA ALA A 482 32.34 -4.38 -30.78
C ALA A 482 33.14 -4.65 -29.51
N ASP A 483 33.88 -3.65 -29.05
CA ASP A 483 34.72 -3.79 -27.86
C ASP A 483 33.93 -4.32 -26.65
N ILE A 484 32.62 -4.09 -26.67
CA ILE A 484 31.76 -4.61 -25.62
C ILE A 484 31.63 -6.13 -25.75
N LEU A 485 30.97 -6.55 -26.82
CA LEU A 485 30.74 -7.96 -27.10
C LEU A 485 32.03 -8.76 -26.98
N ASP A 486 33.13 -8.18 -27.44
CA ASP A 486 34.42 -8.84 -27.38
C ASP A 486 34.91 -9.00 -25.95
N SER A 487 34.77 -7.95 -25.15
CA SER A 487 35.17 -8.00 -23.74
C SER A 487 34.29 -8.97 -22.96
N THR A 488 32.99 -8.90 -23.20
CA THR A 488 32.05 -9.81 -22.53
C THR A 488 32.27 -11.25 -22.97
N ASN A 489 32.34 -11.48 -24.27
CA ASN A 489 32.62 -12.80 -24.81
C ASN A 489 33.95 -13.35 -24.31
N PHE A 490 34.90 -12.45 -24.10
CA PHE A 490 36.24 -12.84 -23.67
C PHE A 490 36.26 -13.44 -22.27
N LEU A 491 35.57 -12.78 -21.34
CA LEU A 491 35.60 -13.16 -19.93
C LEU A 491 34.74 -14.39 -19.65
N PHE A 492 33.49 -14.35 -20.10
CA PHE A 492 32.54 -15.42 -19.81
C PHE A 492 32.84 -16.72 -20.54
N LYS A 493 33.78 -16.66 -21.46
CA LYS A 493 34.24 -17.86 -22.15
C LYS A 493 35.16 -18.64 -21.21
N GLN A 494 35.83 -17.92 -20.32
CA GLN A 494 36.74 -18.52 -19.35
C GLN A 494 36.04 -18.72 -18.01
N LEU A 495 34.80 -18.25 -17.90
CA LEU A 495 34.07 -18.26 -16.64
C LEU A 495 32.80 -19.10 -16.69
N MET A 496 31.89 -18.74 -17.57
CA MET A 496 30.60 -19.43 -17.66
C MET A 496 30.77 -20.81 -18.31
N GLY A 497 30.41 -21.84 -17.56
CA GLY A 497 30.50 -23.21 -18.05
C GLY A 497 30.48 -24.24 -16.94
N GLY A 498 30.19 -25.48 -17.29
CA GLY A 498 30.16 -26.56 -16.33
C GLY A 498 29.14 -26.34 -15.23
N LYS A 499 29.56 -26.55 -13.99
CA LYS A 499 28.67 -26.43 -12.84
C LYS A 499 28.53 -24.99 -12.34
N ILE A 500 29.46 -24.13 -12.75
CA ILE A 500 29.38 -22.72 -12.36
C ILE A 500 28.45 -21.95 -13.29
N GLY A 501 28.61 -22.14 -14.60
CA GLY A 501 27.78 -21.45 -15.56
C GLY A 501 26.48 -22.18 -15.79
N GLU A 502 26.51 -23.50 -15.55
CA GLU A 502 25.35 -24.35 -15.81
C GLU A 502 25.09 -24.43 -17.31
N VAL A 503 25.80 -23.60 -18.06
CA VAL A 503 25.62 -23.51 -19.51
C VAL A 503 26.97 -23.42 -20.21
N ASP A 504 27.18 -24.27 -21.21
CA ASP A 504 28.40 -24.24 -22.00
C ASP A 504 28.46 -22.96 -22.83
N TYR A 505 29.56 -22.21 -22.68
CA TYR A 505 29.74 -20.98 -23.43
C TYR A 505 30.51 -21.26 -24.70
N ASP A 506 29.81 -21.20 -25.84
CA ASP A 506 30.39 -21.56 -27.12
C ASP A 506 29.87 -20.66 -28.22
N GLU A 507 30.15 -21.02 -29.47
CA GLU A 507 29.59 -20.30 -30.60
C GLU A 507 28.11 -20.65 -30.71
N GLN A 508 27.34 -19.79 -31.37
CA GLN A 508 25.88 -19.88 -31.39
C GLN A 508 25.35 -19.43 -30.03
N ALA A 509 26.28 -19.14 -29.12
CA ALA A 509 25.97 -18.60 -27.82
C ALA A 509 26.65 -17.24 -27.67
N GLU A 510 27.92 -17.18 -28.08
CA GLU A 510 28.68 -15.94 -28.05
C GLU A 510 27.99 -14.82 -28.82
N LEU A 511 28.10 -13.60 -28.30
CA LEU A 511 27.51 -12.44 -28.96
C LEU A 511 28.20 -12.18 -30.30
N LYS A 512 27.44 -11.69 -31.27
CA LYS A 512 27.99 -11.38 -32.59
C LYS A 512 27.66 -9.95 -33.01
N LEU A 513 28.61 -9.31 -33.68
CA LEU A 513 28.49 -7.89 -34.01
C LEU A 513 27.48 -7.61 -35.11
N GLY A 514 26.52 -6.75 -34.80
CA GLY A 514 25.51 -6.31 -35.76
C GLY A 514 25.40 -4.79 -35.80
N ALA A 515 26.18 -4.12 -34.97
CA ALA A 515 26.14 -2.66 -34.91
C ALA A 515 26.92 -2.02 -36.05
N ALA A 516 26.45 -0.86 -36.49
CA ALA A 516 27.08 -0.13 -37.58
C ALA A 516 27.99 0.96 -37.04
N TYR A 517 28.33 0.87 -35.76
CA TYR A 517 29.17 1.87 -35.11
C TYR A 517 30.39 2.25 -35.94
N PRO A 518 30.69 3.55 -36.01
CA PRO A 518 31.90 4.05 -36.69
C PRO A 518 33.13 3.77 -35.82
N ASP A 519 34.26 3.50 -36.46
CA ASP A 519 35.48 3.15 -35.73
C ASP A 519 36.05 4.33 -34.96
N ASN A 520 36.18 4.17 -33.66
CA ASN A 520 36.71 5.21 -32.78
C ASN A 520 37.39 4.58 -31.56
N ASP A 521 38.27 5.32 -30.91
CA ASP A 521 39.03 4.79 -29.78
C ASP A 521 38.56 5.34 -28.43
N GLU A 522 39.31 4.99 -27.38
CA GLU A 522 38.91 5.28 -26.00
C GLU A 522 37.60 4.56 -25.68
N THR A 523 37.27 3.58 -26.52
CA THR A 523 36.09 2.75 -26.32
C THR A 523 36.49 1.50 -25.54
N GLU A 524 37.74 1.47 -25.11
CA GLU A 524 38.30 0.34 -24.40
C GLU A 524 37.64 0.12 -23.05
N THR A 525 37.54 -1.14 -22.64
CA THR A 525 37.03 -1.48 -21.32
C THR A 525 38.11 -1.21 -20.28
N GLU A 526 37.74 -0.51 -19.20
CA GLU A 526 38.73 -0.12 -18.20
C GLU A 526 38.53 -0.84 -16.88
N LEU A 527 39.64 -1.15 -16.22
CA LEU A 527 39.60 -1.71 -14.87
C LEU A 527 40.42 -0.85 -13.92
N LEU A 528 39.75 -0.26 -12.93
CA LEU A 528 40.43 0.58 -11.96
C LEU A 528 40.58 -0.16 -10.63
N LEU A 529 41.80 -0.60 -10.33
CA LEU A 529 42.04 -1.38 -9.12
C LEU A 529 42.57 -0.47 -8.01
N ILE A 530 41.86 -0.46 -6.90
CA ILE A 530 42.15 0.44 -5.78
C ILE A 530 42.38 -0.33 -4.48
N ASP A 531 43.23 0.22 -3.62
CA ASP A 531 43.51 -0.37 -2.31
C ASP A 531 43.91 0.75 -1.34
N LEU A 545 35.00 1.34 5.90
CA LEU A 545 34.06 2.32 5.37
C LEU A 545 34.67 3.07 4.18
N GLU A 546 35.79 3.73 4.42
CA GLU A 546 36.45 4.56 3.41
C GLU A 546 36.66 3.80 2.09
N THR A 547 36.55 2.47 2.15
CA THR A 547 36.63 1.65 0.96
C THR A 547 35.77 2.23 -0.16
N VAL A 548 34.50 2.46 0.15
CA VAL A 548 33.56 3.02 -0.82
C VAL A 548 33.96 4.41 -1.28
N GLN A 549 34.51 5.22 -0.36
CA GLN A 549 34.92 6.57 -0.70
C GLN A 549 35.97 6.57 -1.81
N PHE A 550 37.07 5.85 -1.59
CA PHE A 550 38.13 5.74 -2.58
C PHE A 550 37.61 5.12 -3.86
N GLU A 551 36.55 4.33 -3.72
CA GLU A 551 35.94 3.65 -4.85
C GLU A 551 35.06 4.61 -5.64
N ALA A 552 34.33 5.45 -4.92
CA ALA A 552 33.37 6.37 -5.53
C ALA A 552 34.06 7.50 -6.29
N LYS A 553 35.20 7.94 -5.79
CA LYS A 553 35.95 9.01 -6.44
C LYS A 553 36.55 8.56 -7.77
N ALA A 554 37.25 7.44 -7.76
CA ALA A 554 37.80 6.88 -8.98
C ALA A 554 36.74 6.93 -10.07
N ILE A 555 35.56 6.41 -9.75
CA ILE A 555 34.43 6.55 -10.64
C ILE A 555 34.24 8.02 -10.99
N ALA A 556 33.95 8.83 -9.99
CA ALA A 556 33.67 10.25 -10.18
C ALA A 556 34.66 10.90 -11.14
N LYS A 557 35.94 10.56 -10.98
CA LYS A 557 37.00 11.19 -11.76
C LYS A 557 36.84 11.00 -13.27
N GLU A 558 37.03 9.76 -13.73
CA GLU A 558 36.98 9.48 -15.17
C GLU A 558 35.72 10.05 -15.80
N ILE A 559 34.68 10.21 -15.00
CA ILE A 559 33.46 10.88 -15.43
C ILE A 559 33.77 12.31 -15.87
N ARG A 560 34.42 13.07 -15.00
CA ARG A 560 34.79 14.44 -15.31
C ARG A 560 35.86 14.49 -16.41
N LYS A 561 36.66 13.43 -16.52
CA LYS A 561 37.56 13.30 -17.65
C LYS A 561 36.71 13.29 -18.92
N LEU A 562 35.71 12.42 -18.92
CA LEU A 562 34.82 12.29 -20.06
C LEU A 562 34.15 13.62 -20.42
N ILE A 563 33.57 14.28 -19.43
CA ILE A 563 32.85 15.54 -19.66
C ILE A 563 33.75 16.64 -20.23
N SER A 564 34.82 16.96 -19.51
CA SER A 564 35.74 18.00 -19.96
C SER A 564 36.35 17.62 -21.31
N SER A 565 36.88 16.40 -21.40
CA SER A 565 37.37 15.87 -22.66
C SER A 565 36.17 15.75 -23.60
N PRO A 566 36.43 15.47 -24.88
CA PRO A 566 35.28 15.35 -25.80
C PRO A 566 34.43 14.12 -25.50
N PHE A 567 34.97 12.94 -25.80
CA PHE A 567 34.20 11.69 -25.82
C PHE A 567 32.75 11.91 -26.24
N LYS A 568 32.50 11.74 -27.54
CA LYS A 568 31.19 12.02 -28.10
C LYS A 568 30.45 10.71 -28.39
N VAL A 569 29.36 10.50 -27.66
CA VAL A 569 28.52 9.33 -27.83
C VAL A 569 27.89 9.34 -29.22
N TYR A 570 27.36 8.20 -29.64
CA TYR A 570 26.73 8.11 -30.94
C TYR A 570 25.27 7.66 -30.80
N LYS A 574 22.32 6.52 -39.09
CA LYS A 574 22.93 7.74 -39.62
C LYS A 574 22.77 8.90 -38.65
N LYS A 575 22.97 8.61 -37.37
CA LYS A 575 22.90 9.63 -36.32
C LYS A 575 24.23 10.36 -36.21
N THR A 576 24.39 11.14 -35.16
CA THR A 576 25.60 11.95 -34.99
C THR A 576 26.10 11.93 -33.54
N HIS A 577 27.34 12.34 -33.36
CA HIS A 577 27.99 12.31 -32.06
C HIS A 577 27.35 13.23 -31.01
N ARG A 578 27.43 12.82 -29.75
CA ARG A 578 26.82 13.58 -28.67
C ARG A 578 27.68 13.56 -27.41
N ASN A 579 28.07 14.74 -26.93
CA ASN A 579 28.83 14.79 -25.69
C ASN A 579 28.05 14.13 -24.57
N ILE A 580 28.72 13.85 -23.46
CA ILE A 580 28.09 13.12 -22.36
C ILE A 580 27.12 14.01 -21.58
N GLN A 581 25.84 13.63 -21.57
CA GLN A 581 24.82 14.40 -20.89
C GLN A 581 24.61 13.98 -19.44
N TYR A 582 25.57 13.25 -18.88
CA TYR A 582 25.49 12.77 -17.51
C TYR A 582 24.38 11.73 -17.33
N ARG A 583 23.35 11.81 -18.17
CA ARG A 583 22.23 10.87 -18.11
C ARG A 583 22.54 9.65 -18.97
N ASP A 584 23.55 9.77 -19.82
CA ASP A 584 23.96 8.66 -20.67
C ASP A 584 25.02 7.81 -19.98
N ILE A 585 25.41 8.23 -18.77
CA ILE A 585 26.34 7.46 -17.95
C ILE A 585 25.61 6.89 -16.73
N VAL A 586 26.04 5.72 -16.28
CA VAL A 586 25.35 5.02 -15.21
C VAL A 586 26.33 4.26 -14.33
N ILE A 587 26.03 4.17 -13.04
CA ILE A 587 26.84 3.38 -12.13
C ILE A 587 26.01 2.24 -11.55
N LEU A 588 26.36 1.01 -11.93
CA LEU A 588 25.62 -0.16 -11.50
C LEU A 588 26.27 -0.83 -10.29
N LEU A 589 25.48 -1.04 -9.25
CA LEU A 589 25.93 -1.76 -8.06
C LEU A 589 25.12 -3.04 -7.91
N ARG A 590 25.70 -4.03 -7.24
CA ARG A 590 25.02 -5.29 -6.98
C ARG A 590 23.97 -5.08 -5.90
N SER A 591 24.33 -4.31 -4.89
CA SER A 591 23.45 -4.00 -3.77
C SER A 591 23.36 -2.49 -3.59
N MET A 592 22.63 -2.05 -2.56
CA MET A 592 22.50 -0.61 -2.31
C MET A 592 22.86 -0.17 -0.89
N PRO A 593 23.94 -0.73 -0.32
CA PRO A 593 24.41 -0.18 0.96
C PRO A 593 25.29 1.03 0.72
N TRP A 594 25.93 1.08 -0.44
CA TRP A 594 26.84 2.17 -0.79
C TRP A 594 26.13 3.29 -1.54
N ALA A 595 24.95 2.99 -2.07
CA ALA A 595 24.19 3.94 -2.87
C ALA A 595 24.19 5.35 -2.27
N PRO A 596 23.78 5.48 -1.00
CA PRO A 596 23.72 6.82 -0.38
C PRO A 596 25.09 7.48 -0.32
N GLN A 597 26.10 6.74 0.13
CA GLN A 597 27.44 7.31 0.27
C GLN A 597 28.01 7.76 -1.07
N ILE A 598 27.90 6.90 -2.07
CA ILE A 598 28.32 7.25 -3.43
C ILE A 598 27.67 8.56 -3.88
N MET A 599 26.34 8.60 -3.84
CA MET A 599 25.59 9.77 -4.29
C MET A 599 26.18 11.05 -3.74
N GLU A 600 26.50 11.04 -2.45
CA GLU A 600 26.97 12.23 -1.76
C GLU A 600 28.13 12.93 -2.49
N GLU A 601 29.29 12.28 -2.53
CA GLU A 601 30.47 12.92 -3.09
C GLU A 601 30.37 13.11 -4.61
N LEU A 602 29.61 12.24 -5.27
CA LEU A 602 29.38 12.39 -6.71
C LEU A 602 28.61 13.67 -6.99
N ARG A 603 27.83 14.11 -6.00
CA ARG A 603 27.13 15.39 -6.10
C ARG A 603 27.93 16.48 -5.43
N ALA A 604 28.97 16.09 -4.69
CA ALA A 604 29.84 17.06 -4.04
C ALA A 604 30.54 17.92 -5.08
N GLN A 605 30.81 17.32 -6.24
CA GLN A 605 31.37 18.06 -7.36
C GLN A 605 30.62 17.79 -8.66
N GLY A 606 30.00 18.84 -9.19
CA GLY A 606 29.33 18.77 -10.48
C GLY A 606 27.92 18.20 -10.40
N ILE A 607 27.51 17.54 -11.49
CA ILE A 607 26.16 16.99 -11.58
C ILE A 607 25.80 16.24 -10.30
N PRO A 608 24.53 16.32 -9.89
CA PRO A 608 24.06 15.53 -8.76
C PRO A 608 23.88 14.05 -9.11
N VAL A 609 23.40 13.27 -8.15
CA VAL A 609 23.20 11.85 -8.35
C VAL A 609 21.76 11.45 -8.09
N TYR A 610 21.21 10.60 -8.95
CA TYR A 610 19.93 9.99 -8.69
C TYR A 610 20.02 8.48 -8.57
N ALA A 611 19.54 7.95 -7.46
CA ALA A 611 19.46 6.52 -7.25
C ALA A 611 18.08 6.20 -6.69
N ASN A 612 17.44 5.15 -7.20
CA ASN A 612 16.12 4.79 -6.72
C ASN A 612 16.20 4.04 -5.40
N LEU A 613 16.01 4.77 -4.31
CA LEU A 613 16.14 4.20 -2.97
C LEU A 613 14.89 3.42 -2.58
N THR A 614 15.10 2.33 -1.84
CA THR A 614 14.00 1.52 -1.36
C THR A 614 13.65 1.87 0.07
N SER A 615 14.49 1.47 1.01
CA SER A 615 14.24 1.73 2.42
C SER A 615 15.33 2.59 3.06
N GLY A 616 15.28 2.68 4.38
CA GLY A 616 15.97 3.74 5.10
C GLY A 616 14.94 4.83 5.22
N TYR A 617 13.73 4.48 4.78
CA TYR A 617 12.60 5.39 4.71
C TYR A 617 12.03 5.69 6.08
N PHE A 618 12.03 4.69 6.97
CA PHE A 618 11.49 4.86 8.31
C PHE A 618 12.45 5.55 9.24
N GLU A 619 13.74 5.59 8.85
CA GLU A 619 14.73 6.33 9.60
C GLU A 619 14.89 7.72 9.00
N ALA A 620 14.10 8.02 7.98
CA ALA A 620 14.08 9.35 7.38
C ALA A 620 13.42 10.35 8.33
N VAL A 621 14.12 11.45 8.59
CA VAL A 621 13.69 12.42 9.61
C VAL A 621 12.25 12.88 9.41
N GLU A 622 11.88 13.20 8.17
CA GLU A 622 10.53 13.69 7.88
C GLU A 622 9.50 12.65 8.29
N VAL A 623 9.62 11.44 7.76
CA VAL A 623 8.71 10.35 8.06
C VAL A 623 8.57 10.17 9.57
N ALA A 624 9.68 10.18 10.27
CA ALA A 624 9.67 10.09 11.72
C ALA A 624 8.75 11.17 12.30
N VAL A 625 9.05 12.42 11.96
CA VAL A 625 8.29 13.55 12.48
C VAL A 625 6.81 13.48 12.11
N ALA A 626 6.53 13.20 10.83
CA ALA A 626 5.16 13.10 10.35
C ALA A 626 4.37 12.10 11.19
N LEU A 627 4.85 10.86 11.23
CA LEU A 627 4.21 9.83 12.03
C LEU A 627 4.06 10.27 13.48
N SER A 628 5.11 10.89 14.01
CA SER A 628 5.09 11.41 15.37
C SER A 628 3.84 12.26 15.59
N VAL A 629 3.50 13.08 14.60
CA VAL A 629 2.33 13.94 14.68
C VAL A 629 1.06 13.11 14.72
N LEU A 630 0.96 12.13 13.83
CA LEU A 630 -0.19 11.24 13.79
C LEU A 630 -0.33 10.49 15.12
N LYS A 631 0.80 10.11 15.69
CA LYS A 631 0.82 9.41 16.97
C LYS A 631 0.22 10.26 18.08
N VAL A 632 0.55 11.55 18.08
CA VAL A 632 0.03 12.48 19.09
C VAL A 632 -1.47 12.70 18.88
N ILE A 633 -1.90 12.70 17.63
CA ILE A 633 -3.31 12.85 17.30
C ILE A 633 -4.11 11.64 17.78
N ASP A 634 -3.51 10.46 17.68
CA ASP A 634 -4.16 9.24 18.15
C ASP A 634 -4.19 9.22 19.67
N ASN A 635 -3.02 9.37 20.28
CA ASN A 635 -2.92 9.36 21.73
C ASN A 635 -1.87 10.37 22.21
N PRO A 636 -2.32 11.58 22.57
CA PRO A 636 -1.45 12.68 23.02
C PRO A 636 -0.52 12.26 24.15
N TYR A 637 -0.84 11.17 24.85
CA TYR A 637 -0.01 10.74 25.96
C TYR A 637 1.12 9.83 25.50
N GLN A 638 2.12 10.42 24.86
CA GLN A 638 3.34 9.73 24.48
C GLN A 638 4.49 10.73 24.51
N ASP A 639 5.30 10.67 25.57
CA ASP A 639 6.32 11.68 25.80
C ASP A 639 7.29 11.86 24.63
N ILE A 640 7.75 10.75 24.06
CA ILE A 640 8.70 10.81 22.96
C ILE A 640 8.10 11.37 21.67
N PRO A 641 6.96 10.81 21.23
CA PRO A 641 6.31 11.29 20.01
C PRO A 641 5.88 12.75 20.09
N LEU A 642 5.50 13.21 21.28
CA LEU A 642 5.12 14.61 21.46
C LEU A 642 6.35 15.51 21.34
N ALA A 643 7.39 15.18 22.11
CA ALA A 643 8.63 15.95 22.08
C ALA A 643 9.17 16.04 20.66
N SER A 644 9.12 14.93 19.93
CA SER A 644 9.65 14.87 18.58
C SER A 644 8.96 15.88 17.66
N VAL A 645 7.71 16.22 17.99
CA VAL A 645 6.99 17.22 17.21
C VAL A 645 7.39 18.62 17.65
N LEU A 646 7.33 18.87 18.95
CA LEU A 646 7.63 20.18 19.49
C LEU A 646 9.01 20.68 19.09
N ARG A 647 9.96 19.74 18.95
CA ARG A 647 11.31 20.11 18.57
C ARG A 647 11.49 20.20 17.05
N SER A 648 10.54 19.62 16.31
CA SER A 648 10.60 19.66 14.86
C SER A 648 10.25 21.06 14.36
N PRO A 649 10.60 21.36 13.11
CA PRO A 649 10.33 22.69 12.53
C PRO A 649 8.87 23.11 12.65
N ILE A 650 7.98 22.12 12.77
CA ILE A 650 6.55 22.38 12.88
C ILE A 650 6.23 23.32 14.05
N VAL A 651 6.90 23.11 15.17
CA VAL A 651 6.75 23.99 16.34
C VAL A 651 8.04 24.76 16.60
N GLY A 652 9.15 24.04 16.72
CA GLY A 652 10.45 24.66 16.82
C GLY A 652 10.85 25.12 18.21
N ALA A 653 10.40 24.39 19.23
CA ALA A 653 10.75 24.70 20.61
C ALA A 653 12.25 24.52 20.85
N ASP A 654 12.82 25.37 21.70
CA ASP A 654 14.22 25.28 22.07
C ASP A 654 14.44 24.14 23.05
N GLU A 655 15.71 23.81 23.32
CA GLU A 655 16.04 22.85 24.34
C GLU A 655 15.72 23.46 25.71
N ASN A 656 15.99 24.76 25.84
CA ASN A 656 15.63 25.50 27.02
C ASN A 656 14.11 25.64 27.13
N GLU A 657 13.44 25.72 26.00
CA GLU A 657 11.99 25.81 25.96
C GLU A 657 11.34 24.49 26.33
N LEU A 658 11.89 23.39 25.79
CA LEU A 658 11.38 22.06 26.11
C LEU A 658 11.53 21.78 27.60
N SER A 659 12.74 21.93 28.12
CA SER A 659 13.01 21.73 29.53
C SER A 659 12.19 22.70 30.38
N LEU A 660 11.94 23.89 29.84
CA LEU A 660 11.13 24.90 30.52
C LEU A 660 9.74 24.34 30.76
N ILE A 661 9.23 23.58 29.80
CA ILE A 661 7.91 22.97 29.89
C ILE A 661 7.84 21.97 31.03
N ARG A 662 8.79 21.05 31.08
CA ARG A 662 8.81 20.01 32.11
C ARG A 662 8.73 20.58 33.52
N LEU A 663 9.35 21.75 33.72
CA LEU A 663 9.39 22.37 35.03
C LEU A 663 7.99 22.50 35.65
N GLU A 664 7.03 22.91 34.84
CA GLU A 664 5.66 23.10 35.31
C GLU A 664 5.13 21.87 36.05
N ASN A 665 5.40 20.70 35.51
CA ASN A 665 5.03 19.44 36.16
C ASN A 665 6.06 18.36 35.87
N LYS A 666 6.75 17.90 36.92
CA LYS A 666 7.82 16.92 36.75
C LYS A 666 7.32 15.48 36.73
N LYS A 667 6.34 15.18 37.56
CA LYS A 667 5.83 13.82 37.65
C LYS A 667 4.93 13.45 36.47
N ALA A 668 3.97 14.31 36.16
CA ALA A 668 2.99 14.01 35.13
C ALA A 668 3.63 13.75 33.76
N PRO A 669 2.88 13.13 32.85
CA PRO A 669 3.35 12.93 31.47
C PRO A 669 3.67 14.27 30.83
N TYR A 670 4.47 14.26 29.77
CA TYR A 670 4.89 15.51 29.14
C TYR A 670 3.68 16.26 28.60
N TYR A 671 2.68 15.52 28.14
CA TYR A 671 1.51 16.12 27.51
C TYR A 671 0.88 17.24 28.33
N GLU A 672 0.49 16.93 29.57
CA GLU A 672 -0.11 17.92 30.46
C GLU A 672 0.91 18.90 31.04
N ALA A 673 2.17 18.49 31.10
CA ALA A 673 3.23 19.40 31.51
C ALA A 673 3.24 20.56 30.53
N MET A 674 2.81 20.28 29.30
CA MET A 674 2.63 21.28 28.27
C MET A 674 1.37 22.10 28.53
N LYS A 675 0.28 21.41 28.89
CA LYS A 675 -0.97 22.10 29.21
C LYS A 675 -0.77 23.01 30.43
N ASP A 676 -0.18 22.45 31.48
CA ASP A 676 0.07 23.20 32.71
C ASP A 676 0.86 24.48 32.41
N TYR A 677 1.70 24.44 31.38
CA TYR A 677 2.42 25.62 30.96
C TYR A 677 1.48 26.62 30.30
N LEU A 678 0.60 26.10 29.44
CA LEU A 678 -0.38 26.93 28.76
C LEU A 678 -1.30 27.66 29.74
N ALA A 679 -2.07 26.89 30.50
CA ALA A 679 -3.08 27.44 31.40
C ALA A 679 -2.58 28.65 32.18
N ALA A 680 -1.57 28.44 33.02
CA ALA A 680 -1.06 29.51 33.88
C ALA A 680 -0.15 30.49 33.12
N GLY A 681 0.24 30.12 31.91
CA GLY A 681 1.17 30.92 31.13
C GLY A 681 0.68 32.31 30.76
N ASP A 682 1.62 33.17 30.38
CA ASP A 682 1.29 34.54 29.97
C ASP A 682 1.26 34.66 28.45
N ARG A 683 0.28 35.41 27.95
CA ARG A 683 0.01 35.48 26.51
C ARG A 683 1.17 36.04 25.69
N SER A 684 1.89 37.02 26.24
CA SER A 684 2.96 37.68 25.50
C SER A 684 4.17 36.78 25.29
N ASP A 685 4.12 35.59 25.89
CA ASP A 685 5.23 34.64 25.83
C ASP A 685 5.32 33.95 24.47
N GLU A 686 6.53 33.91 23.90
CA GLU A 686 6.76 33.27 22.61
C GLU A 686 6.52 31.77 22.70
N LEU A 687 7.26 31.10 23.57
CA LEU A 687 7.12 29.67 23.77
C LEU A 687 5.66 29.29 24.03
N TYR A 688 4.93 30.20 24.68
CA TYR A 688 3.51 30.00 24.92
C TYR A 688 2.75 29.97 23.60
N GLN A 689 3.01 30.95 22.75
CA GLN A 689 2.42 30.99 21.41
C GLN A 689 2.63 29.63 20.74
N LYS A 690 3.91 29.29 20.54
CA LYS A 690 4.28 28.05 19.86
C LYS A 690 3.41 26.89 20.33
N LEU A 691 3.26 26.78 21.65
CA LEU A 691 2.47 25.70 22.25
C LEU A 691 0.99 25.88 21.96
N ASN A 692 0.45 27.04 22.33
CA ASN A 692 -0.98 27.30 22.15
C ASN A 692 -1.44 27.10 20.71
N THR A 693 -0.64 27.58 19.77
CA THR A 693 -0.92 27.38 18.35
C THR A 693 -0.98 25.89 18.05
N PHE A 694 0.02 25.15 18.52
CA PHE A 694 0.07 23.71 18.30
C PHE A 694 -1.09 22.99 18.98
N TYR A 695 -1.38 23.35 20.22
CA TYR A 695 -2.49 22.73 20.94
C TYR A 695 -3.82 23.03 20.26
N GLY A 696 -3.86 24.14 19.53
CA GLY A 696 -5.04 24.49 18.75
C GLY A 696 -5.21 23.53 17.58
N HIS A 697 -4.12 23.29 16.87
CA HIS A 697 -4.12 22.36 15.76
C HIS A 697 -4.43 20.94 16.23
N LEU A 698 -3.78 20.52 17.30
CA LEU A 698 -3.96 19.18 17.82
C LEU A 698 -5.43 18.85 18.01
N GLN A 699 -6.12 19.69 18.77
CA GLN A 699 -7.54 19.49 19.04
C GLN A 699 -8.39 19.55 17.77
N LYS A 700 -7.92 20.32 16.79
CA LYS A 700 -8.58 20.37 15.49
C LYS A 700 -8.36 19.05 14.75
N TRP A 701 -7.13 18.57 14.78
CA TRP A 701 -6.78 17.30 14.15
C TRP A 701 -7.50 16.14 14.84
N ARG A 702 -7.51 16.18 16.16
CA ARG A 702 -8.19 15.17 16.97
C ARG A 702 -9.62 14.98 16.47
N ALA A 703 -10.35 16.08 16.35
CA ALA A 703 -11.74 16.04 15.90
C ALA A 703 -11.84 15.67 14.42
N PHE A 704 -10.89 16.16 13.62
CA PHE A 704 -10.94 15.95 12.18
C PHE A 704 -10.86 14.47 11.78
N SER A 705 -9.93 13.75 12.39
CA SER A 705 -9.77 12.33 12.09
C SER A 705 -11.02 11.54 12.47
N LYS A 706 -11.77 12.07 13.45
CA LYS A 706 -12.99 11.43 13.91
C LYS A 706 -14.01 11.27 12.78
N ASN A 707 -14.12 12.30 11.94
CA ASN A 707 -15.10 12.29 10.85
C ASN A 707 -14.47 11.93 9.51
N HIS A 708 -13.14 11.94 9.45
CA HIS A 708 -12.45 11.73 8.17
C HIS A 708 -11.58 10.48 8.15
N SER A 709 -10.96 10.22 7.00
CA SER A 709 -10.08 9.07 6.84
C SER A 709 -8.65 9.46 7.22
N VAL A 710 -7.78 8.47 7.29
CA VAL A 710 -6.39 8.70 7.67
C VAL A 710 -5.65 9.50 6.59
N SER A 711 -5.88 9.16 5.33
CA SER A 711 -5.23 9.85 4.22
C SER A 711 -5.62 11.31 4.20
N GLU A 712 -6.89 11.59 4.49
CA GLU A 712 -7.39 12.96 4.53
C GLU A 712 -6.72 13.74 5.66
N LEU A 713 -6.76 13.19 6.86
CA LEU A 713 -6.14 13.83 8.02
C LEU A 713 -4.68 14.17 7.73
N ILE A 714 -3.97 13.24 7.09
CA ILE A 714 -2.58 13.45 6.74
C ILE A 714 -2.41 14.69 5.87
N TRP A 715 -3.24 14.81 4.84
CA TRP A 715 -3.17 15.97 3.94
C TRP A 715 -3.48 17.25 4.71
N GLU A 716 -4.47 17.18 5.60
CA GLU A 716 -4.85 18.34 6.39
C GLU A 716 -3.69 18.81 7.26
N VAL A 717 -3.05 17.86 7.93
CA VAL A 717 -1.88 18.16 8.76
C VAL A 717 -0.76 18.75 7.92
N TYR A 718 -0.60 18.24 6.71
CA TYR A 718 0.43 18.74 5.79
C TYR A 718 0.19 20.19 5.40
N ARG A 719 -1.08 20.56 5.20
CA ARG A 719 -1.39 21.92 4.76
C ARG A 719 -1.58 22.89 5.92
N ASP A 720 -1.79 22.37 7.12
CA ASP A 720 -1.89 23.21 8.30
C ASP A 720 -0.51 23.60 8.80
N THR A 721 0.38 22.64 8.85
CA THR A 721 1.74 22.85 9.34
C THR A 721 2.68 23.35 8.26
N LYS A 722 2.28 23.16 7.01
CA LYS A 722 3.14 23.46 5.87
C LYS A 722 4.46 22.71 5.99
N TYR A 723 4.41 21.55 6.63
CA TYR A 723 5.62 20.76 6.84
C TYR A 723 6.20 20.29 5.53
N MET A 724 5.33 19.84 4.62
CA MET A 724 5.77 19.36 3.31
C MET A 724 6.40 20.47 2.49
N ASP A 725 5.85 21.68 2.60
CA ASP A 725 6.40 22.85 1.92
C ASP A 725 7.76 23.18 2.51
N TYR A 726 7.82 23.19 3.85
CA TYR A 726 9.05 23.48 4.57
C TYR A 726 10.15 22.49 4.20
N VAL A 727 9.79 21.21 4.16
CA VAL A 727 10.75 20.14 3.89
C VAL A 727 11.34 20.26 2.47
N GLY A 728 10.63 20.94 1.59
CA GLY A 728 11.10 21.14 0.23
C GLY A 728 12.18 22.20 0.16
N GLY A 729 12.40 22.89 1.27
CA GLY A 729 13.35 23.99 1.31
C GLY A 729 14.69 23.65 1.95
N MET A 730 14.86 22.39 2.34
CA MET A 730 16.12 21.92 2.90
C MET A 730 16.73 20.87 1.96
N PRO A 731 18.07 20.77 1.97
CA PRO A 731 18.79 19.94 1.00
C PRO A 731 18.20 18.54 0.88
N GLY A 732 18.14 18.02 -0.35
CA GLY A 732 17.52 16.73 -0.60
C GLY A 732 16.02 16.80 -0.40
N GLY A 733 15.50 18.03 -0.37
CA GLY A 733 14.10 18.28 -0.10
C GLY A 733 13.15 17.69 -1.13
N LYS A 734 13.70 17.31 -2.29
CA LYS A 734 12.89 16.70 -3.34
C LYS A 734 12.53 15.27 -2.95
N GLN A 735 13.53 14.50 -2.53
CA GLN A 735 13.32 13.15 -2.06
C GLN A 735 12.53 13.15 -0.76
N ARG A 736 12.77 14.16 0.06
CA ARG A 736 12.06 14.30 1.34
C ARG A 736 10.57 14.47 1.11
N GLN A 737 10.20 15.37 0.19
CA GLN A 737 8.80 15.59 -0.14
C GLN A 737 8.14 14.32 -0.65
N ALA A 738 8.83 13.61 -1.53
CA ALA A 738 8.35 12.34 -2.04
C ALA A 738 8.05 11.40 -0.89
N ASN A 739 9.04 11.19 -0.02
CA ASN A 739 8.88 10.36 1.16
C ASN A 739 7.64 10.76 1.95
N LEU A 740 7.43 12.07 2.05
CA LEU A 740 6.33 12.60 2.85
C LEU A 740 4.98 12.34 2.19
N ARG A 741 4.99 12.20 0.87
CA ARG A 741 3.73 11.98 0.16
C ARG A 741 3.49 10.52 -0.22
N VAL A 742 4.46 9.65 0.04
CA VAL A 742 4.24 8.22 -0.11
C VAL A 742 3.58 7.71 1.16
N LEU A 743 3.83 8.42 2.26
CA LEU A 743 3.17 8.14 3.52
C LEU A 743 1.68 8.33 3.32
N TYR A 744 1.32 9.37 2.58
CA TYR A 744 -0.07 9.64 2.24
C TYR A 744 -0.62 8.57 1.30
N ASP A 745 0.19 8.17 0.33
CA ASP A 745 -0.20 7.12 -0.60
C ASP A 745 -0.40 5.78 0.10
N ARG A 746 0.48 5.47 1.04
CA ARG A 746 0.37 4.22 1.79
C ARG A 746 -0.87 4.21 2.67
N ALA A 747 -1.26 5.40 3.13
CA ALA A 747 -2.50 5.54 3.87
C ALA A 747 -3.67 5.25 2.96
N ARG A 748 -3.55 5.68 1.70
CA ARG A 748 -4.56 5.41 0.68
C ARG A 748 -4.67 3.91 0.43
N GLN A 749 -3.53 3.26 0.21
CA GLN A 749 -3.50 1.82 0.01
C GLN A 749 -4.07 1.11 1.23
N TYR A 750 -4.00 1.77 2.37
CA TYR A 750 -4.41 1.18 3.64
C TYR A 750 -5.92 1.16 3.85
N GLU A 751 -6.63 2.09 3.22
CA GLU A 751 -8.07 2.19 3.40
C GLU A 751 -8.82 1.10 2.63
N SER A 752 -8.18 0.54 1.62
CA SER A 752 -8.77 -0.51 0.80
C SER A 752 -8.55 -1.88 1.44
N THR A 753 -7.78 -1.90 2.53
CA THR A 753 -7.45 -3.14 3.21
C THR A 753 -8.58 -3.56 4.16
N ALA A 754 -8.37 -4.67 4.86
CA ALA A 754 -9.34 -5.17 5.84
C ALA A 754 -9.22 -4.41 7.16
N PHE A 755 -8.45 -3.33 7.13
CA PHE A 755 -8.22 -2.52 8.32
C PHE A 755 -8.85 -1.13 8.20
N ARG A 756 -9.04 -0.49 9.35
CA ARG A 756 -9.59 0.86 9.41
C ARG A 756 -9.18 1.55 10.69
N GLY A 757 -9.20 2.87 10.69
CA GLY A 757 -8.84 3.64 11.87
C GLY A 757 -7.39 4.10 11.86
N LEU A 758 -7.09 5.10 12.69
CA LEU A 758 -5.73 5.64 12.79
C LEU A 758 -4.83 4.71 13.59
N PHE A 759 -5.41 4.07 14.60
CA PHE A 759 -4.65 3.16 15.45
C PHE A 759 -4.08 1.99 14.67
N ARG A 760 -4.94 1.29 13.94
CA ARG A 760 -4.51 0.17 13.11
C ARG A 760 -3.48 0.59 12.08
N PHE A 761 -3.69 1.75 11.46
CA PHE A 761 -2.77 2.27 10.47
C PHE A 761 -1.37 2.43 11.06
N LEU A 762 -1.30 2.92 12.28
CA LEU A 762 -0.01 3.11 12.95
C LEU A 762 0.71 1.78 13.14
N ARG A 763 0.01 0.80 13.72
CA ARG A 763 0.58 -0.53 13.88
C ARG A 763 0.97 -1.10 12.52
N PHE A 764 0.09 -0.90 11.55
CA PHE A 764 0.37 -1.33 10.17
C PHE A 764 1.75 -0.87 9.76
N ILE A 765 2.00 0.43 9.85
CA ILE A 765 3.30 1.00 9.53
C ILE A 765 4.37 0.49 10.50
N GLU A 766 4.01 0.35 11.77
CA GLU A 766 4.93 -0.18 12.78
C GLU A 766 5.43 -1.55 12.36
N ARG A 767 4.54 -2.35 11.78
CA ARG A 767 4.91 -3.67 11.28
C ARG A 767 5.97 -3.55 10.19
N MET A 768 5.63 -2.84 9.11
CA MET A 768 6.56 -2.66 8.01
C MET A 768 7.94 -2.25 8.54
N GLN A 769 7.96 -1.40 9.55
CA GLN A 769 9.20 -1.00 10.19
C GLN A 769 9.95 -2.22 10.74
N GLU A 770 9.34 -2.87 11.73
CA GLU A 770 9.99 -3.94 12.47
C GLU A 770 10.62 -5.00 11.56
N ARG A 771 9.94 -5.36 10.48
CA ARG A 771 10.37 -6.47 9.65
C ARG A 771 10.93 -6.07 8.28
N GLY A 772 10.03 -5.94 7.30
CA GLY A 772 10.42 -5.82 5.90
C GLY A 772 10.78 -4.44 5.38
N ASP A 773 10.02 -3.43 5.80
CA ASP A 773 10.17 -2.05 5.33
C ASP A 773 9.60 -1.84 3.91
N GLN A 784 13.01 14.10 -16.06
CA GLN A 784 13.82 14.10 -17.27
C GLN A 784 15.00 15.05 -17.12
N GLU A 785 15.73 14.90 -16.02
CA GLU A 785 16.92 15.71 -15.75
C GLU A 785 18.17 14.88 -16.02
N ASP A 786 19.24 15.55 -16.46
CA ASP A 786 20.48 14.84 -16.78
C ASP A 786 21.38 14.68 -15.57
N VAL A 787 21.42 13.46 -15.03
CA VAL A 787 22.23 13.16 -13.86
C VAL A 787 22.79 11.75 -13.94
N VAL A 788 23.81 11.47 -13.13
CA VAL A 788 24.35 10.12 -13.04
C VAL A 788 23.34 9.21 -12.36
N ARG A 789 22.86 8.21 -13.09
CA ARG A 789 21.89 7.27 -12.54
C ARG A 789 22.58 6.10 -11.83
N LEU A 790 22.30 5.97 -10.54
CA LEU A 790 22.86 4.89 -9.74
C LEU A 790 21.78 3.86 -9.47
N MET A 791 21.99 2.64 -9.97
CA MET A 791 20.98 1.60 -9.83
C MET A 791 21.58 0.19 -9.74
N THR A 792 20.77 -0.73 -9.24
CA THR A 792 21.19 -2.12 -9.09
C THR A 792 21.28 -2.81 -10.46
N ILE A 793 22.17 -3.79 -10.56
CA ILE A 793 22.32 -4.55 -11.79
C ILE A 793 21.03 -5.31 -12.08
N HIS A 794 20.34 -5.73 -11.03
CA HIS A 794 19.07 -6.44 -11.15
C HIS A 794 17.99 -5.57 -11.80
N SER A 795 18.05 -4.28 -11.54
CA SER A 795 17.05 -3.36 -12.08
C SER A 795 17.45 -2.85 -13.46
N SER A 796 18.61 -3.26 -13.93
CA SER A 796 19.11 -2.83 -15.24
C SER A 796 18.22 -3.34 -16.36
N LYS A 797 18.01 -4.66 -16.38
CA LYS A 797 17.13 -5.29 -17.36
C LYS A 797 17.29 -4.73 -18.78
N GLY A 798 16.17 -4.58 -19.48
CA GLY A 798 16.18 -4.11 -20.86
C GLY A 798 16.77 -2.73 -21.04
N LEU A 799 17.07 -2.06 -19.94
CA LEU A 799 17.68 -0.74 -20.01
C LEU A 799 19.07 -0.82 -20.65
N GLU A 800 19.60 0.32 -21.05
CA GLU A 800 20.80 0.37 -21.88
C GLU A 800 21.47 1.72 -21.72
N PHE A 801 22.80 1.75 -21.76
CA PHE A 801 23.52 3.01 -21.64
C PHE A 801 24.82 3.06 -22.46
N PRO A 802 25.22 4.27 -22.90
CA PRO A 802 26.49 4.49 -23.59
C PRO A 802 27.68 4.16 -22.68
N VAL A 803 27.60 4.56 -21.42
CA VAL A 803 28.68 4.32 -20.47
C VAL A 803 28.17 3.62 -19.21
N VAL A 804 28.88 2.60 -18.78
CA VAL A 804 28.48 1.82 -17.61
C VAL A 804 29.62 1.58 -16.64
N PHE A 805 29.48 2.13 -15.43
CA PHE A 805 30.40 1.85 -14.34
C PHE A 805 29.81 0.73 -13.49
N VAL A 806 30.55 -0.36 -13.32
CA VAL A 806 30.16 -1.39 -12.38
C VAL A 806 31.18 -1.48 -11.24
N ALA A 807 30.77 -1.04 -10.06
CA ALA A 807 31.68 -0.94 -8.93
C ALA A 807 31.38 -2.00 -7.87
N GLY A 808 32.15 -1.97 -6.78
CA GLY A 808 31.99 -2.93 -5.71
C GLY A 808 32.43 -4.31 -6.15
N LEU A 809 33.10 -4.38 -7.30
CA LEU A 809 33.57 -5.64 -7.84
C LEU A 809 34.61 -6.26 -6.91
N GLY A 810 35.04 -5.50 -5.91
CA GLY A 810 36.02 -5.98 -4.95
C GLY A 810 35.38 -6.35 -3.62
N ARG A 811 34.09 -6.64 -3.65
CA ARG A 811 33.35 -6.97 -2.43
C ARG A 811 32.75 -8.38 -2.48
N ASN A 812 32.70 -9.02 -1.32
CA ASN A 812 32.20 -10.39 -1.23
C ASN A 812 30.72 -10.51 -1.63
N PHE A 813 30.39 -11.62 -2.26
CA PHE A 813 28.99 -11.95 -2.54
C PHE A 813 28.30 -12.22 -1.20
N ASN A 814 26.98 -12.24 -1.20
CA ASN A 814 26.24 -12.56 0.01
C ASN A 814 25.95 -14.06 0.10
N MET A 815 26.70 -14.75 0.96
CA MET A 815 26.55 -16.17 1.16
C MET A 815 25.81 -16.48 2.47
N MET A 816 25.32 -15.42 3.12
CA MET A 816 24.69 -15.53 4.43
C MET A 816 23.56 -16.57 4.43
N ASP A 817 23.04 -16.86 3.24
CA ASP A 817 21.95 -17.81 3.11
C ASP A 817 22.38 -19.22 3.53
N LEU A 818 23.64 -19.58 3.27
CA LEU A 818 24.11 -20.91 3.63
C LEU A 818 24.89 -20.88 4.95
N ASN A 819 24.17 -20.91 6.05
CA ASN A 819 24.78 -20.89 7.37
C ASN A 819 23.91 -21.55 8.44
N LYS A 820 22.64 -21.16 8.47
CA LYS A 820 21.73 -21.49 9.55
C LYS A 820 21.53 -22.99 9.74
N SER A 821 20.70 -23.34 10.71
CA SER A 821 20.51 -24.73 11.11
C SER A 821 19.64 -25.50 10.11
N TYR A 822 19.11 -24.80 9.11
CA TYR A 822 18.25 -25.44 8.12
C TYR A 822 18.38 -24.84 6.72
N LEU A 823 17.89 -25.57 5.72
CA LEU A 823 17.89 -25.09 4.34
C LEU A 823 16.72 -25.68 3.57
N LEU A 824 16.12 -24.87 2.71
CA LEU A 824 15.03 -25.32 1.86
C LEU A 824 15.51 -25.46 0.42
N ASP A 825 15.15 -26.57 -0.22
CA ASP A 825 15.56 -26.79 -1.60
C ASP A 825 14.47 -27.41 -2.44
N LYS A 826 14.40 -27.00 -3.71
CA LYS A 826 13.45 -27.54 -4.66
C LYS A 826 13.46 -29.07 -4.68
N GLU A 827 14.56 -29.63 -5.17
CA GLU A 827 14.68 -31.07 -5.38
C GLU A 827 14.76 -31.85 -4.07
N LEU A 828 15.73 -31.51 -3.23
CA LEU A 828 16.02 -32.29 -2.03
C LEU A 828 14.99 -32.09 -0.91
N GLY A 829 14.30 -30.96 -0.94
CA GLY A 829 13.31 -30.66 0.08
C GLY A 829 13.91 -29.94 1.27
N PHE A 830 13.50 -30.35 2.47
CA PHE A 830 14.00 -29.74 3.70
C PHE A 830 15.26 -30.42 4.22
N GLY A 831 16.19 -29.63 4.72
CA GLY A 831 17.42 -30.14 5.31
C GLY A 831 17.75 -29.37 6.57
N THR A 832 18.37 -30.03 7.54
CA THR A 832 18.60 -29.39 8.83
C THR A 832 19.75 -30.04 9.60
N LYS A 833 20.15 -29.39 10.68
CA LYS A 833 21.16 -29.93 11.58
C LYS A 833 20.54 -30.95 12.52
N TYR A 834 21.35 -31.91 12.96
CA TYR A 834 20.93 -32.80 14.03
C TYR A 834 21.00 -32.00 15.33
N ILE A 835 19.86 -31.89 16.01
CA ILE A 835 19.79 -31.08 17.22
C ILE A 835 19.15 -31.84 18.38
N HIS A 836 19.89 -31.97 19.48
CA HIS A 836 19.37 -32.62 20.68
C HIS A 836 19.27 -31.61 21.81
N PRO A 837 18.03 -31.23 22.17
CA PRO A 837 17.75 -30.21 23.18
C PRO A 837 18.11 -30.64 24.60
N GLN A 838 18.05 -31.93 24.89
CA GLN A 838 18.36 -32.43 26.21
C GLN A 838 19.87 -32.49 26.46
N LEU A 839 20.61 -32.97 25.46
CA LEU A 839 22.06 -33.08 25.56
C LEU A 839 22.75 -31.76 25.22
N ARG A 840 22.00 -30.87 24.59
CA ARG A 840 22.52 -29.56 24.17
C ARG A 840 23.60 -29.71 23.11
N ILE A 841 23.43 -30.68 22.20
CA ILE A 841 24.38 -30.92 21.13
C ILE A 841 23.73 -30.82 19.76
N SER A 842 24.45 -30.26 18.81
CA SER A 842 23.97 -30.15 17.44
C SER A 842 25.12 -30.18 16.45
N TYR A 843 24.83 -30.59 15.22
CA TYR A 843 25.84 -30.66 14.17
C TYR A 843 25.19 -30.87 12.80
N PRO A 844 25.86 -30.40 11.74
CA PRO A 844 25.32 -30.48 10.38
C PRO A 844 24.99 -31.91 9.97
N THR A 845 23.81 -32.10 9.38
CA THR A 845 23.41 -33.39 8.83
C THR A 845 23.93 -33.51 7.40
N LEU A 846 24.12 -34.75 6.93
CA LEU A 846 24.71 -34.98 5.61
C LEU A 846 23.95 -34.27 4.48
N PRO A 847 22.62 -34.48 4.41
CA PRO A 847 21.81 -33.74 3.43
C PRO A 847 22.03 -32.24 3.53
N LEU A 848 22.12 -31.71 4.75
CA LEU A 848 22.33 -30.29 4.94
C LEU A 848 23.60 -29.85 4.21
N ILE A 849 24.70 -30.53 4.49
CA ILE A 849 25.97 -30.23 3.83
C ILE A 849 25.84 -30.35 2.31
N ALA A 850 25.15 -31.39 1.87
CA ALA A 850 24.93 -31.60 0.45
C ALA A 850 24.16 -30.45 -0.18
N MET A 851 23.13 -29.98 0.52
CA MET A 851 22.28 -28.90 0.03
C MET A 851 23.07 -27.59 -0.08
N LYS A 852 24.06 -27.42 0.79
CA LYS A 852 24.90 -26.23 0.77
C LYS A 852 25.82 -26.23 -0.44
N LYS A 853 26.54 -27.33 -0.65
CA LYS A 853 27.43 -27.46 -1.80
C LYS A 853 26.68 -27.15 -3.09
N LYS A 854 25.52 -27.77 -3.24
CA LYS A 854 24.66 -27.50 -4.40
C LYS A 854 24.28 -26.03 -4.46
N MET A 855 23.68 -25.54 -3.38
CA MET A 855 23.17 -24.18 -3.35
C MET A 855 24.25 -23.13 -3.59
N ARG A 856 25.48 -23.45 -3.19
CA ARG A 856 26.58 -22.50 -3.35
C ARG A 856 26.99 -22.35 -4.81
N ARG A 857 26.98 -23.46 -5.54
CA ARG A 857 27.38 -23.43 -6.94
C ARG A 857 26.23 -22.99 -7.84
N GLU A 858 25.02 -23.00 -7.30
CA GLU A 858 23.86 -22.45 -7.99
C GLU A 858 23.79 -20.95 -7.74
N LEU A 859 24.11 -20.55 -6.52
CA LEU A 859 24.14 -19.14 -6.15
C LEU A 859 25.24 -18.44 -6.92
N LEU A 860 26.33 -19.17 -7.17
CA LEU A 860 27.49 -18.63 -7.87
C LEU A 860 27.19 -18.49 -9.37
N SER A 861 26.38 -19.42 -9.89
CA SER A 861 25.94 -19.34 -11.28
C SER A 861 25.16 -18.05 -11.47
N GLU A 862 24.30 -17.76 -10.51
CA GLU A 862 23.44 -16.58 -10.57
C GLU A 862 24.25 -15.30 -10.66
N GLU A 863 25.32 -15.22 -9.86
CA GLU A 863 26.17 -14.05 -9.84
C GLU A 863 26.89 -13.84 -11.15
N LEU A 864 27.26 -14.94 -11.80
CA LEU A 864 27.97 -14.87 -13.07
C LEU A 864 27.03 -14.35 -14.16
N ARG A 865 25.73 -14.57 -13.98
CA ARG A 865 24.73 -14.08 -14.92
C ARG A 865 24.37 -12.62 -14.60
N VAL A 866 24.37 -12.29 -13.32
CA VAL A 866 24.15 -10.92 -12.88
C VAL A 866 25.25 -10.04 -13.46
N LEU A 867 26.48 -10.56 -13.44
CA LEU A 867 27.61 -9.85 -14.02
C LEU A 867 27.50 -9.83 -15.53
N TYR A 868 26.73 -10.78 -16.08
CA TYR A 868 26.59 -10.87 -17.52
C TYR A 868 25.58 -9.86 -18.07
N VAL A 869 24.58 -9.53 -17.26
CA VAL A 869 23.61 -8.52 -17.68
C VAL A 869 24.20 -7.13 -17.52
N ALA A 870 25.09 -6.98 -16.54
CA ALA A 870 25.76 -5.71 -16.29
C ALA A 870 26.56 -5.24 -17.51
N LEU A 871 27.46 -6.10 -17.98
CA LEU A 871 28.31 -5.77 -19.11
C LEU A 871 27.53 -5.60 -20.42
N THR A 872 26.45 -6.35 -20.57
CA THR A 872 25.66 -6.32 -21.79
C THR A 872 24.72 -5.12 -21.87
N ARG A 873 24.52 -4.44 -20.74
CA ARG A 873 23.64 -3.27 -20.70
C ARG A 873 24.32 -2.04 -21.30
N ALA A 874 25.56 -2.21 -21.73
CA ALA A 874 26.32 -1.10 -22.26
C ALA A 874 26.40 -1.13 -23.78
N LYS A 875 26.39 0.06 -24.39
CA LYS A 875 26.47 0.19 -25.83
C LYS A 875 27.89 0.56 -26.30
N GLU A 876 28.50 1.53 -25.62
CA GLU A 876 29.80 2.03 -26.05
C GLU A 876 30.98 1.71 -25.13
N LYS A 877 30.94 2.21 -23.90
CA LYS A 877 32.10 2.13 -23.03
C LYS A 877 31.82 1.47 -21.69
N LEU A 878 32.83 0.77 -21.16
CA LEU A 878 32.71 0.02 -19.92
C LEU A 878 33.75 0.43 -18.86
N PHE A 879 33.30 0.51 -17.62
CA PHE A 879 34.20 0.75 -16.49
C PHE A 879 34.00 -0.38 -15.48
N LEU A 880 35.07 -1.11 -15.23
CA LEU A 880 35.07 -2.15 -14.19
C LEU A 880 35.95 -1.69 -13.04
N ILE A 881 35.35 -1.49 -11.87
CA ILE A 881 36.08 -0.94 -10.74
C ILE A 881 35.96 -1.83 -9.51
N GLY A 882 37.10 -2.38 -9.08
CA GLY A 882 37.17 -3.23 -7.90
C GLY A 882 38.02 -2.64 -6.79
N SER A 883 38.16 -3.39 -5.69
CA SER A 883 38.97 -2.96 -4.55
C SER A 883 39.56 -4.14 -3.80
N CYS A 884 40.78 -3.98 -3.29
CA CYS A 884 41.44 -5.04 -2.53
C CYS A 884 42.42 -4.45 -1.53
N LYS A 885 43.30 -5.30 -1.00
CA LYS A 885 44.30 -4.85 -0.03
C LYS A 885 45.69 -4.77 -0.65
N ASP A 886 46.25 -5.91 -1.02
CA ASP A 886 47.58 -5.94 -1.60
C ASP A 886 47.55 -6.21 -3.11
N HIS A 887 47.97 -5.22 -3.90
CA HIS A 887 48.02 -5.33 -5.36
C HIS A 887 48.64 -6.64 -5.82
N GLN A 888 49.97 -6.68 -5.85
CA GLN A 888 50.71 -7.77 -6.47
C GLN A 888 50.21 -9.16 -6.08
N LYS A 889 50.13 -9.41 -4.78
CA LYS A 889 49.80 -10.76 -4.28
C LYS A 889 48.59 -11.38 -4.98
N GLN A 890 47.48 -10.65 -5.05
CA GLN A 890 46.29 -11.17 -5.70
C GLN A 890 46.57 -11.50 -7.17
N LEU A 891 47.34 -10.65 -7.84
CA LEU A 891 47.73 -10.91 -9.23
C LEU A 891 48.53 -12.20 -9.31
N ALA A 892 49.21 -12.54 -8.23
CA ALA A 892 49.92 -13.82 -8.14
C ALA A 892 48.93 -14.95 -7.93
N LYS A 893 47.91 -14.69 -7.11
CA LYS A 893 46.83 -15.64 -6.92
C LYS A 893 46.17 -15.91 -8.27
N TRP A 894 46.02 -14.84 -9.05
CA TRP A 894 45.42 -14.93 -10.38
C TRP A 894 46.32 -15.69 -11.34
N GLN A 895 47.61 -15.35 -11.35
CA GLN A 895 48.57 -16.06 -12.18
C GLN A 895 48.43 -17.55 -11.97
N ALA A 896 48.33 -17.95 -10.70
CA ALA A 896 48.21 -19.35 -10.33
C ALA A 896 47.02 -20.01 -11.01
N SER A 897 45.92 -19.28 -11.12
CA SER A 897 44.69 -19.82 -11.68
C SER A 897 44.67 -19.79 -13.21
N ALA A 898 45.37 -18.82 -13.79
CA ALA A 898 45.25 -18.54 -15.22
C ALA A 898 46.13 -19.40 -16.14
N SER A 899 46.84 -20.36 -15.55
CA SER A 899 47.76 -21.17 -16.34
C SER A 899 47.07 -22.14 -17.30
N GLN A 900 46.16 -22.95 -16.77
CA GLN A 900 45.53 -24.03 -17.56
C GLN A 900 44.95 -23.53 -18.88
N THR A 901 45.32 -24.20 -19.96
CA THR A 901 44.81 -23.85 -21.29
C THR A 901 43.37 -24.34 -21.41
N ASP A 902 42.82 -24.29 -22.62
CA ASP A 902 41.45 -24.72 -22.88
C ASP A 902 40.44 -23.60 -22.65
N TRP A 903 40.95 -22.39 -22.42
CA TRP A 903 40.10 -21.23 -22.16
C TRP A 903 39.39 -21.33 -20.81
N LEU A 904 38.24 -22.00 -20.79
CA LEU A 904 37.42 -22.11 -19.57
C LEU A 904 38.28 -22.45 -18.36
N LEU A 905 38.30 -21.52 -17.40
CA LEU A 905 39.13 -21.63 -16.21
C LEU A 905 38.85 -22.90 -15.40
N PRO A 906 39.75 -23.24 -14.46
CA PRO A 906 39.58 -24.40 -13.58
C PRO A 906 38.23 -24.35 -12.85
N GLU A 907 37.44 -25.40 -13.00
CA GLU A 907 36.09 -25.43 -12.44
C GLU A 907 36.08 -25.23 -10.92
N PHE A 908 37.17 -25.63 -10.26
CA PHE A 908 37.26 -25.50 -8.80
C PHE A 908 37.63 -24.09 -8.34
N ASP A 909 38.56 -23.46 -9.05
CA ASP A 909 39.00 -22.11 -8.67
C ASP A 909 37.87 -21.11 -8.81
N ARG A 910 37.04 -21.29 -9.84
CA ARG A 910 35.85 -20.46 -10.03
C ARG A 910 34.91 -20.69 -8.86
N TYR A 911 34.82 -21.94 -8.41
CA TYR A 911 34.02 -22.30 -7.26
C TYR A 911 34.43 -21.52 -6.02
N GLN A 912 35.74 -21.46 -5.77
CA GLN A 912 36.27 -20.79 -4.59
C GLN A 912 36.03 -19.28 -4.63
N ALA A 913 35.60 -18.78 -5.77
CA ALA A 913 35.36 -17.34 -5.94
C ALA A 913 34.40 -16.83 -4.87
N ARG A 914 34.68 -15.62 -4.40
CA ARG A 914 33.86 -14.96 -3.38
C ARG A 914 33.41 -13.61 -3.89
N THR A 915 34.35 -12.90 -4.50
CA THR A 915 34.13 -11.55 -4.99
C THR A 915 34.23 -11.49 -6.52
N TYR A 916 33.46 -10.59 -7.13
CA TYR A 916 33.45 -10.43 -8.58
C TYR A 916 34.85 -10.38 -9.19
N LEU A 917 35.79 -9.75 -8.48
CA LEU A 917 37.18 -9.71 -8.92
C LEU A 917 37.71 -11.11 -9.17
N ASP A 918 37.38 -12.03 -8.27
CA ASP A 918 37.83 -13.42 -8.37
C ASP A 918 37.40 -14.06 -9.67
N PHE A 919 36.46 -13.41 -10.36
CA PHE A 919 35.99 -13.87 -11.66
C PHE A 919 36.73 -13.16 -12.79
N ILE A 920 36.73 -11.83 -12.74
CA ILE A 920 37.38 -11.02 -13.77
C ILE A 920 38.88 -11.21 -13.75
N GLY A 921 39.51 -10.86 -12.63
CA GLY A 921 40.95 -10.89 -12.49
C GLY A 921 41.66 -12.00 -13.24
N PRO A 922 41.44 -13.26 -12.82
CA PRO A 922 42.09 -14.42 -13.42
C PRO A 922 41.77 -14.57 -14.91
N ALA A 923 40.53 -14.26 -15.30
CA ALA A 923 40.14 -14.34 -16.70
C ALA A 923 40.78 -13.20 -17.49
N LEU A 924 41.21 -12.16 -16.78
CA LEU A 924 41.78 -10.98 -17.40
C LEU A 924 43.28 -11.12 -17.61
N ALA A 925 43.95 -11.74 -16.64
CA ALA A 925 45.41 -11.85 -16.65
C ALA A 925 45.94 -12.43 -17.95
N ARG A 926 45.48 -13.62 -18.30
CA ARG A 926 45.98 -14.34 -19.46
C ARG A 926 45.91 -13.51 -20.74
N HIS A 927 45.02 -12.52 -20.75
CA HIS A 927 44.82 -11.69 -21.93
C HIS A 927 46.03 -10.84 -22.30
N ARG A 928 46.49 -10.04 -21.35
CA ARG A 928 47.56 -9.08 -21.62
C ARG A 928 47.94 -8.30 -20.36
N HIS A 939 47.28 -20.44 -25.36
CA HIS A 939 47.76 -19.10 -25.02
C HIS A 939 47.88 -18.23 -26.27
N ALA A 940 47.36 -18.73 -27.39
CA ALA A 940 47.42 -17.99 -28.64
C ALA A 940 46.16 -17.15 -28.85
N ASP A 941 45.03 -17.82 -29.06
CA ASP A 941 43.76 -17.13 -29.30
C ASP A 941 43.32 -16.34 -28.08
N ILE A 942 43.68 -16.81 -26.89
CA ILE A 942 43.26 -16.19 -25.64
C ILE A 942 43.82 -14.77 -25.49
N SER A 943 45.09 -14.61 -25.85
CA SER A 943 45.77 -13.32 -25.68
C SER A 943 45.66 -12.46 -26.93
N GLY A 944 45.28 -13.09 -28.04
CA GLY A 944 45.14 -12.39 -29.31
C GLY A 944 43.69 -12.02 -29.58
N HIS A 945 42.80 -12.45 -28.68
CA HIS A 945 41.38 -12.16 -28.83
C HIS A 945 41.16 -10.66 -28.97
N PRO A 946 40.33 -10.26 -29.95
CA PRO A 946 40.07 -8.85 -30.27
C PRO A 946 39.34 -8.10 -29.17
N ALA A 947 39.75 -8.32 -27.92
CA ALA A 947 39.20 -7.57 -26.80
C ALA A 947 40.25 -6.61 -26.27
N ARG A 948 39.84 -5.37 -25.98
CA ARG A 948 40.77 -4.36 -25.49
C ARG A 948 40.52 -4.01 -24.03
N PHE A 949 41.60 -3.74 -23.30
CA PHE A 949 41.51 -3.40 -21.89
C PHE A 949 42.46 -2.28 -21.50
N ALA A 950 42.14 -1.57 -20.42
CA ALA A 950 42.98 -0.51 -19.89
C ALA A 950 43.01 -0.63 -18.37
N VAL A 951 44.18 -0.99 -17.83
CA VAL A 951 44.30 -1.25 -16.40
C VAL A 951 44.97 -0.11 -15.64
N GLN A 952 44.35 0.31 -14.55
CA GLN A 952 44.91 1.35 -13.71
C GLN A 952 45.14 0.84 -12.29
N MET A 953 46.39 0.81 -11.87
CA MET A 953 46.73 0.42 -10.51
C MET A 953 46.75 1.65 -9.62
N ILE A 954 45.71 1.79 -8.79
CA ILE A 954 45.59 2.94 -7.89
C ILE A 954 45.92 2.55 -6.46
N HIS A 955 46.77 3.35 -5.82
CA HIS A 955 47.20 3.13 -4.44
C HIS A 955 46.22 3.78 -3.48
N SER A 956 45.09 4.24 -4.04
CA SER A 956 43.91 4.67 -3.29
C SER A 956 44.01 6.00 -2.56
N TYR A 957 45.20 6.37 -2.10
CA TYR A 957 45.35 7.62 -1.36
C TYR A 957 45.38 8.81 -2.31
N ASP A 958 46.01 8.61 -3.47
CA ASP A 958 46.13 9.64 -4.48
C ASP A 958 44.91 9.64 -5.39
N SER A 972 25.52 36.14 -2.10
CA SER A 972 25.85 35.99 -0.69
C SER A 972 24.94 36.85 0.17
N GLU A 973 24.66 38.05 -0.32
CA GLU A 973 23.81 39.01 0.39
C GLU A 973 22.35 38.57 0.39
N ARG A 974 21.90 38.03 -0.74
CA ARG A 974 20.51 37.61 -0.89
C ARG A 974 20.09 36.67 0.24
N LEU A 975 20.91 35.66 0.51
CA LEU A 975 20.63 34.73 1.59
C LEU A 975 20.51 35.46 2.93
N GLU A 976 21.54 36.22 3.27
CA GLU A 976 21.56 36.96 4.53
C GLU A 976 20.46 38.02 4.56
N ALA A 977 19.90 38.31 3.39
CA ALA A 977 18.69 39.10 3.30
C ALA A 977 17.49 38.19 3.57
N ILE A 978 17.45 37.07 2.86
CA ILE A 978 16.41 36.07 3.04
C ILE A 978 16.35 35.60 4.49
N ARG A 979 17.51 35.57 5.15
CA ARG A 979 17.60 35.14 6.53
C ARG A 979 16.68 35.97 7.41
N ARG A 980 16.34 37.17 6.95
CA ARG A 980 15.44 38.06 7.68
C ARG A 980 14.40 38.69 6.76
N GLY A 981 14.83 39.60 5.91
CA GLY A 981 13.93 40.31 5.04
C GLY A 981 14.00 39.90 3.57
N GLU A 982 13.80 40.87 2.69
CA GLU A 982 13.74 40.60 1.26
C GLU A 982 14.90 41.26 0.50
N PRO A 983 15.27 40.69 -0.65
CA PRO A 983 16.37 41.22 -1.47
C PRO A 983 15.86 42.35 -2.35
N VAL A 984 16.71 42.84 -3.26
CA VAL A 984 16.32 43.89 -4.17
C VAL A 984 17.47 44.24 -5.11
N PHE A 988 12.09 43.07 -10.30
CA PHE A 988 12.54 42.14 -11.33
C PHE A 988 11.57 42.11 -12.50
N ALA A 989 11.94 41.35 -13.54
CA ALA A 989 11.15 41.29 -14.76
C ALA A 989 9.66 41.09 -14.51
N PHE A 990 9.33 40.20 -13.57
CA PHE A 990 7.94 39.85 -13.30
C PHE A 990 7.40 40.54 -12.04
N ASP A 991 8.18 41.46 -11.48
CA ASP A 991 7.85 42.07 -10.20
C ASP A 991 6.41 42.58 -10.16
N GLU A 992 5.89 43.01 -11.30
CA GLU A 992 4.55 43.58 -11.37
C GLU A 992 3.44 42.54 -11.44
N LYS A 993 3.65 41.49 -12.23
CA LYS A 993 2.63 40.45 -12.40
C LYS A 993 2.42 39.64 -11.13
N ALA A 994 3.52 39.22 -10.51
CA ALA A 994 3.46 38.47 -9.27
C ALA A 994 2.62 39.21 -8.24
N ARG A 995 2.72 40.53 -8.27
CA ARG A 995 2.03 41.38 -7.31
C ARG A 995 0.51 41.29 -7.45
N GLU A 996 0.02 41.34 -8.68
CA GLU A 996 -1.42 41.38 -8.92
C GLU A 996 -2.10 40.01 -8.82
N GLN A 997 -1.40 38.97 -9.23
CA GLN A 997 -1.97 37.62 -9.20
C GLN A 997 -2.16 37.14 -7.76
N LEU A 998 -1.26 37.56 -6.87
CA LEU A 998 -1.39 37.22 -5.45
C LEU A 998 -2.45 38.08 -4.77
N SER A 999 -2.78 39.21 -5.40
CA SER A 999 -3.79 40.11 -4.87
C SER A 999 -5.10 39.96 -5.64
N TRP A 1000 -5.17 38.97 -6.52
CA TRP A 1000 -6.33 38.75 -7.36
C TRP A 1000 -7.51 38.21 -6.56
N THR A 1001 -8.70 38.24 -7.17
CA THR A 1001 -9.92 37.74 -6.57
C THR A 1001 -10.85 37.24 -7.66
N TYR A 1002 -11.70 36.28 -7.34
CA TYR A 1002 -12.69 35.83 -8.32
C TYR A 1002 -13.91 36.74 -8.29
N PRO A 1003 -14.11 37.49 -9.38
CA PRO A 1003 -15.21 38.45 -9.48
C PRO A 1003 -16.57 37.85 -9.12
N HIS A 1004 -16.83 36.64 -9.58
CA HIS A 1004 -18.12 35.99 -9.32
C HIS A 1004 -18.06 35.06 -8.11
N GLN A 1005 -16.97 35.15 -7.35
CA GLN A 1005 -16.72 34.22 -6.25
C GLN A 1005 -17.93 34.01 -5.35
N GLU A 1006 -18.54 35.10 -4.92
CA GLU A 1006 -19.60 35.08 -3.93
C GLU A 1006 -20.86 34.33 -4.39
N VAL A 1007 -20.82 33.80 -5.61
CA VAL A 1007 -21.95 33.04 -6.14
C VAL A 1007 -21.55 31.59 -6.39
N THR A 1008 -20.30 31.26 -6.10
CA THR A 1008 -19.78 29.92 -6.38
C THR A 1008 -20.23 28.89 -5.36
N GLN A 1009 -20.67 29.34 -4.19
CA GLN A 1009 -21.08 28.44 -3.13
C GLN A 1009 -22.59 28.31 -3.04
N ILE A 1010 -23.30 29.07 -3.88
CA ILE A 1010 -24.76 29.10 -3.82
C ILE A 1010 -25.40 28.01 -4.68
N ARG A 1011 -26.37 27.30 -4.10
CA ARG A 1011 -27.05 26.22 -4.80
C ARG A 1011 -27.89 26.75 -5.97
N THR A 1012 -27.73 26.12 -7.13
CA THR A 1012 -28.44 26.55 -8.33
C THR A 1012 -29.95 26.38 -8.19
N LYS A 1013 -30.38 25.15 -7.89
CA LYS A 1013 -31.79 24.85 -7.70
C LYS A 1013 -32.17 24.86 -6.23
N GLN A 1014 -33.33 25.44 -5.92
CA GLN A 1014 -33.80 25.50 -4.54
C GLN A 1014 -35.31 25.21 -4.47
N SER A 1015 -35.65 24.06 -3.89
CA SER A 1015 -37.03 23.60 -3.83
C SER A 1015 -37.82 24.29 -2.73
N VAL A 1016 -39.14 24.29 -2.88
CA VAL A 1016 -40.04 24.87 -1.89
C VAL A 1016 -41.27 23.99 -1.68
N SER A 1017 -41.32 23.28 -0.54
CA SER A 1017 -42.44 22.41 -0.23
C SER A 1017 -42.75 22.41 1.27
N ASP A 1027 -35.23 14.47 -6.22
CA ASP A 1027 -34.30 15.27 -7.00
C ASP A 1027 -33.11 15.71 -6.15
N GLU A 1028 -31.94 15.13 -6.45
CA GLU A 1028 -30.74 15.38 -5.64
C GLU A 1028 -29.99 16.64 -6.06
N TYR A 1029 -30.46 17.30 -7.11
CA TYR A 1029 -29.76 18.45 -7.67
C TYR A 1029 -30.19 19.78 -7.05
N SER A 1030 -31.08 19.72 -6.09
CA SER A 1030 -31.60 20.95 -5.48
C SER A 1030 -31.40 20.97 -3.96
N GLY A 1031 -31.82 22.08 -3.35
CA GLY A 1031 -31.74 22.25 -1.92
C GLY A 1031 -33.05 22.80 -1.38
N ARG A 1032 -33.14 22.96 -0.06
CA ARG A 1032 -34.37 23.46 0.54
C ARG A 1032 -34.44 24.98 0.53
N TYR A 1044 -34.16 11.86 14.02
CA TYR A 1044 -34.53 11.08 15.20
C TYR A 1044 -35.55 10.00 14.83
N ARG A 1045 -35.78 9.83 13.53
CA ARG A 1045 -36.72 8.83 13.04
C ARG A 1045 -36.48 7.48 13.74
N ARG A 1046 -37.55 6.90 14.27
CA ARG A 1046 -37.49 5.57 14.86
C ARG A 1046 -37.94 4.52 13.87
N PRO A 1047 -37.38 3.30 13.98
CA PRO A 1047 -37.70 2.20 13.07
C PRO A 1047 -39.19 1.91 13.07
N ALA A 1048 -39.74 1.59 11.90
CA ALA A 1048 -41.17 1.32 11.75
C ALA A 1048 -41.61 0.14 12.61
N PHE A 1049 -40.68 -0.75 12.92
CA PHE A 1049 -41.01 -1.95 13.68
C PHE A 1049 -41.02 -1.72 15.18
N MET A 1050 -40.41 -0.63 15.63
CA MET A 1050 -40.42 -0.30 17.05
C MET A 1050 -41.37 0.86 17.33
N MET A 1051 -41.72 1.61 16.29
CA MET A 1051 -42.57 2.78 16.43
C MET A 1051 -44.01 2.36 16.72
N LYS A 1052 -44.89 3.34 16.85
CA LYS A 1052 -46.31 3.07 17.12
C LYS A 1052 -46.97 2.34 15.96
N LYS A 1053 -48.29 2.37 15.93
CA LYS A 1053 -49.05 1.77 14.84
C LYS A 1053 -49.53 2.83 13.85
N GLY A 1054 -49.70 4.04 14.36
CA GLY A 1054 -50.37 5.09 13.61
C GLY A 1054 -49.47 6.01 12.80
N LEU A 1055 -49.95 7.24 12.58
CA LEU A 1055 -49.24 8.20 11.76
C LEU A 1055 -48.78 9.43 12.55
N THR A 1056 -48.10 10.33 11.85
CA THR A 1056 -47.66 11.59 12.44
C THR A 1056 -48.40 12.75 11.78
N ALA A 1057 -48.43 13.90 12.45
CA ALA A 1057 -49.11 15.08 11.93
C ALA A 1057 -48.70 15.35 10.49
N ALA A 1058 -47.44 15.10 10.17
CA ALA A 1058 -46.92 15.32 8.83
C ALA A 1058 -47.51 14.32 7.83
N GLU A 1059 -47.48 13.05 8.18
CA GLU A 1059 -47.99 11.99 7.31
C GLU A 1059 -49.49 12.12 7.08
N LYS A 1060 -50.21 12.51 8.13
CA LYS A 1060 -51.65 12.76 8.03
C LYS A 1060 -51.92 13.90 7.05
N GLY A 1061 -51.17 14.99 7.20
CA GLY A 1061 -51.31 16.13 6.33
C GLY A 1061 -51.13 15.78 4.87
N THR A 1062 -50.09 15.02 4.57
CA THR A 1062 -49.80 14.59 3.21
C THR A 1062 -50.98 13.78 2.66
N ALA A 1063 -51.55 12.93 3.50
CA ALA A 1063 -52.71 12.14 3.12
C ALA A 1063 -53.89 13.03 2.76
N MET A 1064 -54.21 13.96 3.66
CA MET A 1064 -55.31 14.88 3.44
C MET A 1064 -55.10 15.68 2.16
N HIS A 1065 -53.85 16.06 1.91
CA HIS A 1065 -53.52 16.85 0.74
C HIS A 1065 -53.83 16.09 -0.55
N THR A 1066 -53.35 14.86 -0.64
CA THR A 1066 -53.57 14.03 -1.82
C THR A 1066 -55.04 13.99 -2.21
N VAL A 1067 -55.90 13.66 -1.24
CA VAL A 1067 -57.33 13.59 -1.48
C VAL A 1067 -57.86 14.84 -2.17
N MET A 1068 -57.60 16.00 -1.58
CA MET A 1068 -58.13 17.25 -2.08
C MET A 1068 -57.77 17.45 -3.55
N GLN A 1069 -56.60 16.96 -3.94
CA GLN A 1069 -56.12 17.11 -5.31
C GLN A 1069 -56.75 16.11 -6.28
N HIS A 1070 -57.33 15.05 -5.73
CA HIS A 1070 -57.97 14.03 -6.56
C HIS A 1070 -59.50 14.12 -6.54
N ILE A 1071 -60.03 14.95 -5.65
CA ILE A 1071 -61.47 15.12 -5.54
C ILE A 1071 -62.01 15.75 -6.83
N PRO A 1072 -63.10 15.18 -7.37
CA PRO A 1072 -63.72 15.70 -8.59
C PRO A 1072 -64.28 17.11 -8.38
N LEU A 1073 -63.87 18.05 -9.22
CA LEU A 1073 -64.33 19.43 -9.10
C LEU A 1073 -65.57 19.70 -9.94
N SER A 1074 -66.21 18.63 -10.42
CA SER A 1074 -67.42 18.77 -11.22
C SER A 1074 -68.53 19.42 -10.41
N HIS A 1075 -68.63 19.03 -9.14
CA HIS A 1075 -69.68 19.54 -8.27
C HIS A 1075 -69.29 19.43 -6.80
N VAL A 1076 -70.19 19.83 -5.91
CA VAL A 1076 -69.96 19.73 -4.48
C VAL A 1076 -70.21 18.31 -4.00
N PRO A 1077 -69.16 17.65 -3.50
CA PRO A 1077 -69.25 16.26 -3.03
C PRO A 1077 -69.91 16.17 -1.66
N SER A 1078 -70.56 15.03 -1.39
CA SER A 1078 -71.15 14.78 -0.08
C SER A 1078 -70.15 13.98 0.75
N ILE A 1079 -70.47 13.75 2.02
CA ILE A 1079 -69.59 12.97 2.88
C ILE A 1079 -69.29 11.62 2.24
N GLU A 1080 -70.32 11.02 1.65
CA GLU A 1080 -70.17 9.76 0.92
C GLU A 1080 -69.22 9.91 -0.26
N GLU A 1081 -69.57 10.79 -1.20
CA GLU A 1081 -68.80 10.94 -2.43
C GLU A 1081 -67.33 11.22 -2.13
N ALA A 1082 -67.07 11.82 -0.96
CA ALA A 1082 -65.71 12.08 -0.52
C ALA A 1082 -65.03 10.76 -0.15
N GLU A 1083 -65.74 9.92 0.60
CA GLU A 1083 -65.24 8.62 1.00
C GLU A 1083 -64.91 7.77 -0.22
N GLN A 1084 -65.81 7.78 -1.20
CA GLN A 1084 -65.62 7.03 -2.43
C GLN A 1084 -64.25 7.35 -3.03
N THR A 1085 -63.94 8.65 -3.10
CA THR A 1085 -62.65 9.11 -3.60
C THR A 1085 -61.51 8.57 -2.75
N VAL A 1086 -61.64 8.71 -1.44
CA VAL A 1086 -60.64 8.20 -0.50
C VAL A 1086 -60.38 6.71 -0.71
N HIS A 1087 -61.45 5.96 -0.98
CA HIS A 1087 -61.33 4.53 -1.19
C HIS A 1087 -60.74 4.19 -2.55
N ARG A 1088 -61.10 4.96 -3.57
CA ARG A 1088 -60.56 4.77 -4.91
C ARG A 1088 -59.04 4.93 -4.88
N LEU A 1089 -58.58 5.98 -4.23
CA LEU A 1089 -57.15 6.20 -4.04
C LEU A 1089 -56.51 4.98 -3.39
N TYR A 1090 -57.13 4.50 -2.32
CA TYR A 1090 -56.64 3.34 -1.59
C TYR A 1090 -56.50 2.14 -2.52
N GLU A 1091 -57.56 1.85 -3.28
CA GLU A 1091 -57.52 0.77 -4.26
C GLU A 1091 -56.33 0.95 -5.21
N LYS A 1092 -56.24 2.15 -5.79
CA LYS A 1092 -55.22 2.44 -6.78
C LYS A 1092 -53.85 2.65 -6.13
N GLU A 1093 -53.81 2.55 -4.81
CA GLU A 1093 -52.58 2.66 -4.05
C GLU A 1093 -51.93 4.05 -4.07
N LEU A 1094 -52.76 5.10 -3.96
CA LEU A 1094 -52.24 6.45 -3.73
C LEU A 1094 -52.39 6.79 -2.26
N LEU A 1095 -52.90 5.82 -1.49
CA LEU A 1095 -53.15 5.99 -0.08
C LEU A 1095 -52.83 4.70 0.66
N THR A 1096 -52.01 4.79 1.71
CA THR A 1096 -51.72 3.63 2.54
C THR A 1096 -52.91 3.32 3.43
N GLU A 1097 -53.01 2.07 3.87
CA GLU A 1097 -54.13 1.65 4.72
C GLU A 1097 -54.32 2.61 5.88
N GLU A 1098 -53.21 3.01 6.51
CA GLU A 1098 -53.25 3.96 7.60
C GLU A 1098 -53.73 5.33 7.13
N GLN A 1099 -53.07 5.88 6.12
CA GLN A 1099 -53.42 7.19 5.57
C GLN A 1099 -54.93 7.29 5.36
N LYS A 1100 -55.50 6.23 4.80
CA LYS A 1100 -56.94 6.13 4.61
C LYS A 1100 -57.70 6.37 5.91
N ASP A 1101 -57.44 5.52 6.91
CA ASP A 1101 -58.14 5.60 8.18
C ASP A 1101 -57.90 6.92 8.90
N ALA A 1102 -56.83 7.62 8.52
CA ALA A 1102 -56.43 8.84 9.22
C ALA A 1102 -57.12 10.09 8.68
N ILE A 1103 -57.79 9.96 7.54
CA ILE A 1103 -58.44 11.09 6.91
C ILE A 1103 -59.76 11.47 7.58
N ASP A 1104 -59.94 12.76 7.82
CA ASP A 1104 -61.21 13.27 8.34
C ASP A 1104 -62.03 13.83 7.19
N ILE A 1105 -63.04 13.07 6.76
CA ILE A 1105 -63.83 13.40 5.58
C ILE A 1105 -64.48 14.78 5.65
N GLU A 1106 -65.08 15.08 6.80
CA GLU A 1106 -65.75 16.37 7.01
C GLU A 1106 -64.82 17.53 6.66
N GLU A 1107 -63.63 17.54 7.25
CA GLU A 1107 -62.67 18.61 7.02
C GLU A 1107 -62.32 18.76 5.54
N ILE A 1108 -62.55 17.71 4.77
CA ILE A 1108 -62.32 17.75 3.34
C ILE A 1108 -63.53 18.28 2.59
N VAL A 1109 -64.72 17.82 2.99
CA VAL A 1109 -65.96 18.25 2.34
C VAL A 1109 -66.28 19.71 2.67
N GLN A 1110 -65.86 20.14 3.87
CA GLN A 1110 -66.13 21.49 4.34
C GLN A 1110 -65.73 22.56 3.33
N PHE A 1111 -64.52 22.44 2.81
CA PHE A 1111 -63.98 23.45 1.89
C PHE A 1111 -64.96 23.81 0.79
N PHE A 1112 -65.57 22.80 0.18
CA PHE A 1112 -66.46 23.01 -0.96
C PHE A 1112 -67.78 23.67 -0.56
N HIS A 1113 -67.96 23.87 0.74
CA HIS A 1113 -69.12 24.61 1.23
C HIS A 1113 -68.76 26.06 1.52
N THR A 1114 -67.47 26.33 1.59
CA THR A 1114 -66.99 27.70 1.75
C THR A 1114 -67.19 28.44 0.42
N GLU A 1115 -67.07 29.76 0.46
CA GLU A 1115 -67.19 30.57 -0.75
C GLU A 1115 -66.12 30.18 -1.77
N ILE A 1116 -64.86 30.21 -1.34
CA ILE A 1116 -63.75 29.83 -2.21
C ILE A 1116 -64.03 28.50 -2.87
N GLY A 1117 -64.55 27.55 -2.09
CA GLY A 1117 -64.90 26.24 -2.61
C GLY A 1117 -65.87 26.35 -3.77
N GLY A 1118 -67.03 26.96 -3.52
CA GLY A 1118 -68.03 27.14 -4.55
C GLY A 1118 -67.46 27.78 -5.79
N GLN A 1119 -66.58 28.77 -5.60
CA GLN A 1119 -65.93 29.44 -6.71
C GLN A 1119 -65.04 28.47 -7.51
N LEU A 1120 -64.24 27.70 -6.80
CA LEU A 1120 -63.38 26.71 -7.45
C LEU A 1120 -64.21 25.81 -8.34
N ILE A 1121 -65.30 25.27 -7.79
CA ILE A 1121 -66.21 24.42 -8.56
C ILE A 1121 -66.60 25.12 -9.85
N GLY A 1122 -67.37 26.19 -9.75
CA GLY A 1122 -67.79 26.94 -10.91
C GLY A 1122 -66.69 27.84 -11.45
N ALA A 1123 -66.09 27.43 -12.56
CA ALA A 1123 -65.04 28.21 -13.19
C ALA A 1123 -64.82 27.79 -14.64
N LYS A 1124 -64.28 28.71 -15.43
CA LYS A 1124 -64.00 28.42 -16.83
C LYS A 1124 -62.92 27.35 -16.94
N TRP A 1125 -61.89 27.48 -16.10
CA TRP A 1125 -60.69 26.67 -16.21
C TRP A 1125 -60.11 26.37 -14.84
N LYS A 1126 -59.39 25.26 -14.73
CA LYS A 1126 -58.82 24.85 -13.46
C LYS A 1126 -57.72 23.80 -13.63
N ASP A 1127 -56.74 23.82 -12.75
CA ASP A 1127 -55.71 22.80 -12.72
C ASP A 1127 -55.08 22.73 -11.34
N ARG A 1128 -54.59 21.55 -10.96
CA ARG A 1128 -54.00 21.35 -9.65
C ARG A 1128 -52.63 20.69 -9.73
N GLU A 1129 -51.89 20.72 -8.63
CA GLU A 1129 -50.53 20.20 -8.60
C GLU A 1129 -49.75 20.74 -9.78
N ILE A 1130 -49.52 22.05 -9.77
CA ILE A 1130 -48.87 22.73 -10.87
C ILE A 1130 -47.40 23.02 -10.57
N PRO A 1131 -46.49 22.27 -11.20
CA PRO A 1131 -45.05 22.42 -11.00
C PRO A 1131 -44.51 23.66 -11.68
N PHE A 1132 -43.54 24.34 -11.07
CA PHE A 1132 -42.93 25.51 -11.67
C PHE A 1132 -41.48 25.69 -11.26
N SER A 1133 -40.72 26.38 -12.11
CA SER A 1133 -39.36 26.79 -11.80
C SER A 1133 -39.21 28.27 -12.14
N LEU A 1134 -38.75 29.05 -11.18
CA LEU A 1134 -38.68 30.50 -11.34
C LEU A 1134 -37.26 31.02 -11.14
N ALA A 1135 -36.72 31.65 -12.17
CA ALA A 1135 -35.38 32.22 -12.11
C ALA A 1135 -35.39 33.57 -11.41
N LEU A 1136 -34.59 33.69 -10.35
CA LEU A 1136 -34.51 34.93 -9.59
C LEU A 1136 -33.06 35.35 -9.38
N PRO A 1137 -32.82 36.67 -9.24
CA PRO A 1137 -31.48 37.13 -8.86
C PRO A 1137 -31.11 36.56 -7.51
N ALA A 1138 -29.87 36.13 -7.36
CA ALA A 1138 -29.42 35.48 -6.12
C ALA A 1138 -29.80 36.28 -4.88
N LYS A 1139 -29.74 37.61 -5.00
CA LYS A 1139 -30.02 38.50 -3.87
C LYS A 1139 -31.43 38.33 -3.35
N GLU A 1140 -32.39 38.25 -4.27
CA GLU A 1140 -33.81 38.24 -3.93
C GLU A 1140 -34.13 37.28 -2.79
N ILE A 1141 -33.32 36.24 -2.64
CA ILE A 1141 -33.47 35.28 -1.55
C ILE A 1141 -32.38 35.48 -0.50
N TYR A 1142 -31.12 35.35 -0.91
CA TYR A 1142 -29.99 35.57 0.00
C TYR A 1142 -29.59 37.04 -0.01
N PRO A 1143 -29.97 37.77 1.04
CA PRO A 1143 -29.48 39.15 1.13
C PRO A 1143 -28.00 39.16 1.44
N ASP A 1144 -27.58 38.28 2.35
CA ASP A 1144 -26.20 38.22 2.83
C ASP A 1144 -25.17 38.64 1.80
N ALA A 1145 -24.92 37.79 0.81
CA ALA A 1145 -24.05 38.14 -0.31
C ALA A 1145 -24.74 39.20 -1.17
N HIS A 1146 -24.01 40.27 -1.49
CA HIS A 1146 -24.62 41.41 -2.17
C HIS A 1146 -24.15 41.69 -3.60
N GLU A 1147 -23.09 41.03 -4.04
CA GLU A 1147 -22.46 41.41 -5.30
C GLU A 1147 -23.05 40.75 -6.55
N ALA A 1148 -23.09 39.41 -6.57
CA ALA A 1148 -23.41 38.65 -7.76
C ALA A 1148 -24.92 38.48 -7.98
N ASP A 1149 -25.40 38.87 -9.15
CA ASP A 1149 -26.82 38.82 -9.45
C ASP A 1149 -27.23 37.70 -10.43
N GLU A 1150 -26.41 36.65 -10.52
CA GLU A 1150 -26.76 35.51 -11.36
C GLU A 1150 -28.06 34.87 -10.86
N PRO A 1151 -28.94 34.49 -11.79
CA PRO A 1151 -30.23 33.89 -11.45
C PRO A 1151 -30.12 32.47 -10.91
N LEU A 1152 -30.84 32.20 -9.84
CA LEU A 1152 -30.96 30.85 -9.31
C LEU A 1152 -32.41 30.39 -9.52
N LEU A 1153 -32.60 29.07 -9.56
CA LEU A 1153 -33.95 28.52 -9.76
C LEU A 1153 -34.65 28.21 -8.45
N VAL A 1154 -35.81 28.82 -8.23
CA VAL A 1154 -36.67 28.47 -7.12
C VAL A 1154 -37.79 27.60 -7.69
N GLN A 1155 -37.90 26.38 -7.20
CA GLN A 1155 -38.87 25.44 -7.75
C GLN A 1155 -39.89 24.98 -6.70
N GLY A 1156 -41.13 24.84 -7.12
CA GLY A 1156 -42.18 24.39 -6.22
C GLY A 1156 -43.41 23.92 -6.96
N ILE A 1157 -44.50 23.71 -6.22
CA ILE A 1157 -45.76 23.29 -6.80
C ILE A 1157 -46.91 24.11 -6.25
N ILE A 1158 -47.65 24.76 -7.14
CA ILE A 1158 -48.85 25.48 -6.76
C ILE A 1158 -50.00 24.48 -6.61
N ASP A 1159 -50.53 24.40 -5.39
CA ASP A 1159 -51.59 23.44 -5.09
C ASP A 1159 -52.75 23.54 -6.07
N CYS A 1160 -53.26 24.74 -6.29
CA CYS A 1160 -54.43 24.92 -7.15
C CYS A 1160 -54.50 26.30 -7.81
N LEU A 1161 -54.88 26.32 -9.08
CA LEU A 1161 -55.13 27.56 -9.80
C LEU A 1161 -56.44 27.46 -10.56
N TYR A 1162 -57.30 28.47 -10.40
CA TYR A 1162 -58.59 28.49 -11.09
C TYR A 1162 -58.90 29.85 -11.70
N GLU A 1163 -59.70 29.85 -12.77
CA GLU A 1163 -59.99 31.07 -13.52
C GLU A 1163 -61.48 31.37 -13.57
N THR A 1164 -61.85 32.61 -13.24
CA THR A 1164 -63.24 33.04 -13.31
C THR A 1164 -63.34 34.28 -14.20
N GLU A 1165 -64.57 34.78 -14.38
CA GLU A 1165 -64.79 35.97 -15.21
C GLU A 1165 -64.17 37.21 -14.58
N ASP A 1166 -63.64 37.06 -13.37
CA ASP A 1166 -62.95 38.15 -12.69
C ASP A 1166 -61.46 38.13 -13.01
N GLY A 1167 -60.83 37.00 -12.73
CA GLY A 1167 -59.40 36.84 -12.99
C GLY A 1167 -58.88 35.49 -12.56
N LEU A 1168 -57.57 35.39 -12.38
CA LEU A 1168 -56.94 34.15 -11.95
C LEU A 1168 -56.73 34.16 -10.44
N TYR A 1169 -57.12 33.05 -9.79
CA TYR A 1169 -56.99 32.94 -8.35
C TYR A 1169 -56.13 31.76 -7.93
N LEU A 1170 -55.51 31.90 -6.77
CA LEU A 1170 -54.59 30.90 -6.23
C LEU A 1170 -55.23 30.17 -5.06
N LEU A 1171 -54.87 28.90 -4.87
CA LEU A 1171 -55.43 28.10 -3.80
C LEU A 1171 -54.40 27.14 -3.19
N ALA A 1172 -54.32 27.14 -1.86
CA ALA A 1172 -53.41 26.26 -1.15
C ALA A 1172 -54.06 25.69 0.11
N TYR A 1173 -53.91 24.39 0.33
CA TYR A 1173 -54.47 23.75 1.51
C TYR A 1173 -53.38 23.43 2.51
N LYS A 1174 -53.57 23.85 3.76
CA LYS A 1174 -52.56 23.65 4.79
C LYS A 1174 -53.12 22.87 5.98
N SER A 1175 -52.38 21.86 6.42
CA SER A 1175 -52.82 21.00 7.51
C SER A 1175 -52.36 21.52 8.86
N ASP A 1176 -51.95 22.79 8.90
CA ASP A 1176 -51.51 23.40 10.14
C ASP A 1176 -52.52 23.22 11.26
N ARG A 1177 -52.03 23.04 12.48
CA ARG A 1177 -52.90 22.92 13.64
C ARG A 1177 -53.31 24.30 14.14
N ILE A 1178 -54.61 24.51 14.27
CA ILE A 1178 -55.14 25.80 14.72
C ILE A 1178 -55.81 25.71 16.08
N GLU A 1179 -56.95 25.02 16.12
CA GLU A 1179 -57.79 25.00 17.31
C GLU A 1179 -57.27 24.09 18.41
N GLY A 1180 -56.94 24.70 19.56
CA GLY A 1180 -56.45 23.97 20.70
C GLY A 1180 -56.51 24.80 21.97
N GLY A 1185 -59.30 31.59 19.69
CA GLY A 1185 -59.91 31.10 18.47
C GLY A 1185 -58.95 31.12 17.30
N PHE A 1186 -59.51 31.06 16.09
CA PHE A 1186 -58.72 31.12 14.87
C PHE A 1186 -58.41 32.57 14.50
N GLU A 1187 -59.15 33.49 15.12
CA GLU A 1187 -58.95 34.91 14.90
C GLU A 1187 -57.50 35.29 15.19
N GLY A 1188 -56.95 34.75 16.27
CA GLY A 1188 -55.59 35.06 16.68
C GLY A 1188 -54.54 34.29 15.92
N ALA A 1189 -54.93 33.14 15.37
CA ALA A 1189 -54.01 32.31 14.61
C ALA A 1189 -53.78 32.88 13.22
N ALA A 1190 -54.82 33.51 12.67
CA ALA A 1190 -54.76 34.05 11.32
C ALA A 1190 -53.50 34.87 11.04
N PRO A 1191 -53.22 35.88 11.89
CA PRO A 1191 -52.02 36.70 11.68
C PRO A 1191 -50.75 35.86 11.62
N ILE A 1192 -50.60 34.92 12.54
CA ILE A 1192 -49.41 34.08 12.57
C ILE A 1192 -49.29 33.20 11.33
N LEU A 1193 -50.38 32.51 10.98
CA LEU A 1193 -50.41 31.68 9.79
C LEU A 1193 -50.09 32.51 8.55
N LYS A 1194 -50.65 33.72 8.50
CA LYS A 1194 -50.43 34.61 7.37
C LYS A 1194 -48.95 34.84 7.11
N LYS A 1195 -48.18 35.01 8.19
CA LYS A 1195 -46.76 35.29 8.07
C LYS A 1195 -45.93 34.03 7.87
N ARG A 1196 -46.50 32.88 8.20
CA ARG A 1196 -45.82 31.61 8.01
C ARG A 1196 -45.70 31.30 6.52
N TYR A 1197 -46.81 31.42 5.80
CA TYR A 1197 -46.85 31.13 4.37
C TYR A 1197 -46.83 32.42 3.54
N GLU A 1198 -46.56 33.54 4.18
CA GLU A 1198 -46.52 34.83 3.50
C GLU A 1198 -45.51 34.85 2.36
N THR A 1199 -44.27 34.45 2.67
CA THR A 1199 -43.20 34.45 1.68
C THR A 1199 -43.46 33.46 0.56
N GLN A 1200 -43.88 32.25 0.91
CA GLN A 1200 -44.13 31.21 -0.06
C GLN A 1200 -45.11 31.65 -1.14
N ILE A 1201 -46.27 32.14 -0.71
CA ILE A 1201 -47.35 32.50 -1.63
C ILE A 1201 -46.95 33.59 -2.63
N GLN A 1202 -46.15 34.55 -2.19
CA GLN A 1202 -45.69 35.61 -3.08
C GLN A 1202 -44.82 35.05 -4.20
N LEU A 1203 -44.01 34.04 -3.87
CA LEU A 1203 -43.19 33.36 -4.88
C LEU A 1203 -44.08 32.65 -5.89
N TYR A 1204 -45.16 32.03 -5.39
CA TYR A 1204 -46.12 31.37 -6.26
C TYR A 1204 -46.69 32.36 -7.28
N THR A 1205 -47.30 33.43 -6.80
CA THR A 1205 -47.85 34.45 -7.69
C THR A 1205 -46.78 35.07 -8.58
N LYS A 1206 -45.59 35.26 -8.01
CA LYS A 1206 -44.45 35.76 -8.78
C LYS A 1206 -44.20 34.82 -9.96
N ALA A 1207 -44.06 33.54 -9.67
CA ALA A 1207 -43.85 32.53 -10.70
C ALA A 1207 -44.91 32.64 -11.80
N VAL A 1208 -46.16 32.72 -11.39
CA VAL A 1208 -47.26 32.82 -12.34
C VAL A 1208 -47.20 34.12 -13.14
N GLU A 1209 -47.10 35.23 -12.43
CA GLU A 1209 -47.12 36.55 -13.06
C GLU A 1209 -45.97 36.76 -14.02
N GLN A 1210 -44.75 36.41 -13.60
CA GLN A 1210 -43.57 36.60 -14.44
C GLN A 1210 -43.55 35.63 -15.62
N ILE A 1211 -43.74 34.34 -15.33
CA ILE A 1211 -43.65 33.32 -16.36
C ILE A 1211 -44.83 33.33 -17.32
N ALA A 1212 -46.04 33.35 -16.77
CA ALA A 1212 -47.25 33.27 -17.60
C ALA A 1212 -47.63 34.64 -18.19
N LYS A 1213 -47.03 35.69 -17.65
CA LYS A 1213 -47.29 37.05 -18.12
C LYS A 1213 -48.75 37.47 -17.92
N THR A 1214 -49.43 36.81 -16.99
CA THR A 1214 -50.73 37.25 -16.52
C THR A 1214 -50.57 37.69 -15.07
N LYS A 1215 -51.67 38.08 -14.43
CA LYS A 1215 -51.60 38.51 -13.04
C LYS A 1215 -52.53 37.72 -12.14
N VAL A 1216 -52.11 37.50 -10.90
CA VAL A 1216 -52.91 36.75 -9.93
C VAL A 1216 -53.58 37.70 -8.96
N LYS A 1217 -54.91 37.77 -9.02
CA LYS A 1217 -55.68 38.59 -8.09
C LYS A 1217 -56.14 37.77 -6.89
N GLY A 1218 -55.62 38.10 -5.71
CA GLY A 1218 -56.01 37.42 -4.50
C GLY A 1218 -55.55 35.99 -4.43
N CYS A 1219 -55.32 35.50 -3.21
CA CYS A 1219 -54.92 34.12 -3.00
C CYS A 1219 -55.53 33.62 -1.70
N ALA A 1220 -56.10 32.42 -1.75
CA ALA A 1220 -56.76 31.85 -0.59
C ALA A 1220 -55.99 30.67 0.00
N LEU A 1221 -56.03 30.55 1.32
CA LEU A 1221 -55.46 29.40 2.00
C LEU A 1221 -56.54 28.74 2.83
N TYR A 1222 -56.64 27.42 2.74
CA TYR A 1222 -57.63 26.65 3.49
C TYR A 1222 -56.95 25.84 4.58
N PHE A 1223 -57.62 25.73 5.73
CA PHE A 1223 -57.06 24.99 6.86
C PHE A 1223 -58.01 23.90 7.35
N PHE A 1224 -57.54 22.67 7.34
CA PHE A 1224 -58.37 21.53 7.67
C PHE A 1224 -58.85 21.54 9.12
N ASP A 1225 -58.10 22.21 9.98
CA ASP A 1225 -58.49 22.30 11.38
C ASP A 1225 -59.50 23.43 11.57
N GLY A 1226 -60.77 23.05 11.69
CA GLY A 1226 -61.85 24.01 11.79
C GLY A 1226 -62.43 24.37 10.44
N GLY A 1227 -61.69 24.09 9.37
CA GLY A 1227 -62.13 24.38 8.02
C GLY A 1227 -62.24 25.87 7.77
N HIS A 1228 -61.15 26.60 8.01
CA HIS A 1228 -61.15 28.05 7.85
C HIS A 1228 -60.58 28.47 6.51
N ILE A 1229 -60.62 29.77 6.25
CA ILE A 1229 -60.02 30.35 5.04
C ILE A 1229 -59.49 31.75 5.33
N LEU A 1230 -58.36 32.11 4.72
CA LEU A 1230 -57.85 33.47 4.80
C LEU A 1230 -57.26 33.91 3.48
N THR A 1231 -57.43 35.18 3.15
CA THR A 1231 -56.97 35.73 1.88
C THR A 1231 -55.77 36.65 2.04
N LEU A 1232 -54.91 36.68 1.03
CA LEU A 1232 -53.71 37.50 1.04
C LEU A 1232 -53.69 38.42 -0.18
N GLY B 2 -47.79 11.92 -34.00
CA GLY B 2 -46.79 12.53 -34.85
C GLY B 2 -45.39 12.40 -34.28
N ALA B 3 -44.48 11.84 -35.07
CA ALA B 3 -43.10 11.65 -34.63
C ALA B 3 -42.12 12.44 -35.48
N GLU B 4 -41.23 13.18 -34.82
CA GLU B 4 -40.22 13.96 -35.52
C GLU B 4 -38.81 13.48 -35.17
N PHE B 5 -38.06 13.13 -36.20
CA PHE B 5 -36.68 12.67 -35.99
C PHE B 5 -35.68 13.77 -36.28
N LEU B 6 -35.13 14.33 -35.21
CA LEU B 6 -34.09 15.35 -35.32
C LEU B 6 -32.73 14.70 -35.12
N VAL B 7 -31.93 14.64 -36.18
CA VAL B 7 -30.64 13.96 -36.11
C VAL B 7 -29.50 14.78 -36.71
N GLY B 8 -28.29 14.49 -36.24
CA GLY B 8 -27.10 15.18 -36.70
C GLY B 8 -25.90 14.77 -35.87
N ARG B 9 -24.72 15.22 -36.26
CA ARG B 9 -23.51 14.91 -35.52
C ARG B 9 -23.41 15.75 -34.26
N SER B 10 -22.42 15.45 -33.42
CA SER B 10 -22.24 16.17 -32.17
C SER B 10 -21.85 17.62 -32.43
N GLY B 11 -22.44 18.52 -31.67
CA GLY B 11 -22.17 19.94 -31.81
C GLY B 11 -22.85 20.56 -33.01
N SER B 12 -23.96 19.97 -33.44
CA SER B 12 -24.71 20.49 -34.57
C SER B 12 -25.82 21.43 -34.14
N GLY B 13 -26.12 21.43 -32.84
CA GLY B 13 -27.07 22.38 -32.28
C GLY B 13 -28.45 21.81 -31.98
N LYS B 14 -28.58 20.49 -32.00
CA LYS B 14 -29.86 19.86 -31.70
C LYS B 14 -30.46 20.41 -30.42
N THR B 15 -29.79 20.15 -29.30
CA THR B 15 -30.28 20.49 -27.97
C THR B 15 -30.71 21.95 -27.87
N LYS B 16 -29.89 22.85 -28.39
CA LYS B 16 -30.25 24.26 -28.41
C LYS B 16 -31.58 24.43 -29.16
N LEU B 17 -31.64 23.88 -30.37
CA LEU B 17 -32.83 23.94 -31.20
C LEU B 17 -34.08 23.49 -30.44
N ILE B 18 -33.91 22.49 -29.59
CA ILE B 18 -35.03 22.00 -28.78
C ILE B 18 -35.35 22.96 -27.64
N ILE B 19 -34.31 23.45 -26.97
CA ILE B 19 -34.49 24.40 -25.88
C ILE B 19 -35.29 25.61 -26.37
N ASN B 20 -34.80 26.24 -27.43
CA ASN B 20 -35.46 27.41 -28.01
C ASN B 20 -36.93 27.17 -28.33
N SER B 21 -37.22 26.04 -28.96
CA SER B 21 -38.59 25.69 -29.33
C SER B 21 -39.52 25.68 -28.12
N ILE B 22 -39.18 24.86 -27.13
CA ILE B 22 -39.96 24.79 -25.90
C ILE B 22 -40.15 26.18 -25.30
N GLN B 23 -39.13 27.03 -25.46
CA GLN B 23 -39.17 28.39 -24.92
C GLN B 23 -40.18 29.26 -25.65
N ASP B 24 -40.14 29.26 -26.98
CA ASP B 24 -41.12 29.98 -27.77
C ASP B 24 -42.52 29.45 -27.47
N GLU B 25 -42.60 28.14 -27.26
CA GLU B 25 -43.86 27.48 -26.98
C GLU B 25 -44.40 27.95 -25.62
N LEU B 26 -43.48 28.25 -24.70
CA LEU B 26 -43.85 28.84 -23.42
C LEU B 26 -44.23 30.30 -23.64
N ARG B 27 -43.57 30.94 -24.60
CA ARG B 27 -43.82 32.33 -24.92
C ARG B 27 -45.20 32.52 -25.54
N ARG B 28 -45.62 31.54 -26.34
CA ARG B 28 -46.86 31.64 -27.09
C ARG B 28 -48.10 31.27 -26.28
N ALA B 29 -48.03 30.15 -25.57
CA ALA B 29 -49.15 29.70 -24.76
C ALA B 29 -48.69 29.18 -23.40
N PRO B 30 -48.49 30.09 -22.44
CA PRO B 30 -47.99 29.79 -21.10
C PRO B 30 -48.78 28.68 -20.40
N PHE B 31 -50.09 28.62 -20.64
CA PHE B 31 -50.94 27.62 -19.99
C PHE B 31 -51.34 26.48 -20.92
N GLY B 32 -50.63 26.34 -22.03
CA GLY B 32 -50.93 25.29 -22.99
C GLY B 32 -50.73 23.90 -22.41
N LYS B 33 -51.05 22.90 -23.23
CA LYS B 33 -50.92 21.50 -22.82
C LYS B 33 -49.49 21.21 -22.38
N PRO B 34 -49.33 20.23 -21.48
CA PRO B 34 -48.02 19.89 -20.91
C PRO B 34 -46.92 19.66 -21.94
N ILE B 35 -45.75 20.22 -21.69
CA ILE B 35 -44.57 19.96 -22.50
C ILE B 35 -43.56 19.14 -21.70
N ILE B 36 -43.33 17.91 -22.13
CA ILE B 36 -42.45 17.00 -21.41
C ILE B 36 -41.08 16.86 -22.06
N PHE B 37 -40.06 17.33 -21.37
CA PHE B 37 -38.69 17.22 -21.85
C PHE B 37 -38.03 16.01 -21.21
N LEU B 38 -37.85 14.95 -21.99
CA LEU B 38 -37.33 13.69 -21.47
C LEU B 38 -35.84 13.51 -21.79
N VAL B 39 -35.02 13.63 -20.75
CA VAL B 39 -33.57 13.50 -20.90
C VAL B 39 -33.03 12.50 -19.88
N PRO B 40 -31.75 12.13 -20.01
CA PRO B 40 -31.13 11.26 -19.00
C PRO B 40 -31.11 11.91 -17.62
N ASP B 41 -31.00 11.11 -16.58
CA ASP B 41 -31.07 11.60 -15.20
C ASP B 41 -30.07 12.72 -14.92
N GLN B 42 -28.87 12.59 -15.48
CA GLN B 42 -27.80 13.55 -15.20
C GLN B 42 -27.93 14.83 -16.02
N MET B 43 -28.85 14.84 -16.98
CA MET B 43 -29.01 15.98 -17.86
C MET B 43 -30.20 16.84 -17.45
N THR B 44 -30.92 16.38 -16.43
CA THR B 44 -32.15 17.04 -16.00
C THR B 44 -31.93 18.47 -15.50
N PHE B 45 -31.07 18.62 -14.49
CA PHE B 45 -30.84 19.91 -13.87
C PHE B 45 -30.18 20.89 -14.85
N LEU B 46 -29.49 20.35 -15.85
CA LEU B 46 -28.85 21.17 -16.86
C LEU B 46 -29.88 21.88 -17.74
N MET B 47 -30.89 21.14 -18.18
CA MET B 47 -31.91 21.68 -19.06
C MET B 47 -32.87 22.59 -18.29
N GLU B 48 -33.10 22.27 -17.04
CA GLU B 48 -33.95 23.09 -16.18
C GLU B 48 -33.39 24.51 -16.09
N TYR B 49 -32.08 24.62 -15.93
CA TYR B 49 -31.42 25.91 -15.83
C TYR B 49 -31.45 26.67 -17.15
N GLU B 50 -31.29 25.95 -18.26
CA GLU B 50 -31.26 26.57 -19.58
C GLU B 50 -32.63 27.07 -20.03
N LEU B 51 -33.65 26.22 -19.93
CA LEU B 51 -35.00 26.61 -20.30
C LEU B 51 -35.39 27.93 -19.64
N ALA B 52 -35.26 27.96 -18.32
CA ALA B 52 -35.65 29.12 -17.51
C ALA B 52 -34.77 30.33 -17.77
N LYS B 53 -33.74 30.16 -18.59
CA LYS B 53 -32.84 31.26 -18.89
C LYS B 53 -33.33 32.07 -20.08
N THR B 54 -34.18 33.05 -19.78
CA THR B 54 -34.74 33.94 -20.79
C THR B 54 -34.97 35.32 -20.21
N PRO B 55 -34.83 36.36 -21.04
CA PRO B 55 -35.13 37.73 -20.59
C PRO B 55 -36.63 37.91 -20.45
N ASP B 56 -37.37 37.25 -21.33
CA ASP B 56 -38.82 37.36 -21.38
C ASP B 56 -39.47 36.77 -20.13
N MET B 57 -39.26 35.47 -19.93
CA MET B 57 -39.99 34.73 -18.90
C MET B 57 -39.15 34.44 -17.66
N GLY B 58 -37.98 33.84 -17.85
CA GLY B 58 -37.11 33.48 -16.75
C GLY B 58 -37.74 32.40 -15.89
N GLY B 59 -38.21 31.33 -16.54
CA GLY B 59 -38.85 30.24 -15.84
C GLY B 59 -39.83 29.51 -16.74
N MET B 60 -40.46 28.46 -16.22
CA MET B 60 -41.45 27.70 -16.99
C MET B 60 -42.50 27.04 -16.10
N ILE B 61 -43.69 26.85 -16.66
CA ILE B 61 -44.79 26.18 -15.97
C ILE B 61 -45.36 25.06 -16.84
N ARG B 62 -45.59 25.39 -18.10
CA ARG B 62 -46.15 24.43 -19.06
C ARG B 62 -45.15 23.30 -19.34
N ALA B 63 -43.87 23.63 -19.35
CA ALA B 63 -42.83 22.66 -19.65
C ALA B 63 -42.18 22.09 -18.38
N GLN B 64 -41.86 20.80 -18.41
CA GLN B 64 -41.20 20.15 -17.30
C GLN B 64 -40.05 19.29 -17.82
N VAL B 65 -39.01 19.15 -17.02
CA VAL B 65 -37.89 18.28 -17.38
C VAL B 65 -37.96 16.98 -16.59
N PHE B 66 -38.09 15.87 -17.32
CA PHE B 66 -38.23 14.56 -16.70
C PHE B 66 -37.14 13.58 -17.11
N SER B 67 -36.74 12.75 -16.16
CA SER B 67 -36.03 11.52 -16.48
C SER B 67 -37.10 10.44 -16.49
N PHE B 68 -36.76 9.25 -16.96
CA PHE B 68 -37.74 8.15 -16.99
C PHE B 68 -38.31 7.91 -15.59
N SER B 69 -37.51 8.20 -14.58
CA SER B 69 -37.92 8.01 -13.19
C SER B 69 -38.96 9.04 -12.78
N ARG B 70 -38.56 10.30 -12.75
CA ARG B 70 -39.46 11.39 -12.34
C ARG B 70 -40.74 11.40 -13.18
N LEU B 71 -40.63 11.06 -14.46
CA LEU B 71 -41.80 10.97 -15.31
C LEU B 71 -42.74 9.88 -14.80
N ALA B 72 -42.17 8.72 -14.49
CA ALA B 72 -42.94 7.61 -13.94
C ALA B 72 -43.59 8.04 -12.62
N TRP B 73 -42.76 8.57 -11.72
CA TRP B 73 -43.25 9.04 -10.43
C TRP B 73 -44.45 9.98 -10.56
N ARG B 74 -44.35 10.93 -11.48
CA ARG B 74 -45.43 11.88 -11.73
C ARG B 74 -46.70 11.16 -12.15
N VAL B 75 -46.65 10.50 -13.31
CA VAL B 75 -47.81 9.81 -13.86
C VAL B 75 -48.44 8.85 -12.85
N LEU B 76 -47.63 8.34 -11.93
CA LEU B 76 -48.10 7.39 -10.95
C LEU B 76 -48.77 8.05 -9.73
N GLN B 77 -48.31 9.23 -9.34
CA GLN B 77 -48.95 9.96 -8.26
C GLN B 77 -50.38 10.29 -8.66
N HIS B 78 -50.68 10.04 -9.93
CA HIS B 78 -52.01 10.30 -10.47
C HIS B 78 -52.74 8.99 -10.74
N THR B 79 -52.13 8.12 -11.54
CA THR B 79 -52.74 6.86 -11.93
C THR B 79 -52.67 5.79 -10.84
N GLY B 80 -51.67 5.89 -9.97
CA GLY B 80 -51.60 5.03 -8.80
C GLY B 80 -50.45 4.05 -8.73
N GLY B 81 -50.17 3.58 -7.51
CA GLY B 81 -49.12 2.61 -7.28
C GLY B 81 -47.97 3.11 -6.41
N MET B 82 -48.01 4.40 -6.08
CA MET B 82 -46.91 5.01 -5.34
C MET B 82 -46.89 4.69 -3.84
N SER B 83 -48.06 4.43 -3.27
CA SER B 83 -48.15 4.08 -1.85
C SER B 83 -47.64 2.67 -1.60
N ARG B 84 -47.22 1.99 -2.66
CA ARG B 84 -46.62 0.68 -2.56
C ARG B 84 -45.18 0.81 -2.06
N PRO B 85 -44.81 0.03 -1.05
CA PRO B 85 -43.49 0.09 -0.43
C PRO B 85 -42.38 -0.12 -1.46
N PHE B 86 -41.25 0.55 -1.26
CA PHE B 86 -40.13 0.49 -2.21
C PHE B 86 -38.94 -0.28 -1.64
N LEU B 87 -38.36 -1.14 -2.48
CA LEU B 87 -37.22 -1.95 -2.05
C LEU B 87 -35.89 -1.43 -2.60
N THR B 88 -34.91 -1.30 -1.71
CA THR B 88 -33.57 -0.90 -2.10
C THR B 88 -32.79 -2.10 -2.65
N SER B 89 -31.79 -1.83 -3.47
CA SER B 89 -30.96 -2.89 -4.05
C SER B 89 -30.42 -3.82 -2.96
N THR B 90 -30.10 -3.24 -1.81
CA THR B 90 -29.61 -4.01 -0.67
C THR B 90 -30.70 -4.89 -0.10
N GLY B 91 -31.92 -4.34 -0.06
CA GLY B 91 -33.07 -5.09 0.42
C GLY B 91 -33.34 -6.31 -0.45
N VAL B 92 -33.08 -6.16 -1.75
CA VAL B 92 -33.23 -7.27 -2.68
C VAL B 92 -32.17 -8.34 -2.42
N GLN B 93 -30.94 -7.90 -2.19
CA GLN B 93 -29.85 -8.81 -1.90
C GLN B 93 -30.10 -9.58 -0.61
N MET B 94 -30.63 -8.88 0.40
CA MET B 94 -30.98 -9.52 1.66
C MET B 94 -31.99 -10.63 1.41
N LEU B 95 -33.03 -10.32 0.64
CA LEU B 95 -34.01 -11.31 0.24
C LEU B 95 -33.32 -12.45 -0.51
N LEU B 96 -32.54 -12.09 -1.51
CA LEU B 96 -31.83 -13.07 -2.32
C LEU B 96 -31.03 -14.05 -1.47
N ARG B 97 -30.23 -13.53 -0.54
CA ARG B 97 -29.42 -14.38 0.32
C ARG B 97 -30.28 -15.37 1.10
N LYS B 98 -31.49 -14.97 1.44
CA LYS B 98 -32.43 -15.88 2.09
C LYS B 98 -32.87 -16.97 1.11
N LEU B 99 -33.09 -16.57 -0.14
CA LEU B 99 -33.51 -17.50 -1.18
C LEU B 99 -32.40 -18.47 -1.56
N ILE B 100 -31.19 -17.95 -1.76
CA ILE B 100 -30.06 -18.80 -2.11
C ILE B 100 -29.89 -19.93 -1.08
N GLU B 101 -30.21 -19.63 0.17
CA GLU B 101 -30.09 -20.60 1.25
C GLU B 101 -30.97 -21.83 0.99
N GLU B 102 -32.29 -21.61 1.03
CA GLU B 102 -33.25 -22.70 0.92
C GLU B 102 -33.22 -23.42 -0.43
N HIS B 103 -33.19 -22.66 -1.52
CA HIS B 103 -33.21 -23.24 -2.86
C HIS B 103 -31.80 -23.60 -3.35
N LYS B 104 -30.82 -23.49 -2.45
CA LYS B 104 -29.43 -23.76 -2.77
C LYS B 104 -29.22 -25.12 -3.45
N GLN B 105 -29.73 -26.17 -2.80
CA GLN B 105 -29.45 -27.54 -3.23
C GLN B 105 -30.04 -27.90 -4.60
N GLU B 106 -30.78 -26.97 -5.20
CA GLU B 106 -31.38 -27.21 -6.50
C GLU B 106 -30.52 -26.68 -7.64
N PHE B 107 -29.49 -25.91 -7.30
CA PHE B 107 -28.60 -25.35 -8.30
C PHE B 107 -27.81 -26.42 -9.03
N LYS B 108 -27.73 -26.30 -10.36
CA LYS B 108 -26.98 -27.24 -11.18
C LYS B 108 -25.53 -26.82 -11.35
N VAL B 109 -25.24 -25.56 -11.04
CA VAL B 109 -23.90 -25.02 -11.24
C VAL B 109 -23.39 -24.21 -10.04
N TYR B 110 -24.16 -23.19 -9.66
CA TYR B 110 -23.71 -22.23 -8.65
C TYR B 110 -23.82 -22.73 -7.22
N GLN B 111 -24.12 -24.01 -7.05
CA GLN B 111 -24.25 -24.57 -5.70
C GLN B 111 -23.04 -24.26 -4.85
N LYS B 112 -21.86 -24.25 -5.47
CA LYS B 112 -20.63 -23.96 -4.75
C LYS B 112 -20.42 -22.47 -4.58
N ALA B 113 -20.97 -21.69 -5.51
CA ALA B 113 -20.80 -20.24 -5.49
C ALA B 113 -21.89 -19.54 -4.69
N SER B 114 -22.91 -20.30 -4.29
CA SER B 114 -24.04 -19.72 -3.58
C SER B 114 -23.60 -19.11 -2.24
N ASP B 115 -22.65 -19.78 -1.58
CA ASP B 115 -22.15 -19.33 -0.29
C ASP B 115 -21.63 -17.91 -0.32
N LYS B 116 -20.63 -17.66 -1.16
CA LYS B 116 -19.94 -16.37 -1.20
C LYS B 116 -20.88 -15.17 -1.22
N SER B 117 -20.58 -14.18 -0.39
CA SER B 117 -21.42 -13.00 -0.22
C SER B 117 -21.44 -12.10 -1.45
N GLY B 118 -20.46 -12.28 -2.33
CA GLY B 118 -20.39 -11.48 -3.54
C GLY B 118 -21.24 -12.05 -4.65
N PHE B 119 -21.82 -13.22 -4.41
CA PHE B 119 -22.68 -13.88 -5.39
C PHE B 119 -24.10 -13.31 -5.35
N THR B 120 -24.46 -12.73 -4.22
CA THR B 120 -25.79 -12.14 -4.06
C THR B 120 -25.90 -10.84 -4.86
N ALA B 121 -24.79 -10.11 -4.93
CA ALA B 121 -24.75 -8.86 -5.65
C ALA B 121 -24.73 -9.13 -7.15
N GLN B 122 -24.13 -10.25 -7.53
CA GLN B 122 -24.00 -10.62 -8.94
C GLN B 122 -25.35 -11.06 -9.50
N VAL B 123 -26.13 -11.76 -8.70
CA VAL B 123 -27.46 -12.20 -9.09
C VAL B 123 -28.41 -11.00 -9.13
N GLU B 124 -28.35 -10.17 -8.09
CA GLU B 124 -29.18 -8.98 -8.00
C GLU B 124 -29.01 -8.11 -9.24
N ARG B 125 -27.79 -8.01 -9.73
CA ARG B 125 -27.50 -7.22 -10.92
C ARG B 125 -28.03 -7.88 -12.19
N MET B 126 -28.07 -9.21 -12.19
CA MET B 126 -28.55 -9.95 -13.36
C MET B 126 -30.06 -9.91 -13.47
N LEU B 127 -30.74 -9.94 -12.32
CA LEU B 127 -32.20 -9.85 -12.31
C LEU B 127 -32.66 -8.46 -12.72
N THR B 128 -31.96 -7.44 -12.21
CA THR B 128 -32.21 -6.07 -12.64
C THR B 128 -32.18 -5.99 -14.15
N GLU B 129 -31.13 -6.55 -14.75
CA GLU B 129 -30.96 -6.53 -16.19
C GLU B 129 -32.09 -7.28 -16.90
N PHE B 130 -32.63 -8.29 -16.24
CA PHE B 130 -33.71 -9.08 -16.82
C PHE B 130 -35.02 -8.32 -16.90
N LYS B 131 -35.27 -7.45 -15.93
CA LYS B 131 -36.46 -6.62 -15.95
C LYS B 131 -36.33 -5.53 -17.00
N ARG B 132 -35.21 -4.82 -16.96
CA ARG B 132 -34.93 -3.74 -17.90
C ARG B 132 -35.07 -4.20 -19.35
N TYR B 133 -34.84 -5.48 -19.59
CA TYR B 133 -34.90 -6.03 -20.94
C TYR B 133 -36.12 -6.92 -21.15
N CYS B 134 -37.15 -6.70 -20.33
CA CYS B 134 -38.43 -7.40 -20.47
C CYS B 134 -38.29 -8.91 -20.59
N LEU B 135 -37.60 -9.52 -19.63
CA LEU B 135 -37.49 -10.97 -19.59
C LEU B 135 -37.95 -11.52 -18.24
N GLU B 136 -39.13 -12.11 -18.24
CA GLU B 136 -39.76 -12.65 -17.03
C GLU B 136 -39.08 -13.93 -16.61
N PRO B 137 -39.34 -14.38 -15.37
CA PRO B 137 -38.82 -15.68 -14.92
C PRO B 137 -39.21 -16.78 -15.91
N GLU B 138 -40.47 -16.78 -16.31
CA GLU B 138 -40.97 -17.75 -17.27
C GLU B 138 -40.10 -17.76 -18.52
N ASP B 139 -39.74 -16.57 -18.99
CA ASP B 139 -38.87 -16.42 -20.15
C ASP B 139 -37.52 -17.09 -19.92
N ILE B 140 -36.87 -16.74 -18.82
CA ILE B 140 -35.59 -17.34 -18.47
C ILE B 140 -35.71 -18.86 -18.39
N ARG B 141 -36.80 -19.33 -17.79
CA ARG B 141 -37.10 -20.76 -17.76
C ARG B 141 -37.12 -21.32 -19.18
N ARG B 142 -37.83 -20.65 -20.07
CA ARG B 142 -37.95 -21.08 -21.46
C ARG B 142 -36.58 -21.30 -22.08
N MET B 143 -35.74 -20.27 -22.01
CA MET B 143 -34.40 -20.32 -22.60
C MET B 143 -33.55 -21.40 -21.95
N ALA B 144 -33.67 -21.52 -20.63
CA ALA B 144 -32.85 -22.43 -19.84
C ALA B 144 -32.94 -23.88 -20.34
N GLU B 145 -34.07 -24.22 -20.94
CA GLU B 145 -34.28 -25.58 -21.44
C GLU B 145 -34.14 -25.67 -22.95
N SER B 146 -33.78 -24.55 -23.58
CA SER B 146 -33.49 -24.54 -25.00
C SER B 146 -32.07 -25.03 -25.24
N GLY B 147 -31.18 -24.70 -24.31
CA GLY B 147 -29.80 -25.14 -24.38
C GLY B 147 -29.63 -26.49 -23.71
N THR B 148 -30.69 -26.96 -23.06
CA THR B 148 -30.68 -28.26 -22.39
C THR B 148 -30.80 -29.40 -23.41
N ALA B 149 -29.88 -30.35 -23.34
CA ALA B 149 -29.91 -31.54 -24.18
C ALA B 149 -29.49 -31.31 -25.64
N SER B 150 -28.78 -30.21 -25.87
CA SER B 150 -28.07 -29.98 -27.12
C SER B 150 -26.59 -29.92 -26.77
N GLU B 151 -25.73 -30.53 -27.57
CA GLU B 151 -24.33 -30.63 -27.14
C GLU B 151 -23.36 -29.63 -27.75
N TYR B 152 -23.29 -28.46 -27.10
CA TYR B 152 -22.16 -27.56 -27.21
C TYR B 152 -21.79 -27.21 -25.78
N ARG B 153 -20.73 -27.81 -25.24
CA ARG B 153 -20.34 -27.48 -23.88
C ARG B 153 -20.03 -25.99 -23.79
N GLY B 154 -20.72 -25.32 -22.87
CA GLY B 154 -20.76 -23.87 -22.83
C GLY B 154 -22.20 -23.45 -23.03
N GLU B 155 -22.90 -24.20 -23.87
CA GLU B 155 -24.35 -24.08 -23.98
C GLU B 155 -24.99 -24.77 -22.79
N ARG B 156 -24.65 -26.04 -22.60
CA ARG B 156 -25.15 -26.80 -21.46
C ARG B 156 -24.88 -26.03 -20.18
N VAL B 157 -23.62 -25.71 -19.95
CA VAL B 157 -23.23 -24.93 -18.79
C VAL B 157 -24.12 -23.68 -18.66
N LEU B 158 -24.27 -22.95 -19.75
CA LEU B 158 -25.09 -21.76 -19.79
C LEU B 158 -26.52 -22.05 -19.30
N SER B 159 -27.17 -23.01 -19.95
CA SER B 159 -28.55 -23.34 -19.62
C SER B 159 -28.71 -23.66 -18.14
N GLU B 160 -27.65 -24.19 -17.54
CA GLU B 160 -27.64 -24.50 -16.12
C GLU B 160 -27.70 -23.23 -15.28
N LYS B 161 -26.85 -22.26 -15.61
CA LYS B 161 -26.85 -20.97 -14.91
C LYS B 161 -28.23 -20.34 -15.01
N LEU B 162 -28.74 -20.25 -16.24
CA LEU B 162 -30.06 -19.71 -16.49
C LEU B 162 -31.12 -20.45 -15.67
N HIS B 163 -30.93 -21.76 -15.52
CA HIS B 163 -31.84 -22.57 -14.71
C HIS B 163 -31.81 -22.13 -13.25
N ASP B 164 -30.61 -21.98 -12.71
CA ASP B 164 -30.43 -21.57 -11.33
C ASP B 164 -30.99 -20.17 -11.12
N LEU B 165 -30.55 -19.24 -11.97
CA LEU B 165 -31.06 -17.87 -11.93
C LEU B 165 -32.58 -17.90 -11.98
N SER B 166 -33.12 -18.70 -12.90
CA SER B 166 -34.56 -18.84 -13.07
C SER B 166 -35.27 -19.14 -11.76
N ILE B 167 -34.67 -20.01 -10.95
CA ILE B 167 -35.22 -20.35 -9.64
C ILE B 167 -35.26 -19.12 -8.73
N LEU B 168 -34.08 -18.66 -8.31
CA LEU B 168 -33.98 -17.47 -7.48
C LEU B 168 -34.88 -16.36 -8.02
N TYR B 169 -34.86 -16.20 -9.33
CA TYR B 169 -35.69 -15.23 -10.01
C TYR B 169 -37.16 -15.45 -9.66
N GLN B 170 -37.69 -16.58 -10.13
CA GLN B 170 -39.10 -16.91 -9.97
C GLN B 170 -39.49 -16.95 -8.49
N GLN B 171 -38.52 -17.20 -7.63
CA GLN B 171 -38.78 -17.24 -6.19
C GLN B 171 -38.80 -15.85 -5.56
N MET B 172 -38.06 -14.92 -6.17
CA MET B 172 -38.11 -13.53 -5.74
C MET B 172 -39.44 -12.93 -6.13
N GLU B 173 -39.86 -13.18 -7.36
CA GLU B 173 -41.13 -12.68 -7.88
C GLU B 173 -42.29 -13.09 -6.96
N LYS B 174 -42.22 -14.32 -6.46
CA LYS B 174 -43.27 -14.86 -5.61
C LYS B 174 -43.24 -14.26 -4.21
N SER B 175 -42.06 -13.80 -3.78
CA SER B 175 -41.93 -13.18 -2.47
C SER B 175 -42.19 -11.68 -2.55
N LEU B 176 -42.11 -11.13 -3.76
CA LEU B 176 -42.38 -9.72 -3.98
C LEU B 176 -43.74 -9.51 -4.63
N ALA B 177 -44.49 -10.59 -4.80
CA ALA B 177 -45.75 -10.53 -5.53
C ALA B 177 -46.77 -9.65 -4.82
N ASP B 178 -47.12 -8.54 -5.48
CA ASP B 178 -48.26 -7.71 -5.07
C ASP B 178 -48.02 -6.81 -3.86
N GLN B 179 -47.03 -7.17 -3.04
CA GLN B 179 -46.80 -6.43 -1.79
C GLN B 179 -45.48 -5.64 -1.73
N TYR B 180 -44.68 -5.72 -2.80
CA TYR B 180 -43.41 -4.99 -2.83
C TYR B 180 -43.03 -4.48 -4.21
N LEU B 181 -42.32 -3.37 -4.22
CA LEU B 181 -42.00 -2.69 -5.48
C LEU B 181 -40.49 -2.64 -5.76
N HIS B 182 -40.12 -3.09 -6.96
CA HIS B 182 -38.73 -3.14 -7.37
C HIS B 182 -38.32 -1.81 -8.01
N SER B 183 -37.06 -1.45 -7.85
CA SER B 183 -36.54 -0.19 -8.40
C SER B 183 -36.87 -0.10 -9.89
N GLU B 184 -36.66 -1.20 -10.59
CA GLU B 184 -36.85 -1.24 -12.04
C GLU B 184 -38.30 -1.53 -12.42
N ASP B 185 -39.19 -1.56 -11.42
CA ASP B 185 -40.60 -1.86 -11.68
C ASP B 185 -41.41 -0.64 -12.13
N TYR B 186 -40.89 0.55 -11.84
CA TYR B 186 -41.61 1.78 -12.16
C TYR B 186 -41.82 1.96 -13.66
N LEU B 187 -40.79 1.68 -14.44
CA LEU B 187 -40.85 1.86 -15.90
C LEU B 187 -41.93 1.00 -16.54
N THR B 188 -42.02 -0.25 -16.10
CA THR B 188 -43.07 -1.15 -16.59
C THR B 188 -44.44 -0.67 -16.09
N LEU B 189 -44.46 -0.16 -14.87
CA LEU B 189 -45.68 0.35 -14.28
C LEU B 189 -46.14 1.62 -15.02
N LEU B 190 -45.17 2.48 -15.33
CA LEU B 190 -45.44 3.70 -16.09
C LEU B 190 -46.00 3.37 -17.46
N ALA B 191 -45.31 2.49 -18.18
CA ALA B 191 -45.71 2.12 -19.54
C ALA B 191 -47.16 1.66 -19.63
N GLU B 192 -47.64 1.00 -18.59
CA GLU B 192 -49.00 0.46 -18.60
C GLU B 192 -50.01 1.42 -17.95
N HIS B 193 -49.52 2.51 -17.38
CA HIS B 193 -50.40 3.52 -16.81
C HIS B 193 -50.51 4.75 -17.72
N ILE B 194 -49.59 4.86 -18.67
CA ILE B 194 -49.61 5.97 -19.63
C ILE B 194 -50.95 6.10 -20.34
N PRO B 195 -51.49 5.00 -20.87
CA PRO B 195 -52.74 5.02 -21.63
C PRO B 195 -53.87 5.77 -20.91
N LEU B 196 -54.06 5.53 -19.62
CA LEU B 196 -55.15 6.17 -18.89
C LEU B 196 -54.73 7.44 -18.15
N ALA B 197 -53.47 7.84 -18.32
CA ALA B 197 -53.04 9.15 -17.87
C ALA B 197 -53.33 10.14 -18.99
N GLU B 198 -54.26 11.06 -18.74
CA GLU B 198 -54.78 11.91 -19.82
C GLU B 198 -54.07 13.25 -20.00
N ASP B 199 -53.50 13.78 -18.93
CA ASP B 199 -52.81 15.07 -19.03
C ASP B 199 -51.53 14.94 -19.86
N ILE B 200 -51.20 13.71 -20.25
CA ILE B 200 -50.09 13.49 -21.17
C ILE B 200 -50.62 13.34 -22.60
N LYS B 201 -51.95 13.31 -22.73
CA LYS B 201 -52.58 13.32 -24.04
C LYS B 201 -52.64 14.74 -24.58
N GLY B 202 -52.35 14.90 -25.86
CA GLY B 202 -52.26 16.22 -26.45
C GLY B 202 -51.04 16.94 -25.93
N ALA B 203 -50.08 16.17 -25.41
CA ALA B 203 -48.85 16.75 -24.87
C ALA B 203 -47.70 16.64 -25.86
N HIS B 204 -46.89 17.68 -25.93
CA HIS B 204 -45.68 17.66 -26.74
C HIS B 204 -44.51 17.17 -25.90
N ILE B 205 -43.73 16.23 -26.43
CA ILE B 205 -42.60 15.71 -25.69
C ILE B 205 -41.33 15.65 -26.54
N TYR B 206 -40.20 15.94 -25.89
CA TYR B 206 -38.89 15.93 -26.56
C TYR B 206 -37.96 14.97 -25.82
N VAL B 207 -37.31 14.08 -26.56
CA VAL B 207 -36.27 13.24 -25.97
C VAL B 207 -34.91 13.68 -26.50
N ASP B 208 -33.93 13.73 -25.61
CA ASP B 208 -32.61 14.23 -25.98
C ASP B 208 -31.56 13.75 -24.99
N GLY B 209 -30.36 13.49 -25.49
CA GLY B 209 -29.25 13.08 -24.63
C GLY B 209 -29.13 11.58 -24.46
N PHE B 210 -30.00 10.83 -25.13
CA PHE B 210 -29.95 9.38 -25.08
C PHE B 210 -29.22 8.80 -26.28
N TYR B 211 -28.30 7.86 -26.01
CA TYR B 211 -27.62 7.13 -27.07
C TYR B 211 -28.39 5.85 -27.38
N GLN B 212 -28.86 5.20 -26.31
CA GLN B 212 -29.61 3.96 -26.45
C GLN B 212 -30.90 3.99 -25.62
N PHE B 213 -31.68 2.93 -25.72
CA PHE B 213 -32.85 2.74 -24.87
C PHE B 213 -33.00 1.27 -24.52
N THR B 214 -33.17 0.98 -23.23
CA THR B 214 -33.44 -0.38 -22.80
C THR B 214 -34.84 -0.77 -23.24
N PRO B 215 -35.07 -2.07 -23.49
CA PRO B 215 -36.40 -2.55 -23.90
C PRO B 215 -37.48 -1.99 -22.97
N GLN B 216 -37.17 -1.87 -21.69
CA GLN B 216 -38.11 -1.34 -20.72
C GLN B 216 -38.39 0.13 -20.98
N GLU B 217 -37.32 0.92 -21.10
CA GLU B 217 -37.45 2.33 -21.47
C GLU B 217 -38.14 2.44 -22.81
N PHE B 218 -37.79 1.53 -23.72
CA PHE B 218 -38.39 1.47 -25.04
C PHE B 218 -39.91 1.33 -24.90
N ARG B 219 -40.33 0.46 -23.99
CA ARG B 219 -41.75 0.22 -23.74
C ARG B 219 -42.48 1.47 -23.29
N VAL B 220 -41.74 2.46 -22.83
CA VAL B 220 -42.33 3.72 -22.40
C VAL B 220 -42.48 4.69 -23.56
N LEU B 221 -41.47 4.74 -24.42
CA LEU B 221 -41.47 5.67 -25.54
C LEU B 221 -42.58 5.38 -26.55
N GLU B 222 -42.66 4.14 -27.00
CA GLU B 222 -43.67 3.75 -27.99
C GLU B 222 -45.08 3.87 -27.43
N GLN B 223 -45.19 3.86 -26.11
CA GLN B 223 -46.49 4.06 -25.46
C GLN B 223 -46.77 5.55 -25.34
N LEU B 224 -45.71 6.36 -25.48
CA LEU B 224 -45.85 7.80 -25.55
C LEU B 224 -46.17 8.19 -26.98
N MET B 225 -45.57 7.48 -27.93
CA MET B 225 -45.81 7.75 -29.34
C MET B 225 -47.28 7.57 -29.68
N VAL B 226 -47.95 6.70 -28.95
CA VAL B 226 -49.36 6.39 -29.20
C VAL B 226 -50.31 7.44 -28.62
N HIS B 227 -50.13 7.78 -27.35
CA HIS B 227 -51.09 8.63 -26.65
C HIS B 227 -50.71 10.11 -26.62
N ALA B 228 -49.46 10.41 -26.95
CA ALA B 228 -49.01 11.80 -27.01
C ALA B 228 -49.32 12.40 -28.38
N GLU B 229 -49.64 13.69 -28.42
CA GLU B 229 -49.91 14.36 -29.67
C GLU B 229 -48.67 14.43 -30.55
N HIS B 230 -47.60 15.02 -30.00
CA HIS B 230 -46.35 15.16 -30.74
C HIS B 230 -45.17 14.63 -29.92
N ILE B 231 -44.22 13.99 -30.61
CA ILE B 231 -43.00 13.51 -29.98
C ILE B 231 -41.79 13.65 -30.90
N THR B 232 -40.72 14.25 -30.40
CA THR B 232 -39.51 14.44 -31.19
C THR B 232 -38.34 13.67 -30.59
N PHE B 233 -37.61 12.96 -31.45
CA PHE B 233 -36.45 12.21 -31.01
C PHE B 233 -35.15 12.85 -31.49
N SER B 234 -34.35 13.32 -30.55
CA SER B 234 -33.06 13.93 -30.89
C SER B 234 -31.95 12.88 -30.78
N LEU B 235 -31.32 12.58 -31.91
CA LEU B 235 -30.29 11.55 -31.96
C LEU B 235 -29.00 12.04 -32.62
N THR B 236 -27.88 11.82 -31.94
CA THR B 236 -26.58 12.20 -32.46
C THR B 236 -26.02 11.12 -33.38
N ALA B 237 -26.17 11.33 -34.68
CA ALA B 237 -25.71 10.38 -35.67
C ALA B 237 -25.55 11.06 -37.03
N ASP B 238 -25.08 10.31 -38.02
CA ASP B 238 -24.86 10.88 -39.34
C ASP B 238 -25.68 10.14 -40.38
N LYS B 239 -26.75 10.79 -40.86
CA LYS B 239 -27.63 10.22 -41.87
C LYS B 239 -27.81 8.71 -41.73
N PRO B 240 -28.41 8.28 -40.61
CA PRO B 240 -28.62 6.85 -40.34
C PRO B 240 -29.64 6.27 -41.30
N SER B 241 -29.66 4.94 -41.45
CA SER B 241 -30.64 4.28 -42.29
C SER B 241 -31.64 3.49 -41.46
N TYR B 242 -32.86 3.38 -41.94
CA TYR B 242 -33.91 2.67 -41.23
C TYR B 242 -34.24 1.32 -41.86
N GLU B 243 -33.40 0.87 -42.78
CA GLU B 243 -33.57 -0.42 -43.41
C GLU B 243 -32.47 -1.40 -42.99
N ARG B 244 -31.39 -0.86 -42.44
CA ARG B 244 -30.26 -1.67 -41.99
C ARG B 244 -29.71 -1.18 -40.67
N GLU B 245 -29.44 -2.11 -39.76
CA GLU B 245 -28.73 -1.77 -38.54
C GLU B 245 -27.27 -1.51 -38.88
N PRO B 246 -26.67 -0.51 -38.22
CA PRO B 246 -25.26 -0.15 -38.48
C PRO B 246 -24.33 -1.36 -38.36
N HIS B 247 -23.24 -1.33 -39.12
CA HIS B 247 -22.22 -2.37 -39.01
C HIS B 247 -21.49 -2.20 -37.68
N GLU B 248 -20.80 -3.25 -37.23
CA GLU B 248 -20.10 -3.24 -35.95
C GLU B 248 -19.17 -2.05 -35.80
N LEU B 249 -18.46 -1.71 -36.88
CA LEU B 249 -17.33 -0.78 -36.79
C LEU B 249 -17.61 0.66 -37.16
N GLU B 250 -18.88 1.06 -37.26
CA GLU B 250 -19.17 2.47 -37.54
C GLU B 250 -19.51 3.27 -36.29
N LEU B 251 -19.04 4.52 -36.26
CA LEU B 251 -19.09 5.37 -35.08
C LEU B 251 -20.47 5.46 -34.44
N PHE B 252 -21.52 5.56 -35.26
CA PHE B 252 -22.86 5.78 -34.74
C PHE B 252 -23.67 4.50 -34.61
N ARG B 253 -22.99 3.40 -34.37
CA ARG B 253 -23.65 2.11 -34.16
C ARG B 253 -24.79 2.25 -33.16
N MET B 254 -24.49 2.80 -31.99
CA MET B 254 -25.48 3.01 -30.96
C MET B 254 -26.68 3.81 -31.47
N THR B 255 -26.50 5.12 -31.58
CA THR B 255 -27.58 6.01 -31.96
C THR B 255 -28.26 5.60 -33.26
N GLY B 256 -27.46 5.13 -34.23
CA GLY B 256 -28.00 4.67 -35.49
C GLY B 256 -28.94 3.50 -35.28
N LYS B 257 -28.53 2.58 -34.44
CA LYS B 257 -29.34 1.42 -34.06
C LYS B 257 -30.69 1.87 -33.51
N THR B 258 -30.64 2.72 -32.49
CA THR B 258 -31.86 3.21 -31.83
C THR B 258 -32.80 3.92 -32.81
N TYR B 259 -32.24 4.71 -33.71
CA TYR B 259 -33.06 5.38 -34.72
C TYR B 259 -33.82 4.34 -35.52
N TYR B 260 -33.09 3.39 -36.10
CA TYR B 260 -33.68 2.35 -36.92
C TYR B 260 -34.89 1.71 -36.24
N ARG B 261 -34.67 1.19 -35.03
CA ARG B 261 -35.74 0.60 -34.24
C ARG B 261 -36.92 1.57 -34.12
N LEU B 262 -36.66 2.74 -33.53
CA LEU B 262 -37.69 3.75 -33.32
C LEU B 262 -38.49 3.98 -34.60
N HIS B 263 -37.79 4.34 -35.67
CA HIS B 263 -38.43 4.65 -36.94
C HIS B 263 -39.33 3.50 -37.41
N GLN B 264 -38.88 2.27 -37.21
CA GLN B 264 -39.67 1.10 -37.58
C GLN B 264 -40.90 0.97 -36.70
N LYS B 265 -40.74 1.26 -35.41
CA LYS B 265 -41.84 1.22 -34.46
C LYS B 265 -42.87 2.29 -34.80
N ALA B 266 -42.39 3.45 -35.24
CA ALA B 266 -43.26 4.54 -35.64
C ALA B 266 -43.92 4.23 -36.98
N LYS B 267 -43.26 3.39 -37.77
CA LYS B 267 -43.78 3.00 -39.07
C LYS B 267 -44.93 2.00 -38.92
N GLU B 268 -44.70 0.96 -38.12
CA GLU B 268 -45.73 -0.05 -37.89
C GLU B 268 -46.90 0.56 -37.13
N LEU B 269 -46.60 1.61 -36.37
CA LEU B 269 -47.61 2.27 -35.55
C LEU B 269 -48.28 3.38 -36.35
N ASN B 270 -48.09 3.34 -37.68
CA ASN B 270 -48.67 4.31 -38.60
C ASN B 270 -48.78 5.74 -38.08
N LEU B 271 -47.63 6.35 -37.82
CA LEU B 271 -47.55 7.74 -37.39
C LEU B 271 -47.12 8.65 -38.53
N ASP B 272 -47.50 9.92 -38.45
CA ASP B 272 -47.03 10.93 -39.39
C ASP B 272 -45.61 11.32 -38.99
N ILE B 273 -44.66 11.04 -39.88
CA ILE B 273 -43.24 11.24 -39.55
C ILE B 273 -42.64 12.42 -40.30
N THR B 274 -41.71 13.12 -39.64
CA THR B 274 -41.00 14.22 -40.27
C THR B 274 -39.50 14.15 -39.94
N TYR B 275 -38.67 14.71 -40.80
CA TYR B 275 -37.23 14.61 -40.64
C TYR B 275 -36.53 15.97 -40.58
N LYS B 276 -35.53 16.08 -39.73
CA LYS B 276 -34.66 17.25 -39.69
C LYS B 276 -33.21 16.83 -39.53
N GLU B 277 -32.43 17.03 -40.59
CA GLU B 277 -30.99 16.72 -40.55
C GLU B 277 -30.17 17.99 -40.39
N LEU B 278 -29.41 18.07 -39.32
CA LEU B 278 -28.54 19.22 -39.08
C LEU B 278 -27.14 18.99 -39.64
N SER B 279 -26.73 19.83 -40.57
CA SER B 279 -25.48 19.64 -41.29
C SER B 279 -24.32 20.45 -40.72
N GLY B 280 -24.43 21.78 -40.80
CA GLY B 280 -23.37 22.67 -40.37
C GLY B 280 -23.01 22.54 -38.91
N THR B 281 -21.82 22.99 -38.55
CA THR B 281 -21.38 23.01 -37.17
C THR B 281 -22.00 24.20 -36.46
N GLU B 282 -22.41 24.01 -35.21
CA GLU B 282 -22.96 25.09 -34.42
C GLU B 282 -22.00 25.43 -33.28
N ARG B 283 -21.56 24.37 -32.60
CA ARG B 283 -20.68 24.51 -31.44
C ARG B 283 -19.29 25.00 -31.83
N HIS B 284 -18.78 24.55 -32.97
CA HIS B 284 -17.38 24.74 -33.31
C HIS B 284 -17.10 25.75 -34.43
N THR B 285 -18.06 26.61 -34.72
CA THR B 285 -17.92 27.58 -35.81
C THR B 285 -16.71 28.52 -35.62
N LYS B 286 -16.34 28.78 -34.38
CA LYS B 286 -15.22 29.67 -34.09
C LYS B 286 -13.95 28.88 -33.78
N THR B 287 -14.07 27.57 -33.69
CA THR B 287 -12.93 26.70 -33.40
C THR B 287 -12.72 25.65 -34.49
N PRO B 288 -11.87 25.96 -35.47
CA PRO B 288 -11.59 25.10 -36.63
C PRO B 288 -11.05 23.73 -36.25
N GLU B 289 -10.08 23.70 -35.34
CA GLU B 289 -9.44 22.45 -34.94
C GLU B 289 -10.45 21.45 -34.40
N LEU B 290 -11.15 21.84 -33.34
CA LEU B 290 -12.16 21.00 -32.73
C LEU B 290 -13.22 20.61 -33.75
N ALA B 291 -13.51 21.52 -34.66
CA ALA B 291 -14.47 21.25 -35.73
C ALA B 291 -13.93 20.18 -36.67
N HIS B 292 -12.62 20.09 -36.75
CA HIS B 292 -11.97 19.09 -37.59
C HIS B 292 -11.95 17.74 -36.89
N LEU B 293 -11.54 17.74 -35.62
CA LEU B 293 -11.50 16.53 -34.82
C LEU B 293 -12.82 15.78 -34.88
N GLU B 294 -13.91 16.52 -34.78
CA GLU B 294 -15.25 15.94 -34.78
C GLU B 294 -15.61 15.35 -36.15
N ALA B 295 -15.13 15.99 -37.21
CA ALA B 295 -15.49 15.61 -38.57
C ALA B 295 -14.66 14.45 -39.11
N GLN B 296 -13.38 14.43 -38.75
CA GLN B 296 -12.46 13.41 -39.27
C GLN B 296 -12.22 12.28 -38.27
N TYR B 297 -12.95 12.31 -37.16
CA TYR B 297 -12.73 11.36 -36.08
C TYR B 297 -12.75 9.90 -36.52
N GLU B 298 -13.68 9.55 -37.41
CA GLU B 298 -13.85 8.16 -37.80
C GLU B 298 -12.97 7.72 -38.98
N ALA B 299 -13.13 8.38 -40.12
CA ALA B 299 -12.50 7.94 -41.36
C ALA B 299 -11.01 7.61 -41.19
N ARG B 300 -10.62 6.41 -41.60
CA ARG B 300 -9.21 6.03 -41.62
C ARG B 300 -8.45 6.82 -42.68
N PRO B 301 -9.06 7.00 -43.87
CA PRO B 301 -8.48 7.93 -44.85
C PRO B 301 -8.59 9.36 -44.32
N ALA B 302 -8.01 9.58 -43.14
CA ALA B 302 -8.17 10.85 -42.43
C ALA B 302 -7.15 11.89 -42.89
N ILE B 303 -7.66 13.06 -43.28
CA ILE B 303 -6.80 14.16 -43.69
C ILE B 303 -6.25 14.88 -42.46
N PRO B 304 -4.92 15.08 -42.42
CA PRO B 304 -4.29 15.81 -41.32
C PRO B 304 -4.69 17.29 -41.32
N TYR B 305 -4.88 17.85 -40.13
CA TYR B 305 -5.18 19.26 -39.99
C TYR B 305 -3.95 20.08 -40.37
N ALA B 306 -4.13 21.02 -41.30
CA ALA B 306 -3.01 21.74 -41.87
C ALA B 306 -2.80 23.13 -41.27
N GLU B 307 -3.49 23.42 -40.17
CA GLU B 307 -3.45 24.76 -39.60
C GLU B 307 -2.77 24.84 -38.24
N LYS B 308 -2.79 26.05 -37.66
CA LYS B 308 -2.08 26.35 -36.44
C LYS B 308 -2.71 25.70 -35.20
N GLN B 309 -1.88 25.47 -34.19
CA GLN B 309 -2.34 24.84 -32.96
C GLN B 309 -2.63 25.86 -31.86
N GLU B 310 -3.87 25.87 -31.37
CA GLU B 310 -4.25 26.76 -30.26
C GLU B 310 -5.27 26.09 -29.33
N ALA B 311 -6.42 25.74 -29.89
CA ALA B 311 -7.51 25.16 -29.11
C ALA B 311 -7.19 23.77 -28.59
N LEU B 312 -6.67 22.92 -29.47
CA LEU B 312 -6.39 21.53 -29.09
C LEU B 312 -4.96 21.33 -28.62
N THR B 313 -4.82 20.68 -27.47
CA THR B 313 -3.50 20.34 -26.96
C THR B 313 -3.51 19.06 -26.11
N VAL B 314 -2.52 18.21 -26.35
CA VAL B 314 -2.32 17.02 -25.54
C VAL B 314 -1.20 17.31 -24.54
N MET B 315 -1.28 16.75 -23.34
CA MET B 315 -0.26 17.02 -22.34
C MET B 315 0.06 15.81 -21.46
N GLN B 316 1.34 15.66 -21.13
CA GLN B 316 1.82 14.55 -20.32
C GLN B 316 2.31 15.04 -18.96
N ALA B 317 1.92 14.35 -17.90
CA ALA B 317 2.33 14.72 -16.55
C ALA B 317 3.13 13.59 -15.89
N ALA B 318 3.97 13.96 -14.92
CA ALA B 318 4.80 12.98 -14.22
C ALA B 318 3.96 12.00 -13.41
N ASN B 319 2.75 12.44 -13.04
CA ASN B 319 1.82 11.61 -12.27
C ASN B 319 0.49 12.33 -12.11
N ARG B 320 -0.52 11.62 -11.61
CA ARG B 320 -1.87 12.17 -11.52
C ARG B 320 -1.91 13.48 -10.71
N ARG B 321 -1.06 13.59 -9.71
CA ARG B 321 -0.93 14.83 -8.95
C ARG B 321 -0.52 15.96 -9.88
N ALA B 322 0.66 15.83 -10.46
CA ALA B 322 1.16 16.82 -11.42
C ALA B 322 0.10 17.12 -12.47
N GLU B 323 -0.65 16.09 -12.86
CA GLU B 323 -1.70 16.24 -13.85
C GLU B 323 -2.78 17.20 -13.36
N LEU B 324 -3.42 16.84 -12.25
CA LEU B 324 -4.46 17.68 -11.66
C LEU B 324 -3.92 19.04 -11.27
N GLU B 325 -2.74 19.03 -10.65
CA GLU B 325 -2.11 20.25 -10.18
C GLU B 325 -1.75 21.16 -11.36
N GLY B 326 -1.42 20.55 -12.49
CA GLY B 326 -1.10 21.29 -13.69
C GLY B 326 -2.36 21.82 -14.37
N ILE B 327 -3.43 21.04 -14.30
CA ILE B 327 -4.71 21.44 -14.86
C ILE B 327 -5.33 22.54 -14.00
N ALA B 328 -5.04 22.49 -12.70
CA ALA B 328 -5.57 23.48 -11.77
C ALA B 328 -5.09 24.87 -12.13
N ARG B 329 -3.82 25.00 -12.48
CA ARG B 329 -3.26 26.30 -12.85
C ARG B 329 -3.76 26.75 -14.22
N GLU B 330 -3.96 25.79 -15.11
CA GLU B 330 -4.51 26.09 -16.43
C GLU B 330 -5.87 26.76 -16.29
N ILE B 331 -6.73 26.15 -15.49
CA ILE B 331 -8.06 26.68 -15.22
C ILE B 331 -7.97 28.10 -14.66
N HIS B 332 -6.97 28.34 -13.83
CA HIS B 332 -6.74 29.67 -13.27
C HIS B 332 -6.30 30.65 -14.36
N ALA B 333 -5.45 30.17 -15.27
CA ALA B 333 -5.00 30.99 -16.38
C ALA B 333 -6.17 31.34 -17.30
N LEU B 334 -7.08 30.39 -17.45
CA LEU B 334 -8.26 30.59 -18.31
C LEU B 334 -9.21 31.64 -17.73
N VAL B 335 -9.48 31.54 -16.43
CA VAL B 335 -10.40 32.45 -15.76
C VAL B 335 -9.82 33.85 -15.60
N ARG B 336 -8.57 33.93 -15.15
CA ARG B 336 -7.93 35.22 -14.89
C ARG B 336 -7.52 35.95 -16.17
N GLU B 337 -6.86 35.25 -17.08
CA GLU B 337 -6.40 35.85 -18.32
C GLU B 337 -7.47 35.89 -19.40
N LYS B 338 -7.78 34.71 -19.93
CA LYS B 338 -8.70 34.61 -21.07
C LYS B 338 -10.14 34.95 -20.72
N GLY B 339 -10.36 35.32 -19.45
CA GLY B 339 -11.66 35.77 -19.01
C GLY B 339 -12.77 34.75 -19.15
N TYR B 340 -12.54 33.55 -18.62
CA TYR B 340 -13.57 32.53 -18.56
C TYR B 340 -14.24 32.55 -17.20
N ARG B 341 -15.20 31.65 -17.01
CA ARG B 341 -15.80 31.44 -15.70
C ARG B 341 -15.73 29.95 -15.37
N TYR B 342 -15.53 29.63 -14.10
CA TYR B 342 -15.41 28.24 -13.66
C TYR B 342 -16.50 27.35 -14.28
N LYS B 343 -17.68 27.92 -14.47
CA LYS B 343 -18.82 27.19 -14.99
C LYS B 343 -18.65 26.79 -16.47
N ASP B 344 -17.62 27.31 -17.11
CA ASP B 344 -17.37 27.02 -18.51
C ASP B 344 -16.40 25.85 -18.69
N VAL B 345 -15.78 25.41 -17.60
CA VAL B 345 -14.80 24.34 -17.66
C VAL B 345 -15.40 23.01 -17.19
N ALA B 346 -14.96 21.93 -17.83
CA ALA B 346 -15.41 20.59 -17.44
C ALA B 346 -14.28 19.58 -17.60
N ILE B 347 -14.04 18.79 -16.55
CA ILE B 347 -12.99 17.77 -16.59
C ILE B 347 -13.56 16.37 -16.46
N LEU B 348 -13.23 15.52 -17.42
CA LEU B 348 -13.79 14.18 -17.48
C LEU B 348 -12.73 13.12 -17.24
N ALA B 349 -13.13 12.02 -16.59
CA ALA B 349 -12.22 10.90 -16.35
C ALA B 349 -12.94 9.58 -16.59
N ARG B 350 -12.34 8.72 -17.39
CA ARG B 350 -12.92 7.41 -17.68
C ARG B 350 -13.06 6.62 -16.39
N GLN B 351 -12.07 6.76 -15.51
CA GLN B 351 -12.12 6.13 -14.19
C GLN B 351 -11.95 7.19 -13.11
N PRO B 352 -13.04 7.91 -12.80
CA PRO B 352 -13.04 9.02 -11.85
C PRO B 352 -12.54 8.60 -10.48
N GLU B 353 -12.59 7.30 -10.18
CA GLU B 353 -12.18 6.79 -8.88
C GLU B 353 -10.69 7.00 -8.66
N ASP B 354 -9.94 7.13 -9.75
CA ASP B 354 -8.49 7.31 -9.69
C ASP B 354 -8.12 8.74 -9.28
N TYR B 355 -8.93 9.70 -9.69
CA TYR B 355 -8.63 11.10 -9.44
C TYR B 355 -9.50 11.72 -8.35
N LYS B 356 -10.61 11.05 -8.03
CA LYS B 356 -11.63 11.62 -7.15
C LYS B 356 -11.07 12.20 -5.85
N ASP B 357 -10.36 11.36 -5.09
CA ASP B 357 -9.79 11.77 -3.82
C ASP B 357 -8.88 12.98 -3.97
N MET B 358 -7.95 12.89 -4.91
CA MET B 358 -6.95 13.93 -5.11
C MET B 358 -7.58 15.24 -5.59
N VAL B 359 -8.51 15.13 -6.54
CA VAL B 359 -9.17 16.30 -7.11
C VAL B 359 -9.61 17.31 -6.06
N LYS B 360 -10.24 16.82 -5.00
CA LYS B 360 -10.74 17.68 -3.93
C LYS B 360 -9.58 18.38 -3.24
N GLU B 361 -8.58 17.60 -2.84
CA GLU B 361 -7.40 18.15 -2.18
C GLU B 361 -6.77 19.26 -3.03
N VAL B 362 -6.33 18.90 -4.23
CA VAL B 362 -5.68 19.84 -5.14
C VAL B 362 -6.52 21.11 -5.30
N PHE B 363 -7.77 20.95 -5.71
CA PHE B 363 -8.66 22.09 -5.95
C PHE B 363 -8.94 22.90 -4.69
N ALA B 364 -8.92 22.23 -3.54
CA ALA B 364 -9.10 22.92 -2.27
C ALA B 364 -7.96 23.92 -2.08
N ASP B 365 -6.74 23.45 -2.31
CA ASP B 365 -5.56 24.30 -2.19
C ASP B 365 -5.57 25.41 -3.24
N TYR B 366 -5.90 25.04 -4.47
CA TYR B 366 -5.90 25.99 -5.57
C TYR B 366 -7.16 26.85 -5.62
N GLU B 367 -8.03 26.67 -4.63
CA GLU B 367 -9.25 27.48 -4.52
C GLU B 367 -10.11 27.42 -5.77
N ILE B 368 -10.32 26.22 -6.30
CA ILE B 368 -11.18 26.03 -7.45
C ILE B 368 -12.48 25.32 -7.05
N PRO B 369 -13.62 26.00 -7.22
CA PRO B 369 -14.91 25.41 -6.84
C PRO B 369 -15.33 24.37 -7.87
N TYR B 370 -15.92 23.26 -7.42
CA TYR B 370 -16.20 22.14 -8.31
C TYR B 370 -17.47 21.40 -7.91
N PHE B 371 -17.90 20.51 -8.80
CA PHE B 371 -19.05 19.64 -8.55
C PHE B 371 -18.76 18.23 -9.05
N ILE B 372 -18.91 17.25 -8.16
CA ILE B 372 -18.62 15.87 -8.50
C ILE B 372 -19.90 15.05 -8.70
N ASP B 373 -19.93 14.25 -9.76
CA ASP B 373 -21.08 13.39 -10.04
C ASP B 373 -21.33 12.39 -8.92
N GLY B 374 -20.34 11.55 -8.64
CA GLY B 374 -20.48 10.49 -7.65
C GLY B 374 -20.86 10.99 -6.28
N LYS B 375 -21.15 10.05 -5.38
CA LYS B 375 -21.49 10.38 -4.00
C LYS B 375 -20.37 9.94 -3.06
N ALA B 376 -20.54 10.22 -1.77
CA ALA B 376 -19.52 9.90 -0.77
C ALA B 376 -19.95 8.76 0.15
N SER B 377 -19.04 7.82 0.37
CA SER B 377 -19.29 6.71 1.28
C SER B 377 -19.47 7.22 2.70
N MET B 378 -20.18 6.46 3.52
CA MET B 378 -20.42 6.84 4.90
C MET B 378 -19.55 6.04 5.84
N LEU B 379 -18.67 5.23 5.27
CA LEU B 379 -17.81 4.32 6.05
C LEU B 379 -16.88 5.06 7.02
N ASN B 380 -16.63 6.33 6.75
CA ASN B 380 -15.78 7.13 7.62
C ASN B 380 -16.56 7.91 8.68
N HIS B 381 -17.88 7.87 8.58
CA HIS B 381 -18.74 8.59 9.50
C HIS B 381 -18.79 7.89 10.86
N PRO B 382 -18.72 8.68 11.95
CA PRO B 382 -18.71 8.18 13.32
C PRO B 382 -19.84 7.19 13.61
N LEU B 383 -21.06 7.51 13.17
CA LEU B 383 -22.20 6.65 13.42
C LEU B 383 -22.02 5.26 12.79
N ILE B 384 -21.49 5.23 11.57
CA ILE B 384 -21.25 3.96 10.89
C ILE B 384 -20.13 3.18 11.57
N GLU B 385 -19.08 3.88 11.98
CA GLU B 385 -17.98 3.27 12.69
C GLU B 385 -18.47 2.70 14.03
N PHE B 386 -19.00 3.60 14.86
CA PHE B 386 -19.51 3.23 16.17
C PHE B 386 -20.30 1.92 16.15
N ILE B 387 -21.18 1.80 15.15
CA ILE B 387 -21.98 0.59 14.99
C ILE B 387 -21.12 -0.62 14.68
N ARG B 388 -20.32 -0.53 13.63
CA ARG B 388 -19.44 -1.64 13.22
C ARG B 388 -18.54 -2.08 14.37
N SER B 389 -17.75 -1.15 14.90
CA SER B 389 -16.83 -1.46 15.98
C SER B 389 -17.53 -2.09 17.18
N SER B 390 -18.78 -1.70 17.42
CA SER B 390 -19.54 -2.24 18.53
C SER B 390 -19.76 -3.75 18.37
N LEU B 391 -20.22 -4.17 17.20
CA LEU B 391 -20.41 -5.58 16.92
C LEU B 391 -19.09 -6.33 17.01
N ASP B 392 -18.02 -5.67 16.56
CA ASP B 392 -16.67 -6.22 16.67
C ASP B 392 -16.32 -6.47 18.13
N VAL B 393 -16.67 -5.51 18.98
CA VAL B 393 -16.38 -5.61 20.41
C VAL B 393 -16.88 -6.92 21.00
N LEU B 394 -18.11 -7.30 20.67
CA LEU B 394 -18.72 -8.49 21.25
C LEU B 394 -18.54 -9.76 20.41
N LYS B 395 -17.96 -9.63 19.23
CA LYS B 395 -17.62 -10.81 18.42
C LYS B 395 -16.22 -11.31 18.76
N GLY B 396 -15.23 -10.46 18.52
CA GLY B 396 -13.85 -10.80 18.82
C GLY B 396 -13.60 -10.83 20.32
N ASN B 397 -14.69 -10.80 21.08
CA ASN B 397 -14.64 -10.86 22.53
C ASN B 397 -13.79 -9.75 23.17
N TRP B 398 -14.19 -8.51 22.94
CA TRP B 398 -13.66 -7.37 23.68
C TRP B 398 -12.16 -7.12 23.51
N ARG B 399 -11.67 -7.25 22.29
CA ARG B 399 -10.31 -6.83 21.99
C ARG B 399 -10.26 -5.32 22.24
N TYR B 400 -9.35 -4.88 23.10
CA TYR B 400 -9.33 -3.48 23.53
C TYR B 400 -9.22 -2.51 22.34
N GLU B 401 -8.63 -2.96 21.25
CA GLU B 401 -8.54 -2.15 20.05
C GLU B 401 -9.95 -1.72 19.59
N ALA B 402 -10.87 -2.67 19.61
CA ALA B 402 -12.24 -2.42 19.18
C ALA B 402 -12.99 -1.56 20.19
N VAL B 403 -12.77 -1.82 21.47
CA VAL B 403 -13.45 -1.07 22.53
C VAL B 403 -13.18 0.42 22.40
N PHE B 404 -11.91 0.79 22.25
CA PHE B 404 -11.53 2.19 22.11
C PHE B 404 -11.88 2.72 20.72
N ARG B 405 -12.11 1.80 19.79
CA ARG B 405 -12.56 2.18 18.46
C ARG B 405 -13.98 2.74 18.56
N CYS B 406 -14.75 2.19 19.49
CA CYS B 406 -16.10 2.67 19.76
C CYS B 406 -16.08 3.92 20.60
N VAL B 407 -15.29 3.90 21.67
CA VAL B 407 -15.21 5.02 22.60
C VAL B 407 -14.69 6.28 21.91
N LYS B 408 -13.88 6.10 20.87
CA LYS B 408 -13.28 7.23 20.18
C LYS B 408 -14.17 7.87 19.13
N THR B 409 -15.29 7.22 18.82
CA THR B 409 -16.33 7.87 18.02
C THR B 409 -17.06 8.82 18.98
N GLU B 410 -16.65 8.74 20.25
CA GLU B 410 -17.22 9.53 21.33
C GLU B 410 -18.73 9.64 21.30
N LEU B 411 -19.39 8.53 20.95
CA LEU B 411 -20.84 8.43 21.05
C LEU B 411 -21.22 7.74 22.36
N LEU B 412 -20.22 7.18 23.03
CA LEU B 412 -20.42 6.57 24.35
C LEU B 412 -20.11 7.60 25.44
N PHE B 413 -19.49 8.70 25.04
CA PHE B 413 -19.08 9.72 26.01
C PHE B 413 -20.19 10.10 26.98
N PRO B 414 -19.82 10.26 28.27
CA PRO B 414 -20.78 10.67 29.31
C PRO B 414 -21.47 11.97 28.93
N LEU B 415 -22.72 12.14 29.34
CA LEU B 415 -23.47 13.34 29.00
C LEU B 415 -23.13 14.53 29.89
N ASN B 416 -23.01 15.69 29.26
CA ASN B 416 -22.79 16.95 29.96
C ASN B 416 -21.36 17.16 30.46
N GLU B 417 -20.60 16.08 30.57
CA GLU B 417 -19.21 16.19 30.99
C GLU B 417 -18.34 16.73 29.85
N PRO B 418 -17.45 17.68 30.17
CA PRO B 418 -16.60 18.34 29.17
C PRO B 418 -15.75 17.34 28.40
N LYS B 419 -15.86 17.35 27.07
CA LYS B 419 -15.13 16.42 26.24
C LYS B 419 -13.63 16.43 26.52
N ALA B 420 -13.07 17.63 26.58
CA ALA B 420 -11.62 17.81 26.73
C ALA B 420 -11.02 16.78 27.68
N LYS B 421 -11.48 16.79 28.92
CA LYS B 421 -11.05 15.81 29.91
C LYS B 421 -11.32 14.39 29.43
N VAL B 422 -12.58 14.11 29.10
CA VAL B 422 -13.02 12.77 28.73
C VAL B 422 -12.03 12.09 27.78
N ARG B 423 -11.67 12.79 26.72
CA ARG B 423 -10.69 12.29 25.75
C ARG B 423 -9.44 11.79 26.47
N GLU B 424 -8.79 12.70 27.20
CA GLU B 424 -7.56 12.39 27.92
C GLU B 424 -7.73 11.15 28.80
N GLN B 425 -8.81 11.11 29.58
CA GLN B 425 -9.11 9.95 30.41
C GLN B 425 -9.20 8.70 29.55
N VAL B 426 -9.87 8.81 28.41
CA VAL B 426 -9.99 7.71 27.46
C VAL B 426 -8.61 7.26 26.99
N ASP B 427 -7.78 8.23 26.62
CA ASP B 427 -6.43 7.95 26.15
C ASP B 427 -5.62 7.23 27.22
N GLN B 428 -5.63 7.77 28.42
CA GLN B 428 -4.90 7.16 29.55
C GLN B 428 -5.37 5.73 29.78
N LEU B 429 -6.68 5.51 29.68
CA LEU B 429 -7.23 4.17 29.81
C LEU B 429 -6.71 3.29 28.68
N GLU B 430 -6.55 3.88 27.50
CA GLU B 430 -6.04 3.15 26.35
C GLU B 430 -4.62 2.66 26.63
N ASN B 431 -3.75 3.58 27.01
CA ASN B 431 -2.40 3.23 27.41
C ASN B 431 -2.42 2.04 28.36
N TYR B 432 -3.20 2.17 29.43
CA TYR B 432 -3.35 1.12 30.41
C TYR B 432 -3.63 -0.23 29.76
N CYS B 433 -4.77 -0.32 29.08
CA CYS B 433 -5.20 -1.56 28.44
C CYS B 433 -4.12 -2.14 27.54
N ILE B 434 -3.27 -1.28 26.99
CA ILE B 434 -2.21 -1.70 26.10
C ILE B 434 -1.05 -2.35 26.86
N ALA B 435 -0.60 -1.68 27.92
CA ALA B 435 0.53 -2.18 28.71
C ALA B 435 0.15 -3.41 29.53
N TYR B 436 -1.13 -3.49 29.90
CA TYR B 436 -1.62 -4.59 30.72
C TYR B 436 -2.38 -5.64 29.92
N GLY B 437 -2.45 -5.42 28.60
CA GLY B 437 -3.10 -6.36 27.71
C GLY B 437 -4.52 -6.70 28.12
N ILE B 438 -5.25 -5.71 28.62
CA ILE B 438 -6.64 -5.91 29.03
C ILE B 438 -7.54 -6.26 27.85
N LYS B 439 -8.26 -7.37 27.97
CA LYS B 439 -9.16 -7.82 26.92
C LYS B 439 -10.27 -8.68 27.49
N GLY B 440 -11.14 -9.18 26.62
CA GLY B 440 -12.17 -10.13 27.00
C GLY B 440 -12.91 -9.81 28.28
N ASP B 441 -12.98 -10.79 29.18
CA ASP B 441 -13.76 -10.66 30.41
C ASP B 441 -13.19 -9.64 31.39
N ARG B 442 -11.90 -9.37 31.34
CA ARG B 442 -11.29 -8.40 32.24
C ARG B 442 -12.14 -7.13 32.33
N TRP B 443 -12.77 -6.77 31.22
CA TRP B 443 -13.66 -5.63 31.17
C TRP B 443 -14.91 -5.88 32.01
N THR B 444 -15.54 -7.01 31.77
CA THR B 444 -16.79 -7.35 32.44
C THR B 444 -16.61 -7.72 33.90
N LYS B 445 -15.40 -8.12 34.31
CA LYS B 445 -15.17 -8.52 35.70
C LYS B 445 -15.20 -7.34 36.64
N THR B 464 -0.48 7.03 48.68
CA THR B 464 -1.90 7.00 48.33
C THR B 464 -2.33 8.11 47.38
N ASP B 465 -1.59 9.21 47.35
CA ASP B 465 -1.97 10.37 46.55
C ASP B 465 -2.06 10.09 45.05
N GLN B 466 -0.99 9.55 44.47
CA GLN B 466 -0.93 9.39 43.01
C GLN B 466 -1.81 8.28 42.45
N GLU B 467 -1.81 7.12 43.10
CA GLU B 467 -2.54 5.97 42.57
C GLU B 467 -4.06 6.11 42.67
N ILE B 468 -4.54 6.77 43.72
CA ILE B 468 -5.97 7.02 43.83
C ILE B 468 -6.46 7.78 42.62
N GLU B 469 -5.91 8.98 42.41
CA GLU B 469 -6.25 9.81 41.27
C GLU B 469 -6.31 8.96 40.01
N MET B 470 -5.23 8.22 39.76
CA MET B 470 -5.11 7.40 38.57
C MET B 470 -6.13 6.26 38.55
N GLU B 471 -5.93 5.29 39.44
CA GLU B 471 -6.71 4.05 39.43
C GLU B 471 -8.23 4.29 39.40
N ASN B 472 -8.69 5.30 40.12
CA ASN B 472 -10.11 5.62 40.16
C ASN B 472 -10.61 6.22 38.86
N MET B 473 -9.82 7.12 38.28
CA MET B 473 -10.12 7.66 36.96
C MET B 473 -10.26 6.51 35.99
N LEU B 474 -9.42 5.49 36.17
CA LEU B 474 -9.45 4.29 35.34
C LEU B 474 -10.71 3.47 35.62
N ASN B 475 -11.17 3.49 36.86
CA ASN B 475 -12.41 2.80 37.22
C ASN B 475 -13.65 3.62 36.88
N ASP B 476 -13.51 4.94 36.82
CA ASP B 476 -14.62 5.78 36.41
C ASP B 476 -14.83 5.67 34.91
N THR B 477 -13.73 5.75 34.17
CA THR B 477 -13.78 5.70 32.72
C THR B 477 -14.44 4.42 32.22
N ARG B 478 -13.93 3.28 32.67
CA ARG B 478 -14.51 1.99 32.29
C ARG B 478 -15.93 1.85 32.81
N ASP B 479 -16.26 2.60 33.86
CA ASP B 479 -17.59 2.53 34.46
C ASP B 479 -18.69 3.08 33.54
N TRP B 480 -18.34 4.02 32.67
CA TRP B 480 -19.32 4.54 31.72
C TRP B 480 -19.14 3.94 30.33
N ILE B 481 -18.06 3.16 30.16
CA ILE B 481 -17.80 2.50 28.89
C ILE B 481 -18.41 1.10 28.85
N VAL B 482 -18.01 0.28 29.82
CA VAL B 482 -18.41 -1.13 29.85
C VAL B 482 -19.92 -1.37 29.82
N PRO B 483 -20.67 -0.73 30.74
CA PRO B 483 -22.10 -1.03 30.86
C PRO B 483 -22.91 -1.00 29.56
N PRO B 484 -22.84 0.10 28.79
CA PRO B 484 -23.63 0.15 27.56
C PRO B 484 -23.24 -0.94 26.57
N LEU B 485 -21.95 -1.04 26.29
CA LEU B 485 -21.42 -2.01 25.35
C LEU B 485 -21.64 -3.43 25.85
N PHE B 486 -21.64 -3.58 27.18
CA PHE B 486 -21.83 -4.88 27.82
C PHE B 486 -23.28 -5.32 27.74
N GLN B 487 -24.18 -4.47 28.20
CA GLN B 487 -25.61 -4.78 28.18
C GLN B 487 -26.05 -5.21 26.79
N LEU B 488 -25.47 -4.60 25.76
CA LEU B 488 -25.80 -4.94 24.39
C LEU B 488 -25.53 -6.42 24.10
N GLN B 489 -24.34 -6.89 24.46
CA GLN B 489 -23.98 -8.27 24.16
C GLN B 489 -24.94 -9.23 24.87
N LYS B 490 -25.41 -8.84 26.05
CA LYS B 490 -26.44 -9.61 26.73
C LYS B 490 -27.64 -9.75 25.80
N ARG B 491 -28.08 -8.61 25.28
CA ARG B 491 -29.22 -8.57 24.38
C ARG B 491 -28.98 -9.38 23.09
N MET B 492 -27.88 -9.09 22.41
CA MET B 492 -27.59 -9.73 21.13
C MET B 492 -27.56 -11.25 21.22
N LYS B 493 -26.65 -11.78 22.04
CA LYS B 493 -26.48 -13.23 22.14
C LYS B 493 -27.79 -13.94 22.49
N LYS B 494 -28.64 -13.28 23.30
CA LYS B 494 -29.90 -13.88 23.70
C LYS B 494 -30.90 -13.92 22.54
N ALA B 495 -30.95 -12.85 21.76
CA ALA B 495 -31.91 -12.74 20.67
C ALA B 495 -31.63 -13.74 19.57
N LYS B 496 -32.67 -14.43 19.12
CA LYS B 496 -32.53 -15.46 18.09
C LYS B 496 -32.75 -14.94 16.68
N THR B 497 -33.92 -14.37 16.41
CA THR B 497 -34.26 -13.91 15.07
C THR B 497 -33.60 -12.58 14.72
N VAL B 498 -33.84 -12.10 13.50
CA VAL B 498 -33.26 -10.86 13.02
C VAL B 498 -33.81 -9.63 13.75
N GLN B 499 -35.13 -9.46 13.70
CA GLN B 499 -35.78 -8.28 14.25
C GLN B 499 -35.32 -7.94 15.66
N GLU B 500 -35.16 -8.95 16.51
CA GLU B 500 -34.77 -8.74 17.89
C GLU B 500 -33.29 -8.40 18.02
N LYS B 501 -32.50 -8.89 17.06
CA LYS B 501 -31.09 -8.54 16.99
C LYS B 501 -30.91 -7.13 16.42
N ALA B 502 -31.72 -6.79 15.43
CA ALA B 502 -31.65 -5.48 14.79
C ALA B 502 -32.11 -4.44 15.78
N GLU B 503 -32.96 -4.89 16.68
CA GLU B 503 -33.57 -4.01 17.66
C GLU B 503 -32.65 -3.78 18.84
N ALA B 504 -32.05 -4.87 19.31
CA ALA B 504 -31.10 -4.80 20.40
C ALA B 504 -30.00 -3.81 20.02
N LEU B 505 -29.64 -3.82 18.75
CA LEU B 505 -28.66 -2.87 18.22
C LEU B 505 -29.19 -1.45 18.32
N TYR B 506 -30.43 -1.25 17.87
CA TYR B 506 -31.04 0.07 17.86
C TYR B 506 -31.02 0.72 19.24
N ARG B 507 -31.53 0.00 20.24
CA ARG B 507 -31.54 0.48 21.61
C ARG B 507 -30.15 0.95 22.01
N TYR B 508 -29.15 0.11 21.71
CA TYR B 508 -27.77 0.43 22.02
C TYR B 508 -27.42 1.84 21.56
N LEU B 509 -28.09 2.29 20.50
CA LEU B 509 -27.90 3.64 19.97
C LEU B 509 -28.64 4.68 20.81
N GLU B 510 -29.91 4.41 21.08
CA GLU B 510 -30.76 5.37 21.78
C GLU B 510 -30.40 5.54 23.25
N GLU B 511 -30.11 4.44 23.92
CA GLU B 511 -29.73 4.47 25.33
C GLU B 511 -28.42 5.22 25.54
N THR B 512 -27.62 5.29 24.48
CA THR B 512 -26.38 6.05 24.51
C THR B 512 -26.59 7.45 23.95
N ASP B 513 -27.84 7.77 23.61
CA ASP B 513 -28.22 9.10 23.16
C ASP B 513 -27.47 9.54 21.91
N VAL B 514 -27.29 8.62 20.98
CA VAL B 514 -26.61 8.93 19.71
C VAL B 514 -27.24 10.14 19.02
N PRO B 515 -28.57 10.14 18.85
CA PRO B 515 -29.24 11.27 18.18
C PRO B 515 -28.85 12.61 18.81
N LEU B 516 -28.93 12.71 20.13
CA LEU B 516 -28.62 13.95 20.83
C LEU B 516 -27.19 14.41 20.54
N LYS B 517 -26.22 13.57 20.85
CA LYS B 517 -24.81 13.90 20.64
C LYS B 517 -24.52 14.20 19.17
N LEU B 518 -25.17 13.45 18.27
CA LEU B 518 -25.07 13.72 16.85
C LEU B 518 -25.46 15.17 16.58
N ASP B 519 -26.68 15.52 16.98
CA ASP B 519 -27.22 16.87 16.79
C ASP B 519 -26.27 17.93 17.33
N GLN B 520 -25.69 17.66 18.51
CA GLN B 520 -24.72 18.56 19.09
C GLN B 520 -23.55 18.77 18.13
N GLU B 521 -22.99 17.66 17.66
CA GLU B 521 -21.89 17.72 16.71
C GLU B 521 -22.31 18.43 15.44
N ARG B 522 -23.57 18.27 15.06
CA ARG B 522 -24.10 18.95 13.88
C ARG B 522 -23.87 20.45 14.01
N GLN B 523 -24.13 20.98 15.19
CA GLN B 523 -23.92 22.41 15.46
C GLN B 523 -22.48 22.81 15.18
N ARG B 524 -21.55 22.20 15.92
CA ARG B 524 -20.14 22.56 15.84
C ARG B 524 -19.66 22.68 14.40
N ALA B 525 -20.17 21.81 13.55
CA ALA B 525 -19.84 21.84 12.13
C ALA B 525 -20.26 23.18 11.51
N GLU B 526 -21.50 23.60 11.79
CA GLU B 526 -22.03 24.84 11.26
C GLU B 526 -21.25 26.06 11.74
N ASP B 527 -21.07 26.16 13.05
CA ASP B 527 -20.39 27.30 13.66
C ASP B 527 -18.95 27.43 13.15
N ASP B 528 -18.43 26.39 12.52
CA ASP B 528 -17.07 26.42 11.99
C ASP B 528 -17.09 26.62 10.47
N GLY B 529 -18.27 26.89 9.92
CA GLY B 529 -18.40 27.19 8.51
C GLY B 529 -18.70 25.98 7.64
N ARG B 530 -18.80 24.81 8.26
CA ARG B 530 -19.07 23.58 7.52
C ARG B 530 -20.51 23.10 7.72
N ILE B 531 -21.37 23.40 6.75
CA ILE B 531 -22.77 22.98 6.78
C ILE B 531 -22.93 21.62 6.12
N ILE B 532 -22.26 21.45 4.98
CA ILE B 532 -22.30 20.20 4.23
C ILE B 532 -22.02 19.03 5.18
N GLU B 533 -20.91 19.12 5.90
CA GLU B 533 -20.55 18.12 6.89
C GLU B 533 -21.64 17.96 7.95
N ALA B 534 -22.23 19.07 8.36
CA ALA B 534 -23.29 19.04 9.38
C ALA B 534 -24.53 18.32 8.87
N GLN B 535 -24.76 18.39 7.55
CA GLN B 535 -25.93 17.78 6.94
C GLN B 535 -25.83 16.25 6.93
N GLN B 536 -24.63 15.73 6.78
CA GLN B 536 -24.41 14.30 6.63
C GLN B 536 -24.62 13.54 7.94
N HIS B 537 -24.72 14.26 9.05
CA HIS B 537 -24.82 13.64 10.36
C HIS B 537 -26.11 12.85 10.56
N GLN B 538 -27.22 13.56 10.73
CA GLN B 538 -28.50 12.89 10.93
C GLN B 538 -29.04 12.39 9.60
N GLN B 539 -28.29 12.66 8.54
CA GLN B 539 -28.56 12.04 7.26
C GLN B 539 -28.00 10.63 7.30
N ALA B 540 -26.94 10.47 8.08
CA ALA B 540 -26.35 9.15 8.34
C ALA B 540 -27.29 8.35 9.23
N TRP B 541 -28.03 9.05 10.07
CA TRP B 541 -28.94 8.42 11.02
C TRP B 541 -30.03 7.61 10.31
N ASP B 542 -30.61 8.19 9.26
CA ASP B 542 -31.65 7.50 8.50
C ASP B 542 -31.11 6.30 7.75
N ALA B 543 -29.94 6.45 7.13
CA ALA B 543 -29.33 5.37 6.36
C ALA B 543 -29.27 4.07 7.16
N VAL B 544 -28.85 4.15 8.41
CA VAL B 544 -28.73 2.98 9.26
C VAL B 544 -30.10 2.40 9.61
N ILE B 545 -31.08 3.27 9.84
CA ILE B 545 -32.42 2.84 10.20
C ILE B 545 -33.12 2.13 9.05
N GLN B 546 -33.19 2.80 7.90
CA GLN B 546 -33.79 2.20 6.70
C GLN B 546 -33.18 0.83 6.45
N LEU B 547 -31.89 0.71 6.76
CA LEU B 547 -31.19 -0.56 6.64
C LEU B 547 -31.82 -1.58 7.57
N LEU B 548 -32.00 -1.20 8.83
CA LEU B 548 -32.64 -2.07 9.80
C LEU B 548 -34.08 -2.40 9.38
N GLU B 549 -34.81 -1.38 8.96
CA GLU B 549 -36.19 -1.55 8.53
C GLU B 549 -36.31 -2.58 7.41
N GLU B 550 -35.57 -2.38 6.34
CA GLU B 550 -35.58 -3.32 5.22
C GLU B 550 -35.14 -4.70 5.68
N PHE B 551 -34.17 -4.73 6.60
CA PHE B 551 -33.65 -5.98 7.14
C PHE B 551 -34.77 -6.75 7.83
N VAL B 552 -35.43 -6.10 8.79
CA VAL B 552 -36.51 -6.73 9.53
C VAL B 552 -37.73 -6.95 8.65
N GLU B 553 -37.78 -6.27 7.51
CA GLU B 553 -38.87 -6.43 6.56
C GLU B 553 -38.75 -7.75 5.82
N MET B 554 -37.59 -7.98 5.22
CA MET B 554 -37.34 -9.18 4.43
C MET B 554 -37.10 -10.43 5.30
N MET B 555 -36.16 -10.33 6.22
CA MET B 555 -35.77 -11.47 7.06
C MET B 555 -36.05 -11.25 8.55
N GLY B 556 -36.89 -10.28 8.86
CA GLY B 556 -37.13 -9.93 10.25
C GLY B 556 -37.42 -11.09 11.17
N ASP B 557 -38.38 -11.94 10.79
CA ASP B 557 -38.75 -13.08 11.60
C ASP B 557 -37.97 -14.35 11.25
N ASP B 558 -36.84 -14.17 10.58
CA ASP B 558 -35.93 -15.28 10.30
C ASP B 558 -34.84 -15.36 11.36
N GLU B 559 -34.65 -16.57 11.89
CA GLU B 559 -33.61 -16.84 12.88
C GLU B 559 -32.23 -16.62 12.26
N ILE B 560 -31.27 -16.25 13.09
CA ILE B 560 -29.91 -16.00 12.64
C ILE B 560 -29.06 -15.49 13.80
N SER B 561 -27.74 -15.63 13.70
CA SER B 561 -26.85 -15.16 14.76
C SER B 561 -25.75 -14.26 14.22
N LEU B 562 -25.07 -13.56 15.12
CA LEU B 562 -24.16 -12.48 14.76
C LEU B 562 -23.26 -12.75 13.56
N ASP B 563 -22.79 -13.99 13.43
CA ASP B 563 -21.86 -14.34 12.36
C ASP B 563 -22.35 -13.86 11.00
N LEU B 564 -23.57 -14.26 10.63
CA LEU B 564 -24.16 -13.83 9.36
C LEU B 564 -24.85 -12.48 9.50
N PHE B 565 -25.50 -12.26 10.64
CA PHE B 565 -26.19 -11.00 10.91
C PHE B 565 -25.25 -9.82 10.68
N GLN B 566 -24.07 -9.89 11.29
CA GLN B 566 -23.08 -8.83 11.17
C GLN B 566 -22.59 -8.68 9.72
N GLN B 567 -22.37 -9.81 9.05
CA GLN B 567 -21.90 -9.80 7.68
C GLN B 567 -22.81 -8.97 6.78
N MET B 568 -24.11 -9.06 7.02
CA MET B 568 -25.09 -8.34 6.21
C MET B 568 -25.14 -6.86 6.59
N ILE B 569 -24.96 -6.58 7.87
CA ILE B 569 -24.84 -5.20 8.33
C ILE B 569 -23.58 -4.59 7.72
N GLU B 570 -22.50 -5.36 7.73
CA GLU B 570 -21.22 -4.93 7.20
C GLU B 570 -21.34 -4.58 5.72
N ALA B 571 -22.06 -5.41 4.98
CA ALA B 571 -22.28 -5.17 3.56
C ALA B 571 -23.26 -4.02 3.36
N GLY B 572 -24.09 -3.77 4.38
CA GLY B 572 -25.03 -2.67 4.34
C GLY B 572 -24.33 -1.34 4.47
N ALA B 573 -23.34 -1.29 5.36
CA ALA B 573 -22.57 -0.06 5.57
C ALA B 573 -21.82 0.34 4.30
N GLU B 574 -21.14 -0.63 3.69
CA GLU B 574 -20.38 -0.38 2.48
C GLU B 574 -21.24 0.23 1.38
N SER B 575 -22.51 -0.18 1.35
CA SER B 575 -23.44 0.29 0.32
C SER B 575 -24.03 1.65 0.64
N LEU B 576 -24.00 2.02 1.93
CA LEU B 576 -24.57 3.30 2.35
C LEU B 576 -23.94 4.47 1.60
N THR B 577 -24.77 5.45 1.26
CA THR B 577 -24.32 6.59 0.47
C THR B 577 -24.79 7.92 1.05
N PHE B 578 -24.11 9.00 0.67
CA PHE B 578 -24.52 10.34 1.05
C PHE B 578 -25.21 11.03 -0.13
N SER B 579 -26.19 11.88 0.18
CA SER B 579 -26.90 12.62 -0.87
C SER B 579 -25.90 13.37 -1.73
N LEU B 580 -26.13 13.35 -3.04
CA LEU B 580 -25.27 14.05 -3.98
C LEU B 580 -25.24 15.55 -3.66
N ILE B 581 -24.04 16.11 -3.57
CA ILE B 581 -23.87 17.53 -3.28
C ILE B 581 -24.42 18.36 -4.43
N PRO B 582 -25.48 19.13 -4.16
CA PRO B 582 -26.18 19.92 -5.18
C PRO B 582 -25.24 20.90 -5.89
N PRO B 583 -25.42 21.06 -7.21
CA PRO B 583 -24.60 21.97 -8.02
C PRO B 583 -24.72 23.42 -7.56
N ALA B 584 -23.70 24.21 -7.83
CA ALA B 584 -23.72 25.63 -7.52
C ALA B 584 -23.66 26.44 -8.81
N LEU B 585 -24.10 27.69 -8.75
CA LEU B 585 -24.21 28.53 -9.94
C LEU B 585 -22.92 28.60 -10.76
N ASP B 586 -21.78 28.69 -10.09
CA ASP B 586 -20.50 28.79 -10.79
C ASP B 586 -19.51 27.74 -10.30
N GLN B 587 -19.37 26.66 -11.06
CA GLN B 587 -18.51 25.55 -10.67
C GLN B 587 -17.82 24.92 -11.86
N VAL B 588 -16.65 24.33 -11.63
CA VAL B 588 -16.00 23.48 -12.60
C VAL B 588 -16.68 22.12 -12.52
N PHE B 589 -17.06 21.56 -13.66
CA PHE B 589 -17.78 20.29 -13.65
C PHE B 589 -16.83 19.10 -13.80
N VAL B 590 -16.60 18.40 -12.69
CA VAL B 590 -15.77 17.19 -12.71
C VAL B 590 -16.64 15.94 -12.66
N GLY B 591 -16.67 15.21 -13.77
CA GLY B 591 -17.49 14.01 -13.86
C GLY B 591 -16.89 12.94 -14.75
N ASN B 592 -17.65 11.88 -14.95
CA ASN B 592 -17.15 10.75 -15.74
C ASN B 592 -17.28 10.95 -17.24
N MET B 593 -16.84 9.95 -18.00
CA MET B 593 -16.80 10.03 -19.45
C MET B 593 -17.87 9.14 -20.08
N ASP B 594 -18.72 8.58 -19.24
CA ASP B 594 -19.76 7.65 -19.70
C ASP B 594 -21.13 8.30 -19.75
N LEU B 595 -21.82 8.33 -18.60
CA LEU B 595 -23.18 8.85 -18.55
C LEU B 595 -23.29 10.30 -18.07
N SER B 596 -22.17 10.91 -17.71
CA SER B 596 -22.18 12.31 -17.36
C SER B 596 -22.64 13.13 -18.56
N ARG B 597 -23.42 14.17 -18.30
CA ARG B 597 -23.88 15.07 -19.36
C ARG B 597 -23.47 16.50 -19.09
N MET B 598 -23.25 17.26 -20.15
CA MET B 598 -22.85 18.66 -20.02
C MET B 598 -23.44 19.49 -21.16
N TYR B 599 -23.53 20.80 -20.94
CA TYR B 599 -24.08 21.69 -21.95
C TYR B 599 -23.46 23.09 -21.90
N GLY B 600 -23.13 23.63 -23.07
CA GLY B 600 -22.56 24.96 -23.15
C GLY B 600 -21.13 25.03 -22.65
N THR B 601 -20.47 23.87 -22.61
CA THR B 601 -19.10 23.78 -22.11
C THR B 601 -18.11 24.45 -23.06
N SER B 602 -17.27 25.32 -22.51
CA SER B 602 -16.26 26.02 -23.29
C SER B 602 -14.97 25.20 -23.37
N CYS B 603 -14.39 24.90 -22.21
CA CYS B 603 -13.15 24.14 -22.15
C CYS B 603 -13.36 22.81 -21.43
N THR B 604 -12.88 21.73 -22.05
CA THR B 604 -13.02 20.40 -21.47
C THR B 604 -11.68 19.67 -21.35
N PHE B 605 -11.31 19.29 -20.13
CA PHE B 605 -10.10 18.51 -19.89
C PHE B 605 -10.44 17.03 -19.81
N VAL B 606 -9.65 16.20 -20.47
CA VAL B 606 -9.78 14.75 -20.37
C VAL B 606 -8.61 14.15 -19.61
N LEU B 607 -8.92 13.41 -18.54
CA LEU B 607 -7.90 12.84 -17.68
C LEU B 607 -7.70 11.35 -17.94
N GLY B 608 -6.53 10.84 -17.60
CA GLY B 608 -6.23 9.42 -17.69
C GLY B 608 -6.34 8.84 -19.08
N ALA B 609 -5.60 9.42 -20.02
CA ALA B 609 -5.59 8.94 -21.40
C ALA B 609 -4.68 7.73 -21.50
N ASN B 610 -4.38 7.12 -20.36
CA ASN B 610 -3.50 5.97 -20.29
C ASN B 610 -4.06 4.76 -21.01
N ASP B 611 -3.17 3.98 -21.61
CA ASP B 611 -3.55 2.72 -22.26
C ASP B 611 -4.02 1.75 -21.19
N GLY B 612 -5.05 0.98 -21.52
CA GLY B 612 -5.67 0.08 -20.56
C GLY B 612 -6.71 0.81 -19.72
N VAL B 613 -6.75 2.13 -19.87
CA VAL B 613 -7.67 2.96 -19.11
C VAL B 613 -8.71 3.64 -20.00
N LEU B 614 -8.27 4.54 -20.87
CA LEU B 614 -9.19 5.33 -21.69
C LEU B 614 -10.11 4.45 -22.54
N PRO B 615 -9.54 3.70 -23.50
CA PRO B 615 -10.40 2.71 -24.16
C PRO B 615 -10.55 1.51 -23.24
N ALA B 616 -11.26 1.71 -22.13
CA ALA B 616 -11.29 0.75 -21.04
C ALA B 616 -11.31 -0.70 -21.48
N ARG B 617 -10.31 -1.45 -21.04
CA ARG B 617 -10.27 -2.88 -21.28
C ARG B 617 -11.59 -3.50 -20.90
N PRO B 618 -12.08 -4.43 -21.72
CA PRO B 618 -13.36 -5.08 -21.44
C PRO B 618 -13.43 -5.56 -20.00
N ASP B 619 -14.36 -5.00 -19.23
CA ASP B 619 -14.51 -5.36 -17.83
C ASP B 619 -15.06 -6.77 -17.68
N GLU B 620 -14.41 -7.57 -16.83
CA GLU B 620 -14.88 -8.92 -16.58
C GLU B 620 -15.71 -8.97 -15.30
N ASN B 621 -17.02 -8.92 -15.47
CA ASN B 621 -17.95 -8.95 -14.35
C ASN B 621 -19.26 -9.63 -14.73
N GLY B 622 -20.10 -9.87 -13.72
CA GLY B 622 -21.43 -10.40 -13.96
C GLY B 622 -21.49 -11.92 -14.08
N VAL B 623 -22.72 -12.43 -14.11
CA VAL B 623 -22.96 -13.86 -14.17
C VAL B 623 -22.75 -14.43 -15.57
N LEU B 624 -23.05 -13.63 -16.59
CA LEU B 624 -22.93 -14.09 -17.98
C LEU B 624 -21.66 -13.60 -18.66
N SER B 625 -20.98 -14.50 -19.35
CA SER B 625 -19.74 -14.17 -20.05
C SER B 625 -20.06 -13.51 -21.39
N ASP B 626 -19.09 -12.74 -21.89
CA ASP B 626 -19.20 -12.11 -23.20
C ASP B 626 -19.61 -13.15 -24.24
N ASP B 627 -19.06 -14.35 -24.11
CA ASP B 627 -19.39 -15.45 -25.00
C ASP B 627 -20.86 -15.83 -24.91
N ASP B 628 -21.34 -16.06 -23.68
CA ASP B 628 -22.75 -16.41 -23.46
C ASP B 628 -23.65 -15.39 -24.13
N ARG B 629 -23.49 -14.12 -23.76
CA ARG B 629 -24.32 -13.04 -24.28
C ARG B 629 -24.32 -13.02 -25.81
N GLU B 630 -23.13 -13.10 -26.40
CA GLU B 630 -23.02 -13.07 -27.86
C GLU B 630 -23.75 -14.25 -28.51
N TRP B 631 -23.78 -15.38 -27.80
CA TRP B 631 -24.50 -16.57 -28.26
C TRP B 631 -26.00 -16.33 -28.22
N LEU B 632 -26.49 -15.89 -27.06
CA LEU B 632 -27.91 -15.65 -26.87
C LEU B 632 -28.49 -14.79 -27.98
N LYS B 633 -27.68 -13.82 -28.43
CA LYS B 633 -28.08 -12.91 -29.50
C LYS B 633 -28.61 -13.69 -30.69
N THR B 634 -27.94 -14.80 -31.02
CA THR B 634 -28.26 -15.57 -32.21
C THR B 634 -29.53 -16.40 -32.03
N ILE B 635 -30.09 -16.36 -30.83
CA ILE B 635 -31.26 -17.18 -30.56
C ILE B 635 -32.49 -16.26 -30.56
N GLY B 636 -32.25 -14.99 -30.86
CA GLY B 636 -33.31 -14.01 -30.94
C GLY B 636 -33.56 -13.46 -29.56
N VAL B 637 -32.50 -13.35 -28.78
CA VAL B 637 -32.58 -12.79 -27.44
C VAL B 637 -31.55 -11.67 -27.28
N GLU B 638 -32.03 -10.47 -26.95
CA GLU B 638 -31.14 -9.34 -26.78
C GLU B 638 -30.99 -8.94 -25.32
N LEU B 639 -29.74 -8.87 -24.86
CA LEU B 639 -29.44 -8.47 -23.49
C LEU B 639 -28.60 -7.19 -23.53
N SER B 640 -28.10 -6.77 -22.38
CA SER B 640 -27.19 -5.64 -22.33
C SER B 640 -25.87 -6.03 -23.01
N SER B 641 -25.30 -5.10 -23.78
CA SER B 641 -24.05 -5.37 -24.50
C SER B 641 -23.02 -6.03 -23.58
N GLY B 642 -22.31 -5.18 -22.83
CA GLY B 642 -21.50 -5.63 -21.70
C GLY B 642 -20.07 -6.04 -21.98
N GLY B 643 -19.87 -6.88 -23.00
CA GLY B 643 -18.55 -7.44 -23.25
C GLY B 643 -17.68 -6.74 -24.28
N ARG B 644 -17.89 -7.10 -25.55
CA ARG B 644 -17.08 -6.58 -26.65
C ARG B 644 -17.74 -5.40 -27.34
N GLU B 645 -19.05 -5.27 -27.18
CA GLU B 645 -19.81 -4.19 -27.78
C GLU B 645 -19.47 -2.87 -27.11
N ARG B 646 -19.29 -2.92 -25.80
CA ARG B 646 -18.85 -1.75 -25.03
C ARG B 646 -17.59 -1.16 -25.63
N LEU B 647 -16.65 -2.03 -25.98
CA LEU B 647 -15.37 -1.61 -26.54
C LEU B 647 -15.57 -0.90 -27.88
N LEU B 648 -16.65 -1.26 -28.57
CA LEU B 648 -17.02 -0.59 -29.81
C LEU B 648 -17.69 0.75 -29.49
N ASP B 649 -18.34 0.82 -28.34
CA ASP B 649 -19.08 2.01 -27.95
C ASP B 649 -18.19 3.03 -27.26
N GLU B 650 -17.02 2.59 -26.81
CA GLU B 650 -16.05 3.49 -26.17
C GLU B 650 -15.63 4.61 -27.11
N HIS B 651 -15.52 4.28 -28.40
CA HIS B 651 -15.12 5.27 -29.39
C HIS B 651 -16.19 6.35 -29.57
N PHE B 652 -17.46 5.96 -29.48
CA PHE B 652 -18.54 6.93 -29.54
C PHE B 652 -18.52 7.84 -28.32
N LEU B 653 -18.19 7.26 -27.17
CA LEU B 653 -18.18 7.99 -25.91
C LEU B 653 -17.02 8.98 -25.82
N ILE B 654 -15.86 8.58 -26.35
CA ILE B 654 -14.71 9.47 -26.38
C ILE B 654 -14.89 10.50 -27.48
N TYR B 655 -15.73 10.16 -28.45
CA TYR B 655 -16.08 11.08 -29.53
C TYR B 655 -16.91 12.24 -28.99
N MET B 656 -17.92 11.92 -28.19
CA MET B 656 -18.77 12.93 -27.57
C MET B 656 -17.96 13.77 -26.59
N ALA B 657 -17.02 13.14 -25.91
CA ALA B 657 -16.14 13.83 -24.97
C ALA B 657 -15.25 14.84 -25.69
N PHE B 658 -14.64 14.40 -26.78
CA PHE B 658 -13.74 15.25 -27.55
C PHE B 658 -14.46 16.42 -28.22
N SER B 659 -15.72 16.22 -28.55
CA SER B 659 -16.49 17.26 -29.23
C SER B 659 -17.30 18.08 -28.23
N SER B 660 -17.18 17.76 -26.94
CA SER B 660 -17.95 18.45 -25.91
C SER B 660 -17.68 19.95 -25.82
N PRO B 661 -16.40 20.36 -25.81
CA PRO B 661 -16.09 21.78 -25.63
C PRO B 661 -16.25 22.59 -26.91
N SER B 662 -16.54 23.88 -26.77
CA SER B 662 -16.68 24.76 -27.91
C SER B 662 -15.37 25.47 -28.20
N ASP B 663 -14.66 25.84 -27.14
CA ASP B 663 -13.43 26.63 -27.28
C ASP B 663 -12.17 25.76 -27.31
N ARG B 664 -11.93 25.01 -26.24
CA ARG B 664 -10.67 24.30 -26.08
C ARG B 664 -10.85 22.85 -25.68
N LEU B 665 -9.88 22.02 -26.09
CA LEU B 665 -9.84 20.62 -25.65
C LEU B 665 -8.45 20.25 -25.14
N TYR B 666 -8.40 19.75 -23.91
CA TYR B 666 -7.15 19.28 -23.31
C TYR B 666 -7.23 17.79 -23.05
N VAL B 667 -6.28 17.04 -23.61
CA VAL B 667 -6.21 15.61 -23.36
C VAL B 667 -4.88 15.25 -22.68
N SER B 668 -4.97 14.79 -21.44
CA SER B 668 -3.77 14.55 -20.65
C SER B 668 -3.62 13.10 -20.17
N TYR B 669 -2.37 12.71 -19.91
CA TYR B 669 -2.09 11.39 -19.37
C TYR B 669 -0.85 11.44 -18.48
N PRO B 670 -0.89 10.75 -17.33
CA PRO B 670 0.26 10.65 -16.42
C PRO B 670 1.24 9.57 -16.89
N ILE B 671 2.54 9.83 -16.73
CA ILE B 671 3.57 8.88 -17.11
C ILE B 671 3.77 7.80 -16.04
N ALA B 672 3.88 8.22 -14.79
CA ALA B 672 4.12 7.30 -13.69
C ALA B 672 2.82 6.78 -13.08
N ASP B 673 2.95 6.08 -11.95
CA ASP B 673 1.80 5.51 -11.27
C ASP B 673 1.75 6.06 -9.85
N ALA B 674 0.66 5.79 -9.15
CA ALA B 674 0.54 6.19 -7.75
C ALA B 674 1.76 5.70 -6.97
N GLU B 675 2.20 4.50 -7.29
CA GLU B 675 3.34 3.90 -6.59
C GLU B 675 4.64 4.01 -7.38
N GLY B 676 4.56 4.38 -8.65
CA GLY B 676 5.75 4.60 -9.45
C GLY B 676 5.86 3.77 -10.73
N LYS B 677 5.00 2.77 -10.86
CA LYS B 677 4.97 1.94 -12.07
C LYS B 677 4.77 2.80 -13.33
N THR B 678 5.23 2.28 -14.47
CA THR B 678 5.14 3.01 -15.73
C THR B 678 3.74 2.97 -16.34
N LEU B 679 3.34 4.07 -16.98
CA LEU B 679 2.06 4.16 -17.68
C LEU B 679 2.24 4.77 -19.07
N LEU B 680 1.71 4.10 -20.07
CA LEU B 680 1.77 4.59 -21.45
C LEU B 680 0.48 5.31 -21.83
N PRO B 681 0.55 6.19 -22.83
CA PRO B 681 -0.64 6.83 -23.37
C PRO B 681 -1.47 5.78 -24.11
N SER B 682 -2.76 6.01 -24.28
CA SER B 682 -3.59 5.06 -25.01
C SER B 682 -3.50 5.32 -26.50
N MET B 683 -4.11 4.43 -27.28
CA MET B 683 -4.07 4.52 -28.73
C MET B 683 -4.74 5.81 -29.24
N ILE B 684 -5.52 6.43 -28.38
CA ILE B 684 -6.21 7.68 -28.73
C ILE B 684 -5.22 8.81 -29.00
N VAL B 685 -4.27 8.98 -28.09
CA VAL B 685 -3.26 10.03 -28.23
C VAL B 685 -2.53 9.89 -29.56
N LYS B 686 -2.23 8.65 -29.93
CA LYS B 686 -1.53 8.35 -31.18
C LYS B 686 -2.34 8.84 -32.38
N ARG B 687 -3.62 8.49 -32.40
CA ARG B 687 -4.51 8.89 -33.48
C ARG B 687 -4.72 10.40 -33.50
N LEU B 688 -4.78 11.00 -32.31
CA LEU B 688 -4.84 12.45 -32.21
C LEU B 688 -3.62 13.06 -32.88
N GLU B 689 -2.47 12.43 -32.67
CA GLU B 689 -1.23 12.87 -33.29
C GLU B 689 -1.25 12.59 -34.80
N GLU B 690 -2.19 11.77 -35.23
CA GLU B 690 -2.33 11.48 -36.66
C GLU B 690 -3.16 12.56 -37.35
N LEU B 691 -4.16 13.07 -36.64
CA LEU B 691 -5.02 14.12 -37.17
C LEU B 691 -4.35 15.48 -36.95
N PHE B 692 -3.44 15.54 -35.99
CA PHE B 692 -2.70 16.76 -35.71
C PHE B 692 -1.22 16.44 -35.50
N PRO B 693 -0.55 16.01 -36.58
CA PRO B 693 0.84 15.55 -36.56
C PRO B 693 1.82 16.59 -36.06
N HIS B 694 1.55 17.86 -36.37
CA HIS B 694 2.48 18.93 -36.06
C HIS B 694 2.13 19.64 -34.76
N HIS B 695 1.12 19.14 -34.06
CA HIS B 695 0.74 19.67 -32.76
C HIS B 695 1.73 19.23 -31.69
N LYS B 696 2.30 20.20 -30.98
CA LYS B 696 3.19 19.89 -29.87
C LYS B 696 2.33 19.51 -28.67
N GLU B 697 2.94 18.87 -27.68
CA GLU B 697 2.22 18.52 -26.47
C GLU B 697 2.96 19.03 -25.23
N ARG B 698 2.23 19.76 -24.37
CA ARG B 698 2.83 20.41 -23.22
C ARG B 698 3.22 19.46 -22.11
N LEU B 699 3.94 19.97 -21.13
CA LEU B 699 4.40 19.18 -20.00
C LEU B 699 3.81 19.71 -18.69
N LEU B 700 3.25 18.81 -17.89
CA LEU B 700 2.72 19.18 -16.58
C LEU B 700 3.64 18.66 -15.48
N THR B 701 4.29 19.58 -14.78
CA THR B 701 5.27 19.21 -13.76
C THR B 701 5.22 20.13 -12.54
N ASN B 702 5.54 19.57 -11.38
CA ASN B 702 5.65 20.35 -10.16
C ASN B 702 7.08 20.84 -9.96
N GLU B 703 7.88 20.70 -11.01
CA GLU B 703 9.25 21.19 -11.02
C GLU B 703 9.36 22.31 -12.06
N PRO B 704 8.95 23.53 -11.66
CA PRO B 704 8.85 24.70 -12.54
C PRO B 704 10.11 24.98 -13.34
N GLU B 705 11.28 24.68 -12.78
CA GLU B 705 12.54 24.96 -13.47
C GLU B 705 12.64 24.22 -14.80
N GLN B 706 11.76 23.25 -15.01
CA GLN B 706 11.75 22.46 -16.23
C GLN B 706 10.96 23.12 -17.35
N VAL B 707 10.41 24.31 -17.07
CA VAL B 707 9.61 25.03 -18.06
C VAL B 707 10.09 26.46 -18.21
N SER B 708 9.54 27.17 -19.21
CA SER B 708 9.92 28.56 -19.48
C SER B 708 9.32 29.53 -18.47
N ASP B 709 9.88 30.72 -18.40
CA ASP B 709 9.41 31.75 -17.48
C ASP B 709 7.90 31.93 -17.53
N GLU B 710 7.34 31.81 -18.73
CA GLU B 710 5.90 31.95 -18.92
C GLU B 710 5.12 31.00 -18.01
N GLU B 711 5.24 29.70 -18.28
CA GLU B 711 4.55 28.69 -17.48
C GLU B 711 4.83 28.84 -15.99
N GLN B 712 6.07 29.19 -15.66
CA GLN B 712 6.48 29.37 -14.27
C GLN B 712 5.64 30.44 -13.58
N LEU B 713 5.02 31.30 -14.36
CA LEU B 713 4.20 32.38 -13.81
C LEU B 713 2.77 31.89 -13.54
N MET B 714 2.48 30.66 -13.92
CA MET B 714 1.16 30.08 -13.69
C MET B 714 1.10 29.34 -12.36
N TYR B 715 2.24 29.29 -11.68
CA TYR B 715 2.31 28.62 -10.38
C TYR B 715 1.96 29.58 -9.25
N VAL B 716 2.00 30.87 -9.54
CA VAL B 716 1.76 31.90 -8.54
C VAL B 716 0.26 32.16 -8.32
N VAL B 717 -0.56 31.15 -8.59
CA VAL B 717 -2.00 31.29 -8.53
C VAL B 717 -2.53 31.70 -7.15
N ASN B 718 -1.83 31.29 -6.11
CA ASN B 718 -2.30 31.53 -4.75
C ASN B 718 -1.14 31.70 -3.77
N LYS B 719 -1.37 32.39 -2.67
CA LYS B 719 -0.34 32.59 -1.64
C LYS B 719 0.30 31.26 -1.24
N SER B 720 -0.53 30.34 -0.76
CA SER B 720 -0.07 29.04 -0.29
C SER B 720 0.82 28.35 -1.33
N VAL B 721 0.27 28.14 -2.52
CA VAL B 721 0.99 27.45 -3.57
C VAL B 721 2.23 28.22 -4.02
N ALA B 722 2.12 29.55 -4.05
CA ALA B 722 3.26 30.39 -4.40
C ALA B 722 4.40 30.13 -3.42
N GLN B 723 4.06 30.12 -2.13
CA GLN B 723 5.03 29.84 -1.09
C GLN B 723 5.67 28.46 -1.27
N SER B 724 4.83 27.43 -1.30
CA SER B 724 5.31 26.06 -1.44
C SER B 724 6.30 25.90 -2.58
N PHE B 725 6.07 26.64 -3.66
CA PHE B 725 6.95 26.57 -4.82
C PHE B 725 8.21 27.42 -4.68
N THR B 726 8.06 28.62 -4.13
CA THR B 726 9.21 29.50 -3.94
C THR B 726 10.23 28.88 -2.99
N ALA B 727 9.73 28.30 -1.90
CA ALA B 727 10.59 27.65 -0.93
C ALA B 727 11.48 26.61 -1.62
N SER B 728 10.87 25.82 -2.50
CA SER B 728 11.59 24.78 -3.21
C SER B 728 12.53 25.35 -4.27
N GLN B 729 12.20 26.53 -4.77
CA GLN B 729 13.03 27.19 -5.78
C GLN B 729 14.30 27.75 -5.18
N LEU B 730 14.17 28.43 -4.03
CA LEU B 730 15.32 28.97 -3.33
C LEU B 730 16.30 27.85 -3.00
N ARG B 731 15.77 26.71 -2.56
CA ARG B 731 16.56 25.54 -2.27
C ARG B 731 17.42 25.15 -3.47
N LEU B 732 16.75 24.71 -4.52
CA LEU B 732 17.42 24.27 -5.75
C LEU B 732 18.33 25.37 -6.30
N TRP B 733 18.08 26.62 -5.91
CA TRP B 733 18.90 27.74 -6.37
C TRP B 733 20.28 27.75 -5.73
N THR B 734 20.32 27.61 -4.41
CA THR B 734 21.58 27.59 -3.68
C THR B 734 22.48 26.48 -4.23
N ARG B 735 21.84 25.50 -4.89
CA ARG B 735 22.55 24.37 -5.45
C ARG B 735 23.25 24.72 -6.76
N GLU B 736 23.43 26.03 -6.98
CA GLU B 736 24.18 26.55 -8.14
C GLU B 736 23.35 26.62 -9.42
N TYR B 737 22.08 26.23 -9.34
CA TYR B 737 21.20 26.27 -10.50
C TYR B 737 20.61 27.68 -10.70
N ASP B 738 20.63 28.15 -11.94
CA ASP B 738 20.07 29.47 -12.27
C ASP B 738 18.56 29.39 -12.43
N ILE B 739 17.84 30.01 -11.50
CA ILE B 739 16.39 29.95 -11.51
C ILE B 739 15.78 31.16 -12.22
N SER B 740 14.46 31.21 -12.28
CA SER B 740 13.75 32.30 -12.95
C SER B 740 13.38 33.41 -11.98
N ASP B 741 13.45 34.65 -12.47
CA ASP B 741 13.25 35.82 -11.63
C ASP B 741 11.80 36.01 -11.19
N VAL B 742 10.90 35.19 -11.73
CA VAL B 742 9.49 35.24 -11.32
C VAL B 742 9.36 34.91 -9.84
N TRP B 743 10.24 34.05 -9.35
CA TRP B 743 10.21 33.62 -7.97
C TRP B 743 10.84 34.64 -7.02
N TRP B 744 11.73 35.48 -7.55
CA TRP B 744 12.29 36.57 -6.78
C TRP B 744 11.20 37.62 -6.55
N SER B 745 10.43 37.89 -7.59
CA SER B 745 9.29 38.79 -7.48
C SER B 745 8.33 38.25 -6.44
N THR B 746 7.89 37.00 -6.65
CA THR B 746 7.00 36.32 -5.72
C THR B 746 7.51 36.45 -4.29
N TYR B 747 8.81 36.23 -4.12
CA TYR B 747 9.44 36.35 -2.81
C TYR B 747 9.17 37.71 -2.21
N ASN B 748 9.65 38.75 -2.88
CA ASN B 748 9.53 40.12 -2.39
C ASN B 748 8.10 40.50 -2.03
N VAL B 749 7.15 39.99 -2.82
CA VAL B 749 5.74 40.26 -2.57
C VAL B 749 5.31 39.70 -1.22
N LEU B 750 5.58 38.42 -1.00
CA LEU B 750 5.22 37.76 0.25
C LEU B 750 5.95 38.40 1.43
N MET B 751 7.06 39.06 1.12
CA MET B 751 7.93 39.66 2.13
C MET B 751 7.46 41.05 2.53
N SER B 752 6.39 41.52 1.93
CA SER B 752 5.93 42.88 2.15
C SER B 752 4.56 42.97 2.81
N GLU B 753 4.02 41.80 3.18
CA GLU B 753 2.66 41.71 3.69
C GLU B 753 2.51 41.84 5.20
N GLN B 754 1.51 41.13 5.73
CA GLN B 754 1.20 41.08 7.14
C GLN B 754 1.65 39.74 7.72
N ASP B 755 1.39 38.66 6.97
CA ASP B 755 1.77 37.32 7.40
C ASP B 755 3.22 37.04 7.03
N ARG B 756 3.96 38.12 6.77
CA ARG B 756 5.38 38.02 6.49
C ARG B 756 6.01 37.00 7.42
N LEU B 757 5.68 37.12 8.70
CA LEU B 757 6.19 36.28 9.76
C LEU B 757 6.23 34.80 9.37
N GLN B 758 5.09 34.27 8.95
CA GLN B 758 5.01 32.86 8.55
C GLN B 758 5.94 32.55 7.37
N SER B 759 5.77 33.27 6.26
CA SER B 759 6.58 33.05 5.08
C SER B 759 8.04 32.98 5.49
N LYS B 760 8.43 33.92 6.35
CA LYS B 760 9.77 33.95 6.91
C LYS B 760 10.14 32.61 7.51
N LYS B 761 9.29 32.11 8.42
CA LYS B 761 9.46 30.79 8.99
C LYS B 761 9.71 29.79 7.87
N LEU B 762 8.72 29.66 7.00
CA LEU B 762 8.78 28.71 5.90
C LEU B 762 10.12 28.74 5.18
N PHE B 763 10.64 29.95 4.98
CA PHE B 763 11.87 30.12 4.23
C PHE B 763 13.14 29.95 5.08
N SER B 764 12.95 29.83 6.39
CA SER B 764 14.07 29.51 7.27
C SER B 764 14.55 28.11 6.93
N SER B 765 13.65 27.33 6.34
CA SER B 765 13.97 25.98 5.90
C SER B 765 15.18 26.00 4.98
N LEU B 766 15.35 27.10 4.26
CA LEU B 766 16.45 27.26 3.33
C LEU B 766 17.75 26.89 4.04
N PHE B 767 17.96 27.47 5.22
CA PHE B 767 19.11 27.11 6.04
C PHE B 767 18.67 26.48 7.36
N PHE B 768 18.38 25.18 7.33
CA PHE B 768 18.03 24.48 8.56
C PHE B 768 19.02 23.38 8.90
N ARG B 769 19.91 23.71 9.81
CA ARG B 769 20.79 22.72 10.41
C ARG B 769 20.17 22.39 11.75
N ASN B 770 20.00 21.10 12.03
CA ASN B 770 19.44 20.72 13.31
C ASN B 770 20.37 21.19 14.43
N GLU B 771 19.96 22.26 15.09
CA GLU B 771 20.82 22.93 16.07
C GLU B 771 20.35 22.73 17.50
N VAL B 772 21.29 22.45 18.38
CA VAL B 772 21.01 22.32 19.80
C VAL B 772 21.62 23.50 20.54
N LYS B 773 20.77 24.39 21.04
CA LYS B 773 21.24 25.51 21.84
C LYS B 773 21.59 25.00 23.23
N GLN B 774 22.82 25.28 23.66
CA GLN B 774 23.26 24.85 24.97
C GLN B 774 22.25 25.30 26.01
N LEU B 775 21.99 24.45 26.99
CA LEU B 775 21.11 24.83 28.08
C LEU B 775 21.73 26.02 28.78
N GLU B 776 20.94 26.70 29.61
CA GLU B 776 21.46 27.80 30.40
C GLU B 776 21.64 27.33 31.84
N ARG B 777 22.20 28.19 32.68
CA ARG B 777 22.48 27.84 34.06
C ARG B 777 21.22 27.84 34.92
N SER B 778 20.35 28.82 34.67
CA SER B 778 19.10 28.95 35.42
C SER B 778 18.15 27.78 35.20
N VAL B 779 18.33 27.06 34.10
CA VAL B 779 17.48 25.92 33.77
C VAL B 779 18.10 24.59 34.20
N SER B 780 19.30 24.30 33.69
CA SER B 780 19.99 23.05 34.03
C SER B 780 19.99 22.81 35.53
N ARG B 781 20.20 23.89 36.30
CA ARG B 781 20.20 23.81 37.75
C ARG B 781 18.85 23.32 38.28
N GLN B 782 17.80 24.08 38.04
CA GLN B 782 16.48 23.75 38.57
C GLN B 782 15.92 22.47 37.94
N LEU B 783 16.35 22.19 36.71
CA LEU B 783 15.90 20.98 36.00
C LEU B 783 16.59 19.74 36.56
N TYR B 784 17.92 19.72 36.44
CA TYR B 784 18.71 18.59 36.92
C TYR B 784 18.70 18.49 38.45
N GLY B 785 18.60 19.63 39.12
CA GLY B 785 18.42 19.65 40.57
C GLY B 785 19.64 20.11 41.35
N GLU B 786 19.47 20.24 42.66
CA GLU B 786 20.55 20.60 43.56
C GLU B 786 21.73 19.64 43.40
N ARG B 787 21.56 18.42 43.89
CA ARG B 787 22.56 17.38 43.70
C ARG B 787 22.25 16.61 42.43
N ILE B 788 23.27 16.36 41.63
CA ILE B 788 23.13 15.45 40.50
C ILE B 788 23.39 14.04 41.01
N GLN B 789 22.31 13.36 41.39
CA GLN B 789 22.41 12.01 41.91
C GLN B 789 22.77 11.08 40.75
N GLY B 790 24.06 10.83 40.60
CA GLY B 790 24.55 10.12 39.44
C GLY B 790 24.27 8.64 39.44
N SER B 791 24.20 8.08 38.24
CA SER B 791 24.15 6.64 38.05
C SER B 791 25.25 6.30 37.06
N VAL B 792 25.82 5.11 37.19
CA VAL B 792 26.86 4.70 36.25
C VAL B 792 26.25 4.58 34.85
N SER B 793 25.00 4.13 34.81
CA SER B 793 24.27 4.00 33.56
C SER B 793 23.93 5.37 32.98
N ARG B 794 23.53 6.28 33.84
CA ARG B 794 23.20 7.64 33.43
C ARG B 794 24.40 8.36 32.84
N MET B 795 25.58 8.05 33.36
CA MET B 795 26.80 8.65 32.86
C MET B 795 27.19 8.04 31.51
N GLU B 796 26.97 6.74 31.37
CA GLU B 796 27.25 6.04 30.12
C GLU B 796 26.34 6.55 29.00
N THR B 797 25.07 6.78 29.33
CA THR B 797 24.11 7.30 28.36
C THR B 797 24.51 8.69 27.88
N PHE B 798 25.05 9.50 28.76
CA PHE B 798 25.54 10.83 28.38
C PHE B 798 26.69 10.71 27.37
N ASN B 799 27.76 10.04 27.79
CA ASN B 799 28.93 9.87 26.93
C ASN B 799 28.64 9.04 25.70
N ALA B 800 27.49 8.38 25.68
CA ALA B 800 27.04 7.66 24.50
C ALA B 800 26.48 8.69 23.51
N CYS B 801 25.81 9.70 24.04
CA CYS B 801 25.23 10.77 23.24
C CYS B 801 24.58 11.76 24.18
N PRO B 802 25.18 12.96 24.32
CA PRO B 802 24.74 13.95 25.30
C PRO B 802 23.24 14.21 25.25
N PHE B 803 22.68 14.14 24.04
CA PHE B 803 21.27 14.44 23.85
C PHE B 803 20.37 13.40 24.49
N SER B 804 20.70 12.12 24.30
CA SER B 804 19.91 11.03 24.89
C SER B 804 19.76 11.25 26.39
N HIS B 805 20.84 11.73 27.02
CA HIS B 805 20.81 12.07 28.44
C HIS B 805 19.71 13.10 28.71
N PHE B 806 19.78 14.23 28.01
CA PHE B 806 18.81 15.30 28.17
C PHE B 806 17.37 14.82 28.05
N ALA B 807 17.12 13.94 27.09
CA ALA B 807 15.77 13.42 26.87
C ALA B 807 15.31 12.53 28.02
N SER B 808 16.19 11.65 28.48
CA SER B 808 15.83 10.68 29.51
C SER B 808 15.81 11.28 30.92
N HIS B 809 16.96 11.80 31.36
CA HIS B 809 17.09 12.30 32.72
C HIS B 809 16.72 13.78 32.85
N GLY B 810 16.78 14.50 31.74
CA GLY B 810 16.41 15.91 31.75
C GLY B 810 14.92 16.14 31.60
N LEU B 811 14.36 15.61 30.50
CA LEU B 811 12.95 15.83 30.20
C LEU B 811 12.05 14.72 30.74
N HIS B 812 12.67 13.66 31.25
CA HIS B 812 11.94 12.51 31.77
C HIS B 812 10.88 12.01 30.77
N LEU B 813 11.33 11.59 29.60
CA LEU B 813 10.44 11.06 28.58
C LEU B 813 10.33 9.54 28.74
N LYS B 814 9.11 9.03 28.62
CA LYS B 814 8.87 7.61 28.83
C LYS B 814 8.16 6.96 27.63
N GLU B 815 8.67 5.82 27.21
CA GLU B 815 8.08 5.08 26.09
C GLU B 815 6.71 4.54 26.49
N ARG B 816 5.89 4.22 25.50
CA ARG B 816 4.61 3.58 25.75
C ARG B 816 4.87 2.12 26.16
N GLN B 817 4.28 1.71 27.28
CA GLN B 817 4.46 0.33 27.76
C GLN B 817 3.52 -0.62 27.04
N PHE B 818 4.04 -1.79 26.69
CA PHE B 818 3.25 -2.82 26.01
C PHE B 818 3.23 -4.11 26.83
N PHE B 819 2.49 -5.10 26.36
CA PHE B 819 2.37 -6.35 27.09
C PHE B 819 3.40 -7.38 26.62
N LYS B 820 4.33 -6.92 25.78
CA LYS B 820 5.43 -7.77 25.33
C LYS B 820 6.52 -7.82 26.40
N LEU B 821 7.06 -9.01 26.63
CA LEU B 821 8.14 -9.17 27.60
C LEU B 821 9.48 -8.87 26.94
N GLU B 822 10.02 -7.69 27.22
CA GLU B 822 11.25 -7.24 26.61
C GLU B 822 12.46 -8.02 27.10
N ALA B 823 13.55 -7.95 26.33
CA ALA B 823 14.78 -8.67 26.64
C ALA B 823 15.41 -8.32 28.00
N PRO B 824 15.40 -7.02 28.37
CA PRO B 824 16.06 -6.62 29.62
C PRO B 824 15.39 -7.20 30.85
N ASP B 825 14.07 -7.06 30.92
CA ASP B 825 13.31 -7.49 32.08
C ASP B 825 13.53 -8.97 32.36
N ILE B 826 13.88 -9.72 31.32
CA ILE B 826 14.25 -11.11 31.47
C ILE B 826 15.40 -11.24 32.46
N GLY B 827 16.39 -10.36 32.31
CA GLY B 827 17.54 -10.34 33.19
C GLY B 827 17.17 -10.14 34.64
N GLN B 828 16.31 -9.16 34.89
CA GLN B 828 15.87 -8.87 36.26
C GLN B 828 15.32 -10.12 36.94
N LEU B 829 14.79 -11.04 36.12
CA LEU B 829 14.28 -12.31 36.62
C LEU B 829 15.42 -13.16 37.16
N PHE B 830 16.39 -13.43 36.29
CA PHE B 830 17.54 -14.24 36.65
C PHE B 830 18.11 -13.81 38.00
N HIS B 831 18.47 -12.53 38.10
CA HIS B 831 19.02 -11.99 39.34
C HIS B 831 18.22 -12.43 40.56
N SER B 832 16.97 -12.00 40.63
CA SER B 832 16.11 -12.31 41.76
C SER B 832 15.98 -13.82 41.99
N SER B 833 16.03 -14.58 40.91
CA SER B 833 16.03 -16.04 41.02
C SER B 833 17.28 -16.50 41.74
N LEU B 834 18.43 -16.05 41.25
CA LEU B 834 19.71 -16.37 41.85
C LEU B 834 19.75 -15.91 43.30
N LYS B 835 19.39 -14.64 43.51
CA LYS B 835 19.34 -14.07 44.85
C LYS B 835 18.42 -14.90 45.74
N LEU B 836 17.37 -15.45 45.15
CA LEU B 836 16.42 -16.27 45.89
C LEU B 836 17.02 -17.62 46.26
N ILE B 837 17.76 -18.21 45.33
CA ILE B 837 18.39 -19.50 45.56
C ILE B 837 19.33 -19.45 46.75
N SER B 838 20.10 -18.38 46.85
CA SER B 838 21.00 -18.18 47.99
C SER B 838 20.25 -18.34 49.31
N ASP B 839 19.21 -17.54 49.47
CA ASP B 839 18.45 -17.48 50.72
C ASP B 839 18.04 -18.85 51.24
N ARG B 840 17.63 -19.73 50.34
CA ARG B 840 17.19 -21.06 50.74
C ARG B 840 18.37 -21.99 50.99
N LEU B 841 19.46 -21.78 50.25
CA LEU B 841 20.68 -22.54 50.49
C LEU B 841 21.15 -22.32 51.92
N ARG B 842 21.30 -21.06 52.30
CA ARG B 842 21.71 -20.70 53.66
C ARG B 842 20.72 -21.21 54.69
N ASP B 843 19.43 -21.19 54.33
CA ASP B 843 18.38 -21.62 55.24
C ASP B 843 18.44 -23.13 55.46
N GLU B 844 19.00 -23.85 54.50
CA GLU B 844 19.26 -25.27 54.67
C GLU B 844 20.73 -25.49 55.00
N LYS B 845 21.41 -24.40 55.34
CA LYS B 845 22.83 -24.42 55.69
C LYS B 845 23.64 -25.08 54.58
N LEU B 846 23.29 -24.77 53.34
CA LEU B 846 23.90 -25.42 52.18
C LEU B 846 24.56 -24.42 51.24
N ASP B 847 25.48 -24.91 50.43
CA ASP B 847 26.20 -24.05 49.48
C ASP B 847 26.21 -24.68 48.09
N TRP B 848 26.36 -23.84 47.07
CA TRP B 848 26.37 -24.30 45.68
C TRP B 848 27.16 -25.59 45.46
N ARG B 849 28.33 -25.69 46.06
CA ARG B 849 29.19 -26.86 45.86
C ARG B 849 28.59 -28.12 46.50
N ASP B 850 27.80 -27.94 47.54
CA ASP B 850 27.15 -29.06 48.21
C ASP B 850 25.95 -29.54 47.39
N LEU B 851 25.66 -28.81 46.31
CA LEU B 851 24.50 -29.12 45.49
C LEU B 851 24.68 -30.33 44.57
N THR B 852 23.56 -30.94 44.21
CA THR B 852 23.57 -32.08 43.32
C THR B 852 22.75 -31.75 42.08
N LYS B 853 22.96 -32.50 41.00
CA LYS B 853 22.23 -32.28 39.76
C LYS B 853 20.73 -32.40 39.99
N GLU B 854 20.35 -33.26 40.94
CA GLU B 854 18.95 -33.45 41.30
C GLU B 854 18.42 -32.17 41.95
N GLN B 855 19.19 -31.64 42.90
CA GLN B 855 18.79 -30.47 43.67
C GLN B 855 18.80 -29.20 42.82
N CYS B 856 19.84 -29.04 42.02
CA CYS B 856 19.96 -27.88 41.14
C CYS B 856 18.64 -27.63 40.43
N GLU B 857 18.07 -28.69 39.87
CA GLU B 857 16.80 -28.59 39.16
C GLU B 857 15.68 -28.11 40.09
N LEU B 858 15.39 -28.90 41.12
CA LEU B 858 14.35 -28.56 42.09
C LEU B 858 14.48 -27.12 42.56
N PHE B 859 15.60 -26.82 43.21
CA PHE B 859 15.84 -25.48 43.76
C PHE B 859 15.57 -24.37 42.75
N SER B 860 16.01 -24.57 41.51
CA SER B 860 15.82 -23.56 40.47
C SER B 860 14.35 -23.35 40.13
N TYR B 861 13.65 -24.44 39.85
CA TYR B 861 12.25 -24.39 39.47
C TYR B 861 11.40 -23.62 40.49
N ASP B 862 11.45 -24.03 41.75
CA ASP B 862 10.67 -23.36 42.80
C ASP B 862 10.90 -21.86 42.75
N ALA B 863 12.13 -21.45 42.49
CA ALA B 863 12.50 -20.04 42.44
C ALA B 863 11.64 -19.26 41.46
N VAL B 864 11.50 -19.79 40.25
CA VAL B 864 10.70 -19.12 39.22
C VAL B 864 9.21 -19.19 39.55
N GLU B 865 8.80 -20.25 40.26
CA GLU B 865 7.42 -20.37 40.70
C GLU B 865 7.04 -19.15 41.53
N ARG B 866 7.81 -18.89 42.57
CA ARG B 866 7.58 -17.75 43.45
C ARG B 866 7.60 -16.43 42.67
N LEU B 867 8.44 -16.37 41.65
CA LEU B 867 8.66 -15.14 40.88
C LEU B 867 7.65 -14.95 39.75
N ALA B 868 7.62 -15.91 38.83
CA ALA B 868 6.84 -15.79 37.59
C ALA B 868 5.56 -14.96 37.69
N PRO B 869 4.66 -15.30 38.62
CA PRO B 869 3.38 -14.59 38.71
C PRO B 869 3.54 -13.08 38.96
N LYS B 870 4.59 -12.70 39.64
CA LYS B 870 4.80 -11.30 40.02
C LYS B 870 5.69 -10.54 39.04
N LEU B 871 5.95 -11.13 37.89
CA LEU B 871 6.84 -10.52 36.89
C LEU B 871 6.06 -9.95 35.70
N GLN B 872 6.38 -8.71 35.35
CA GLN B 872 5.81 -8.04 34.18
C GLN B 872 4.32 -8.32 33.99
N LYS B 873 3.48 -7.60 34.74
CA LYS B 873 2.03 -7.75 34.64
C LYS B 873 1.61 -9.20 34.38
N GLU B 874 2.22 -10.12 35.10
CA GLU B 874 1.91 -11.55 35.00
C GLU B 874 1.79 -12.03 33.55
N ILE B 875 2.62 -11.50 32.67
CA ILE B 875 2.60 -11.89 31.26
C ILE B 875 2.91 -13.37 31.12
N LEU B 876 3.73 -13.91 32.02
CA LEU B 876 4.09 -15.31 31.99
C LEU B 876 2.86 -16.18 32.22
N LEU B 877 1.83 -15.58 32.82
CA LEU B 877 0.59 -16.28 33.09
C LEU B 877 -0.51 -15.85 32.12
N SER B 878 -0.19 -14.93 31.23
CA SER B 878 -1.18 -14.37 30.31
C SER B 878 -1.60 -15.38 29.24
N SER B 879 -0.63 -15.92 28.51
CA SER B 879 -0.92 -16.88 27.44
C SER B 879 -0.16 -18.18 27.62
N ASN B 880 -0.38 -19.11 26.69
CA ASN B 880 0.25 -20.42 26.75
C ASN B 880 1.71 -20.39 26.34
N ARG B 881 2.03 -19.58 25.33
CA ARG B 881 3.40 -19.46 24.85
C ARG B 881 4.31 -18.97 25.97
N HIS B 882 3.74 -18.22 26.90
CA HIS B 882 4.51 -17.65 28.00
C HIS B 882 4.74 -18.66 29.13
N TYR B 883 3.80 -19.56 29.35
CA TYR B 883 3.97 -20.57 30.40
C TYR B 883 4.91 -21.67 29.92
N TYR B 884 5.19 -21.69 28.61
CA TYR B 884 6.22 -22.53 28.06
C TYR B 884 7.56 -21.81 28.21
N VAL B 885 7.54 -20.50 27.99
CA VAL B 885 8.71 -19.66 28.23
C VAL B 885 9.10 -19.79 29.70
N LYS B 886 8.14 -20.20 30.52
CA LYS B 886 8.40 -20.42 31.93
C LYS B 886 9.47 -21.47 32.18
N GLU B 887 9.14 -22.73 31.94
CA GLU B 887 10.08 -23.82 32.17
C GLU B 887 11.33 -23.63 31.32
N LYS B 888 11.19 -22.84 30.26
CA LYS B 888 12.32 -22.45 29.44
C LYS B 888 13.31 -21.69 30.31
N LEU B 889 12.81 -20.64 30.98
CA LEU B 889 13.61 -19.88 31.93
C LEU B 889 14.07 -20.77 33.08
N GLN B 890 13.24 -21.75 33.42
CA GLN B 890 13.57 -22.70 34.48
C GLN B 890 14.80 -23.52 34.11
N LYS B 891 14.72 -24.19 32.98
CA LYS B 891 15.80 -25.06 32.52
C LYS B 891 17.14 -24.31 32.44
N ILE B 892 17.07 -23.04 32.07
CA ILE B 892 18.25 -22.19 32.09
C ILE B 892 18.83 -22.13 33.50
N VAL B 893 18.03 -21.64 34.43
CA VAL B 893 18.45 -21.49 35.82
C VAL B 893 19.02 -22.79 36.37
N THR B 894 18.36 -23.90 36.06
CA THR B 894 18.82 -25.21 36.48
C THR B 894 20.26 -25.45 36.05
N ARG B 895 20.57 -25.11 34.80
CA ARG B 895 21.91 -25.24 34.28
C ARG B 895 22.89 -24.30 34.98
N VAL B 896 22.54 -23.03 35.02
CA VAL B 896 23.37 -22.02 35.69
C VAL B 896 23.66 -22.42 37.13
N SER B 897 22.67 -23.00 37.80
CA SER B 897 22.83 -23.47 39.17
C SER B 897 23.92 -24.52 39.25
N GLY B 898 23.89 -25.47 38.32
CA GLY B 898 24.89 -26.52 38.27
C GLY B 898 26.27 -26.01 37.92
N ILE B 899 26.32 -25.02 37.04
CA ILE B 899 27.59 -24.41 36.65
C ILE B 899 28.24 -23.69 37.81
N LEU B 900 27.44 -22.97 38.58
CA LEU B 900 27.93 -22.27 39.76
C LEU B 900 28.52 -23.24 40.77
N SER B 901 27.87 -24.39 40.94
CA SER B 901 28.38 -25.44 41.80
C SER B 901 29.78 -25.81 41.35
N GLU B 902 29.91 -26.16 40.08
CA GLU B 902 31.20 -26.53 39.51
C GLU B 902 32.22 -25.39 39.60
N HIS B 903 31.72 -24.16 39.61
CA HIS B 903 32.58 -23.00 39.74
C HIS B 903 33.00 -22.76 41.18
N ALA B 904 32.18 -23.23 42.12
CA ALA B 904 32.47 -23.08 43.54
C ALA B 904 33.44 -24.15 44.02
N LYS B 905 33.38 -25.33 43.40
CA LYS B 905 34.24 -26.45 43.77
C LYS B 905 35.65 -26.23 43.26
N ALA B 906 35.80 -25.29 42.33
CA ALA B 906 37.11 -24.97 41.77
C ALA B 906 37.62 -23.63 42.29
N SER B 907 36.76 -22.61 42.25
CA SER B 907 37.15 -21.28 42.72
C SER B 907 37.55 -21.29 44.20
N GLY B 908 38.61 -20.58 44.52
CA GLY B 908 39.02 -20.37 45.89
C GLY B 908 38.50 -19.04 46.39
N PHE B 909 37.77 -18.34 45.52
CA PHE B 909 37.15 -17.08 45.87
C PHE B 909 35.78 -17.30 46.50
N VAL B 910 35.62 -16.78 47.71
CA VAL B 910 34.34 -16.86 48.42
C VAL B 910 33.65 -15.50 48.44
N PRO B 911 32.37 -15.48 48.02
CA PRO B 911 31.55 -14.27 47.99
C PRO B 911 31.49 -13.56 49.33
N ILE B 912 31.75 -12.26 49.35
CA ILE B 912 31.68 -11.46 50.57
C ILE B 912 30.34 -10.75 50.68
N GLY B 913 30.13 -9.77 49.81
CA GLY B 913 28.85 -9.09 49.73
C GLY B 913 28.10 -9.50 48.48
N LEU B 914 26.78 -9.41 48.52
CA LEU B 914 25.96 -9.80 47.38
C LEU B 914 24.84 -8.79 47.14
N GLU B 915 24.67 -8.40 45.89
CA GLU B 915 23.75 -7.31 45.55
C GLU B 915 24.02 -6.14 46.48
N LEU B 916 25.30 -5.75 46.55
CA LEU B 916 25.75 -4.73 47.48
C LEU B 916 25.14 -3.38 47.18
N GLY B 917 24.32 -2.89 48.11
CA GLY B 917 23.73 -1.57 48.00
C GLY B 917 24.79 -0.50 48.04
N PHE B 918 24.99 0.15 46.91
CA PHE B 918 26.02 1.18 46.79
C PHE B 918 25.41 2.52 46.46
N GLY B 919 25.59 3.49 47.35
CA GLY B 919 24.99 4.81 47.19
C GLY B 919 23.60 4.88 47.78
N GLY B 920 23.04 6.07 47.84
CA GLY B 920 21.71 6.28 48.40
C GLY B 920 21.56 5.61 49.75
N LYS B 921 20.45 4.93 49.94
CA LYS B 921 20.25 4.14 51.16
C LYS B 921 20.73 2.71 50.94
N GLY B 922 21.77 2.32 51.66
CA GLY B 922 22.36 1.00 51.50
C GLY B 922 23.64 0.81 52.29
N PRO B 923 24.22 -0.40 52.20
CA PRO B 923 25.43 -0.80 52.92
C PRO B 923 26.58 0.18 52.77
N LEU B 924 26.74 0.75 51.58
CA LEU B 924 27.86 1.65 51.32
C LEU B 924 27.42 3.09 51.15
N PRO B 925 28.32 4.03 51.47
CA PRO B 925 28.05 5.45 51.20
C PRO B 925 28.15 5.69 49.70
N PRO B 926 27.36 6.63 49.18
CA PRO B 926 27.51 6.94 47.76
C PRO B 926 28.89 7.55 47.58
N LEU B 927 29.44 7.45 46.37
CA LEU B 927 30.70 8.10 46.11
C LEU B 927 30.41 9.49 45.57
N THR B 928 31.12 10.49 46.08
CA THR B 928 30.81 11.88 45.76
C THR B 928 31.79 12.48 44.76
N PHE B 929 31.34 13.52 44.07
CA PHE B 929 32.16 14.23 43.10
C PHE B 929 32.06 15.74 43.28
N GLN B 930 33.18 16.35 43.62
CA GLN B 930 33.27 17.81 43.71
C GLN B 930 34.05 18.35 42.51
N LEU B 931 33.48 19.33 41.83
CA LEU B 931 34.20 20.01 40.76
C LEU B 931 33.77 21.48 40.69
N LYS B 932 34.59 22.29 40.03
CA LYS B 932 34.33 23.73 39.91
C LYS B 932 32.92 24.00 39.41
N ASN B 933 32.40 25.16 39.77
CA ASN B 933 31.01 25.56 39.48
C ASN B 933 29.94 24.88 40.36
N GLY B 934 30.17 24.90 41.66
CA GLY B 934 29.19 24.43 42.63
C GLY B 934 28.58 23.09 42.26
N CYS B 935 29.42 22.18 41.78
CA CYS B 935 28.94 20.87 41.36
C CYS B 935 28.88 19.85 42.49
N THR B 936 27.82 19.05 42.48
CA THR B 936 27.64 17.99 43.44
C THR B 936 27.16 16.72 42.73
N MET B 937 27.92 15.64 42.88
CA MET B 937 27.56 14.37 42.24
C MET B 937 27.59 13.20 43.23
N GLU B 938 26.42 12.87 43.78
CA GLU B 938 26.29 11.67 44.60
C GLU B 938 25.76 10.54 43.75
N LEU B 939 26.65 9.73 43.21
CA LEU B 939 26.22 8.67 42.32
C LEU B 939 25.99 7.34 43.05
N VAL B 940 24.86 6.70 42.74
CA VAL B 940 24.47 5.46 43.40
C VAL B 940 24.56 4.31 42.40
N GLY B 941 24.53 3.08 42.90
CA GLY B 941 24.58 1.91 42.04
C GLY B 941 24.43 0.59 42.76
N ARG B 942 24.49 -0.48 41.97
CA ARG B 942 24.36 -1.84 42.47
C ARG B 942 25.70 -2.55 42.30
N ILE B 943 25.93 -3.58 43.10
CA ILE B 943 27.08 -4.45 42.89
C ILE B 943 26.64 -5.91 42.90
N ASP B 944 26.57 -6.52 41.72
CA ASP B 944 26.08 -7.88 41.57
C ASP B 944 26.72 -8.81 42.60
N ARG B 945 28.02 -9.01 42.47
CA ARG B 945 28.76 -9.86 43.41
C ARG B 945 30.19 -9.40 43.63
N VAL B 946 30.62 -9.44 44.88
CA VAL B 946 32.01 -9.17 45.23
C VAL B 946 32.59 -10.39 45.93
N ASP B 947 33.73 -10.86 45.46
CA ASP B 947 34.34 -12.08 46.00
C ASP B 947 35.71 -11.83 46.60
N LYS B 948 35.98 -12.52 47.71
CA LYS B 948 37.28 -12.41 48.38
C LYS B 948 38.04 -13.72 48.34
N ALA B 949 39.36 -13.62 48.28
CA ALA B 949 40.24 -14.77 48.35
C ALA B 949 41.55 -14.36 49.00
N GLU B 950 42.00 -15.10 50.00
CA GLU B 950 43.26 -14.79 50.67
C GLU B 950 44.45 -15.41 49.94
N SER B 951 45.48 -14.61 49.75
CA SER B 951 46.72 -15.08 49.13
C SER B 951 47.91 -14.63 49.97
N SER B 952 49.11 -15.02 49.53
CA SER B 952 50.33 -14.59 50.20
C SER B 952 50.54 -13.09 50.02
N LYS B 953 49.88 -12.53 49.01
CA LYS B 953 49.96 -11.11 48.74
C LYS B 953 48.90 -10.33 49.52
N GLY B 954 48.24 -11.02 50.45
CA GLY B 954 47.21 -10.39 51.24
C GLY B 954 45.82 -10.61 50.66
N LEU B 955 44.88 -9.78 51.08
CA LEU B 955 43.49 -9.92 50.66
C LEU B 955 43.29 -9.65 49.17
N LEU B 956 42.43 -10.45 48.54
CA LEU B 956 42.11 -10.28 47.14
C LEU B 956 40.61 -10.08 46.95
N LEU B 957 40.24 -9.05 46.18
CA LEU B 957 38.84 -8.80 45.88
C LEU B 957 38.60 -8.73 44.37
N ARG B 958 37.56 -9.40 43.91
CA ARG B 958 37.15 -9.35 42.52
C ARG B 958 35.65 -9.15 42.47
N ILE B 959 35.15 -8.73 41.31
CA ILE B 959 33.70 -8.51 41.16
C ILE B 959 33.12 -9.28 39.98
N VAL B 960 31.96 -9.88 40.19
CA VAL B 960 31.28 -10.65 39.16
C VAL B 960 29.90 -10.06 38.89
N ALA B 961 29.53 -9.98 37.63
CA ALA B 961 28.22 -9.47 37.26
C ALA B 961 27.56 -10.42 36.24
N TYR B 962 26.36 -10.88 36.57
CA TYR B 962 25.62 -11.76 35.69
C TYR B 962 25.20 -11.03 34.43
N LYS B 963 25.27 -11.73 33.30
CA LYS B 963 25.08 -11.11 32.00
C LYS B 963 24.43 -12.04 30.99
N SER B 964 23.62 -11.47 30.11
CA SER B 964 22.90 -12.26 29.12
C SER B 964 23.70 -12.54 27.84
N SER B 965 24.35 -11.52 27.31
CA SER B 965 25.13 -11.68 26.08
C SER B 965 26.48 -12.33 26.36
N ASP B 966 27.39 -12.24 25.40
CA ASP B 966 28.67 -12.93 25.47
C ASP B 966 29.78 -12.11 26.11
N LYS B 967 30.42 -11.26 25.31
CA LYS B 967 31.59 -10.52 25.78
C LYS B 967 31.27 -9.51 26.88
N GLY B 968 32.20 -9.37 27.83
CA GLY B 968 31.99 -8.49 28.96
C GLY B 968 32.70 -7.15 28.88
N LEU B 969 34.01 -7.16 28.70
CA LEU B 969 34.79 -5.93 28.74
C LEU B 969 35.66 -5.67 27.51
N ASP B 970 35.44 -4.52 26.89
CA ASP B 970 36.31 -4.00 25.83
C ASP B 970 36.91 -2.68 26.29
N LEU B 971 38.23 -2.66 26.48
CA LEU B 971 38.91 -1.47 26.96
C LEU B 971 38.64 -0.27 26.06
N ALA B 972 38.47 -0.52 24.76
CA ALA B 972 38.18 0.52 23.80
C ALA B 972 36.89 1.27 24.18
N GLU B 973 35.87 0.51 24.56
CA GLU B 973 34.61 1.09 25.01
C GLU B 973 34.81 1.90 26.28
N VAL B 974 35.71 1.42 27.13
CA VAL B 974 35.95 2.05 28.43
C VAL B 974 36.55 3.45 28.28
N TYR B 975 37.43 3.61 27.31
CA TYR B 975 38.10 4.89 27.09
C TYR B 975 37.10 6.03 26.91
N TYR B 976 36.05 5.78 26.12
CA TYR B 976 35.06 6.80 25.82
C TYR B 976 33.93 6.82 26.84
N GLY B 977 34.07 6.00 27.89
CA GLY B 977 33.12 6.01 28.98
C GLY B 977 31.82 5.29 28.68
N LEU B 978 31.87 4.34 27.75
CA LEU B 978 30.70 3.57 27.38
C LEU B 978 30.48 2.40 28.32
N ALA B 979 31.57 1.77 28.75
CA ALA B 979 31.50 0.72 29.76
C ALA B 979 32.32 1.11 30.98
N LEU B 980 31.65 1.64 31.99
CA LEU B 980 32.30 2.01 33.25
C LEU B 980 31.81 1.14 34.41
N GLN B 981 30.90 0.23 34.11
CA GLN B 981 30.22 -0.56 35.14
C GLN B 981 31.20 -1.27 36.08
N MET B 982 31.94 -2.23 35.54
CA MET B 982 32.84 -3.05 36.34
C MET B 982 33.93 -2.25 37.05
N LEU B 983 34.67 -1.48 36.26
CA LEU B 983 35.83 -0.75 36.78
C LEU B 983 35.46 0.16 37.94
N THR B 984 34.29 0.79 37.88
CA THR B 984 33.86 1.68 38.95
C THR B 984 33.48 0.87 40.19
N TYR B 985 32.83 -0.27 39.98
CA TYR B 985 32.47 -1.16 41.08
C TYR B 985 33.71 -1.63 41.82
N LEU B 986 34.73 -2.02 41.05
CA LEU B 986 35.97 -2.55 41.60
C LEU B 986 36.61 -1.59 42.58
N ASP B 987 36.70 -0.32 42.18
CA ASP B 987 37.36 0.71 43.00
C ASP B 987 36.83 0.70 44.42
N LEU B 988 35.54 0.99 44.56
CA LEU B 988 34.89 1.01 45.86
C LEU B 988 35.34 -0.17 46.71
N SER B 989 35.05 -1.38 46.23
CA SER B 989 35.44 -2.59 46.93
C SER B 989 36.88 -2.50 47.42
N ILE B 990 37.77 -2.11 46.52
CA ILE B 990 39.18 -1.91 46.86
C ILE B 990 39.35 -0.81 47.89
N THR B 991 38.99 0.41 47.52
CA THR B 991 39.14 1.57 48.40
C THR B 991 38.54 1.33 49.78
N HIS B 992 37.24 1.07 49.81
CA HIS B 992 36.53 0.88 51.07
C HIS B 992 36.94 -0.39 51.82
N SER B 993 37.63 -1.30 51.13
CA SER B 993 38.11 -2.51 51.78
C SER B 993 38.80 -2.19 53.10
N ALA B 994 39.76 -1.27 53.07
CA ALA B 994 40.51 -0.89 54.26
C ALA B 994 39.58 -0.70 55.46
N ASP B 995 38.83 0.40 55.45
CA ASP B 995 37.86 0.68 56.50
C ASP B 995 36.93 -0.51 56.71
N TRP B 996 36.15 -0.82 55.67
CA TRP B 996 35.15 -1.87 55.71
C TRP B 996 35.57 -3.08 56.53
N LEU B 997 36.38 -3.95 55.95
CA LEU B 997 36.74 -5.21 56.58
C LEU B 997 38.12 -5.21 57.24
N GLY B 998 38.65 -4.02 57.50
CA GLY B 998 39.90 -3.87 58.22
C GLY B 998 41.10 -4.55 57.57
N MET B 999 41.31 -4.25 56.29
CA MET B 999 42.41 -4.80 55.53
C MET B 999 42.46 -4.18 54.13
N ARG B 1000 43.66 -4.07 53.58
CA ARG B 1000 43.86 -3.48 52.26
C ARG B 1000 43.87 -4.55 51.18
N ALA B 1001 42.97 -4.41 50.21
CA ALA B 1001 42.82 -5.40 49.16
C ALA B 1001 43.46 -4.93 47.85
N THR B 1002 43.88 -5.90 47.04
CA THR B 1002 44.38 -5.62 45.71
C THR B 1002 43.46 -6.28 44.70
N PRO B 1003 43.19 -5.59 43.58
CA PRO B 1003 42.23 -6.05 42.57
C PRO B 1003 42.62 -7.38 41.91
N ALA B 1004 41.77 -8.39 42.06
CA ALA B 1004 41.96 -9.66 41.37
C ALA B 1004 41.50 -9.55 39.93
N GLY B 1005 40.44 -8.77 39.72
CA GLY B 1005 39.92 -8.54 38.38
C GLY B 1005 38.43 -8.30 38.34
N VAL B 1006 37.89 -8.17 37.14
CA VAL B 1006 36.45 -7.99 36.92
C VAL B 1006 35.94 -9.08 35.98
N LEU B 1007 34.85 -9.73 36.37
CA LEU B 1007 34.35 -10.88 35.62
C LEU B 1007 32.89 -10.76 35.20
N TYR B 1008 32.58 -11.29 34.01
CA TYR B 1008 31.22 -11.35 33.48
C TYR B 1008 30.76 -12.80 33.40
N PHE B 1009 29.68 -13.13 34.08
CA PHE B 1009 29.12 -14.48 33.95
C PHE B 1009 27.98 -14.49 32.94
N HIS B 1010 28.08 -15.40 31.97
CA HIS B 1010 27.08 -15.48 30.91
C HIS B 1010 25.95 -16.43 31.28
N ILE B 1011 24.75 -15.88 31.45
CA ILE B 1011 23.58 -16.69 31.80
C ILE B 1011 22.82 -17.12 30.56
N HIS B 1012 22.76 -18.43 30.35
CA HIS B 1012 22.11 -18.98 29.16
C HIS B 1012 22.15 -20.51 29.16
N ASP B 1013 21.34 -21.10 28.29
CA ASP B 1013 21.39 -22.55 28.06
C ASP B 1013 21.95 -22.79 26.66
N PRO B 1014 23.19 -23.32 26.59
CA PRO B 1014 24.05 -23.45 25.41
C PRO B 1014 23.57 -24.46 24.36
N MET B 1015 24.15 -24.34 23.17
CA MET B 1015 24.05 -25.36 22.13
C MET B 1015 25.42 -25.54 21.51
N ILE B 1016 26.14 -26.58 21.94
CA ILE B 1016 27.47 -26.85 21.41
C ILE B 1016 27.39 -27.45 20.01
N GLN B 1017 28.39 -27.16 19.20
CA GLN B 1017 28.42 -27.64 17.82
C GLN B 1017 29.78 -28.22 17.49
N SER B 1018 29.86 -29.55 17.40
CA SER B 1018 31.12 -30.22 17.16
C SER B 1018 31.01 -31.24 16.03
N ASN B 1019 32.08 -31.38 15.26
CA ASN B 1019 32.14 -32.40 14.22
C ASN B 1019 32.61 -33.73 14.80
N LEU B 1020 33.22 -33.66 15.98
CA LEU B 1020 33.69 -34.85 16.68
C LEU B 1020 32.56 -35.46 17.50
N PRO B 1021 32.27 -36.75 17.27
CA PRO B 1021 31.27 -37.44 18.09
C PRO B 1021 31.70 -37.40 19.54
N LEU B 1022 30.76 -37.12 20.45
CA LEU B 1022 31.10 -36.99 21.86
C LEU B 1022 30.22 -37.86 22.75
N GLY B 1023 30.81 -38.36 23.83
CA GLY B 1023 30.06 -39.09 24.84
C GLY B 1023 29.57 -38.13 25.90
N LEU B 1024 28.57 -38.54 26.66
CA LEU B 1024 28.00 -37.68 27.69
C LEU B 1024 29.08 -37.08 28.57
N ASP B 1025 30.17 -37.83 28.74
CA ASP B 1025 31.33 -37.35 29.49
C ASP B 1025 31.86 -36.05 28.87
N GLU B 1026 32.17 -36.11 27.58
CA GLU B 1026 32.77 -34.99 26.87
C GLU B 1026 31.79 -33.85 26.64
N ILE B 1027 30.51 -34.18 26.57
CA ILE B 1027 29.47 -33.17 26.34
C ILE B 1027 29.38 -32.21 27.52
N GLU B 1028 29.37 -32.76 28.74
CA GLU B 1028 29.32 -31.94 29.94
C GLU B 1028 30.53 -31.01 30.01
N GLN B 1029 31.65 -31.48 29.46
CA GLN B 1029 32.86 -30.68 29.41
C GLN B 1029 32.65 -29.46 28.51
N GLU B 1030 32.22 -29.72 27.28
CA GLU B 1030 32.00 -28.66 26.30
C GLU B 1030 30.95 -27.66 26.79
N ILE B 1031 29.88 -28.16 27.40
CA ILE B 1031 28.85 -27.30 27.98
C ILE B 1031 29.46 -26.42 29.07
N PHE B 1032 30.29 -27.04 29.90
CA PHE B 1032 30.92 -26.34 31.01
C PHE B 1032 31.89 -25.25 30.54
N LYS B 1033 32.69 -25.58 29.54
CA LYS B 1033 33.69 -24.65 29.04
C LYS B 1033 33.08 -23.34 28.54
N LYS B 1034 31.86 -23.42 28.02
CA LYS B 1034 31.25 -22.25 27.39
C LYS B 1034 30.76 -21.19 28.39
N PHE B 1035 30.74 -21.55 29.66
CA PHE B 1035 30.43 -20.58 30.70
C PHE B 1035 31.71 -19.92 31.20
N LYS B 1036 32.81 -20.26 30.53
CA LYS B 1036 34.11 -19.65 30.78
C LYS B 1036 33.94 -18.14 30.87
N MET B 1037 34.26 -17.57 32.03
CA MET B 1037 34.06 -16.14 32.27
C MET B 1037 35.03 -15.28 31.46
N LYS B 1038 34.51 -14.15 30.98
CA LYS B 1038 35.33 -13.19 30.25
C LYS B 1038 35.40 -11.90 31.05
N GLY B 1039 36.50 -11.18 30.92
CA GLY B 1039 36.68 -9.95 31.68
C GLY B 1039 38.12 -9.46 31.69
N LEU B 1040 38.57 -9.00 32.84
CA LEU B 1040 39.91 -8.47 32.99
C LEU B 1040 40.54 -9.02 34.26
N LEU B 1041 41.73 -9.60 34.14
CA LEU B 1041 42.37 -10.28 35.28
C LEU B 1041 43.63 -9.60 35.79
N LEU B 1042 44.22 -10.20 36.83
CA LEU B 1042 45.54 -9.81 37.33
C LEU B 1042 46.57 -10.79 36.78
N GLY B 1043 47.71 -10.27 36.36
CA GLY B 1043 48.68 -11.06 35.61
C GLY B 1043 49.71 -11.84 36.40
N ASP B 1044 49.32 -12.41 37.54
CA ASP B 1044 50.24 -13.24 38.30
C ASP B 1044 49.72 -14.68 38.46
N GLN B 1045 50.65 -15.60 38.71
CA GLN B 1045 50.34 -17.03 38.76
C GLN B 1045 49.30 -17.42 39.81
N GLU B 1046 49.41 -16.85 41.00
CA GLU B 1046 48.53 -17.26 42.11
C GLU B 1046 47.08 -16.85 41.90
N VAL B 1047 46.84 -15.58 41.58
CA VAL B 1047 45.49 -15.09 41.36
C VAL B 1047 44.71 -16.00 40.41
N VAL B 1048 45.36 -16.42 39.33
CA VAL B 1048 44.75 -17.37 38.41
C VAL B 1048 44.36 -18.66 39.13
N ARG B 1049 45.30 -19.23 39.87
CA ARG B 1049 45.09 -20.51 40.54
C ARG B 1049 44.04 -20.44 41.66
N LEU B 1050 43.82 -19.25 42.21
CA LEU B 1050 42.77 -19.05 43.20
C LEU B 1050 41.42 -19.01 42.51
N MET B 1051 41.41 -18.56 41.26
CA MET B 1051 40.18 -18.48 40.49
C MET B 1051 39.83 -19.85 39.90
N ASP B 1052 40.84 -20.60 39.48
CA ASP B 1052 40.66 -21.99 39.09
C ASP B 1052 41.73 -22.85 39.76
N THR B 1053 41.33 -23.57 40.81
CA THR B 1053 42.26 -24.43 41.54
C THR B 1053 42.45 -25.76 40.85
N THR B 1054 41.62 -26.03 39.86
CA THR B 1054 41.72 -27.26 39.08
C THR B 1054 42.88 -27.17 38.09
N LEU B 1055 43.26 -25.94 37.75
CA LEU B 1055 44.26 -25.72 36.71
C LEU B 1055 45.69 -25.88 37.20
N GLN B 1056 46.44 -26.74 36.52
CA GLN B 1056 47.87 -26.90 36.76
C GLN B 1056 48.63 -26.32 35.59
N GLU B 1057 48.37 -26.88 34.40
CA GLU B 1057 49.00 -26.42 33.17
C GLU B 1057 47.95 -26.35 32.07
N GLY B 1058 48.17 -25.49 31.09
CA GLY B 1058 47.25 -25.34 29.99
C GLY B 1058 46.20 -24.28 30.25
N ARG B 1059 45.12 -24.31 29.48
CA ARG B 1059 44.08 -23.29 29.58
C ARG B 1059 43.08 -23.61 30.68
N SER B 1060 42.44 -22.58 31.21
CA SER B 1060 41.40 -22.75 32.22
C SER B 1060 40.03 -22.68 31.57
N ASN B 1061 39.12 -23.55 31.98
CA ASN B 1061 37.76 -23.55 31.44
C ASN B 1061 36.82 -22.66 32.24
N ILE B 1062 37.25 -22.24 33.43
CA ILE B 1062 36.46 -21.35 34.28
C ILE B 1062 36.74 -19.87 33.97
N ILE B 1063 38.00 -19.57 33.68
CA ILE B 1063 38.43 -18.20 33.43
C ILE B 1063 39.32 -18.12 32.19
N ASN B 1064 39.43 -16.93 31.61
CA ASN B 1064 40.24 -16.73 30.41
C ASN B 1064 41.71 -16.49 30.77
N ALA B 1065 42.44 -17.58 30.93
CA ALA B 1065 43.86 -17.54 31.27
C ALA B 1065 44.45 -18.93 31.17
N GLY B 1066 45.77 -19.03 31.22
CA GLY B 1066 46.44 -20.31 31.13
C GLY B 1066 47.76 -20.31 31.86
N LEU B 1067 48.49 -21.42 31.76
CA LEU B 1067 49.79 -21.52 32.40
C LEU B 1067 50.76 -22.32 31.53
N LYS B 1068 51.92 -21.73 31.25
CA LYS B 1068 53.00 -22.46 30.61
C LYS B 1068 53.57 -23.45 31.63
N LYS B 1069 54.50 -24.29 31.19
CA LYS B 1069 55.08 -25.29 32.08
C LYS B 1069 55.91 -24.63 33.19
N ASP B 1070 56.53 -23.51 32.87
CA ASP B 1070 57.42 -22.83 33.80
C ASP B 1070 56.67 -22.20 34.98
N GLY B 1071 55.34 -22.15 34.87
CA GLY B 1071 54.53 -21.58 35.92
C GLY B 1071 53.95 -20.23 35.52
N SER B 1072 54.60 -19.57 34.57
CA SER B 1072 54.13 -18.28 34.06
C SER B 1072 52.89 -18.51 33.20
N LEU B 1073 51.99 -17.54 33.18
CA LEU B 1073 50.77 -17.66 32.39
C LEU B 1073 50.98 -17.30 30.93
N ARG B 1074 49.97 -17.57 30.11
CA ARG B 1074 50.05 -17.36 28.67
C ARG B 1074 49.76 -15.92 28.27
N SER B 1075 50.29 -15.54 27.11
CA SER B 1075 50.05 -14.20 26.55
C SER B 1075 48.58 -14.01 26.18
N ASP B 1076 47.85 -15.11 26.05
CA ASP B 1076 46.43 -15.05 25.69
C ASP B 1076 45.58 -14.63 26.88
N SER B 1077 46.17 -14.70 28.07
CA SER B 1077 45.46 -14.36 29.29
C SER B 1077 44.95 -12.93 29.26
N ALA B 1078 43.73 -12.73 29.77
CA ALA B 1078 43.12 -11.40 29.80
C ALA B 1078 43.62 -10.62 31.02
N ALA B 1079 44.72 -11.10 31.59
CA ALA B 1079 45.27 -10.51 32.80
C ALA B 1079 46.15 -9.28 32.52
N VAL B 1080 46.19 -8.37 33.49
CA VAL B 1080 47.05 -7.19 33.42
C VAL B 1080 47.63 -6.89 34.79
N GLY B 1081 48.67 -6.07 34.82
CA GLY B 1081 49.30 -5.69 36.08
C GLY B 1081 48.40 -4.81 36.92
N GLU B 1082 48.67 -4.77 38.23
CA GLU B 1082 47.89 -3.94 39.14
C GLU B 1082 47.98 -2.48 38.75
N LYS B 1083 49.07 -2.12 38.08
CA LYS B 1083 49.27 -0.76 37.60
C LYS B 1083 48.19 -0.40 36.59
N GLU B 1084 48.06 -1.21 35.55
CA GLU B 1084 47.05 -0.98 34.52
C GLU B 1084 45.65 -0.87 35.13
N PHE B 1085 45.40 -1.67 36.16
CA PHE B 1085 44.12 -1.61 36.86
C PHE B 1085 43.92 -0.26 37.52
N ASP B 1086 44.94 0.19 38.25
CA ASP B 1086 44.87 1.49 38.93
C ASP B 1086 44.99 2.61 37.90
N LEU B 1087 45.36 2.25 36.68
CA LEU B 1087 45.41 3.19 35.57
C LEU B 1087 43.98 3.49 35.11
N LEU B 1088 43.28 2.45 34.70
CA LEU B 1088 41.90 2.58 34.25
C LEU B 1088 41.01 3.24 35.28
N THR B 1089 41.09 2.75 36.52
CA THR B 1089 40.25 3.28 37.61
C THR B 1089 40.30 4.81 37.66
N LYS B 1090 41.49 5.37 37.51
CA LYS B 1090 41.66 6.80 37.51
C LYS B 1090 40.98 7.41 36.28
N HIS B 1091 41.14 6.74 35.14
CA HIS B 1091 40.51 7.19 33.90
C HIS B 1091 38.99 7.26 34.05
N VAL B 1092 38.42 6.28 34.74
CA VAL B 1092 36.99 6.26 34.99
C VAL B 1092 36.58 7.44 35.86
N ARG B 1093 37.46 7.81 36.80
CA ARG B 1093 37.20 8.96 37.66
C ARG B 1093 37.09 10.23 36.84
N ARG B 1094 38.14 10.53 36.08
CA ARG B 1094 38.19 11.74 35.26
C ARG B 1094 37.00 11.81 34.32
N THR B 1095 36.51 10.65 33.89
CA THR B 1095 35.33 10.59 33.03
C THR B 1095 34.10 11.10 33.75
N PHE B 1096 33.85 10.57 34.95
CA PHE B 1096 32.75 11.02 35.77
C PHE B 1096 32.85 12.52 36.07
N GLN B 1097 34.08 13.03 36.09
CA GLN B 1097 34.32 14.44 36.40
C GLN B 1097 34.02 15.32 35.18
N GLU B 1098 34.77 15.11 34.10
CA GLU B 1098 34.63 15.92 32.90
C GLU B 1098 33.22 15.81 32.32
N ALA B 1099 32.63 14.62 32.44
CA ALA B 1099 31.28 14.39 31.92
C ALA B 1099 30.25 14.81 32.96
N GLY B 1100 30.67 14.91 34.21
CA GLY B 1100 29.79 15.33 35.28
C GLY B 1100 29.55 16.82 35.30
N GLU B 1101 30.57 17.57 34.88
CA GLU B 1101 30.47 19.03 34.85
C GLU B 1101 29.70 19.49 33.61
N GLN B 1102 30.01 18.90 32.47
CA GLN B 1102 29.36 19.27 31.23
C GLN B 1102 27.84 19.28 31.39
N ILE B 1103 27.35 18.33 32.18
CA ILE B 1103 25.93 18.28 32.51
C ILE B 1103 25.48 19.55 33.21
N THR B 1104 26.15 19.88 34.31
CA THR B 1104 25.83 21.09 35.07
C THR B 1104 26.02 22.33 34.22
N ASP B 1105 26.93 22.26 33.25
CA ASP B 1105 27.17 23.36 32.32
C ASP B 1105 25.97 23.51 31.41
N GLY B 1106 25.12 22.50 31.40
CA GLY B 1106 23.93 22.49 30.55
C GLY B 1106 24.26 22.14 29.11
N ARG B 1107 24.95 21.02 28.91
CA ARG B 1107 25.28 20.58 27.56
C ARG B 1107 24.35 19.46 27.10
N VAL B 1108 23.56 19.77 26.07
CA VAL B 1108 22.57 18.84 25.54
C VAL B 1108 22.85 18.45 24.10
N SER B 1109 24.07 18.72 23.65
CA SER B 1109 24.43 18.56 22.24
C SER B 1109 24.14 17.17 21.69
N ILE B 1110 24.15 17.06 20.36
CA ILE B 1110 23.85 15.80 19.69
C ILE B 1110 25.10 15.26 18.98
N GLU B 1111 25.66 14.19 19.51
CA GLU B 1111 26.89 13.63 18.95
C GLU B 1111 26.99 12.10 19.08
N PRO B 1112 26.22 11.37 18.26
CA PRO B 1112 26.33 9.90 18.22
C PRO B 1112 27.71 9.46 17.72
N TYR B 1113 28.17 8.31 18.20
CA TYR B 1113 29.47 7.78 17.81
C TYR B 1113 29.31 6.56 16.91
N LYS B 1114 30.32 6.28 16.10
CA LYS B 1114 30.30 5.05 15.32
C LYS B 1114 31.54 4.19 15.57
N MET B 1115 31.38 3.17 16.42
CA MET B 1115 32.49 2.30 16.77
C MET B 1115 32.05 1.00 17.43
N LYS B 1116 32.62 -0.10 16.95
CA LYS B 1116 33.48 -0.06 15.78
C LYS B 1116 32.67 -0.48 14.58
N ASN B 1117 32.27 0.50 13.80
CA ASN B 1117 31.29 0.33 12.72
C ASN B 1117 29.87 0.28 13.26
N LYS B 1118 29.74 0.32 14.59
CA LYS B 1118 28.43 0.32 15.24
C LYS B 1118 28.07 1.70 15.76
N THR B 1119 26.81 1.86 16.17
CA THR B 1119 26.32 3.16 16.63
C THR B 1119 25.46 3.03 17.88
N PRO B 1120 25.21 4.15 18.57
CA PRO B 1120 24.32 4.15 19.74
C PRO B 1120 22.85 4.30 19.33
N CYS B 1121 22.61 4.55 18.05
CA CYS B 1121 21.25 4.80 17.56
C CYS B 1121 20.47 3.51 17.28
N THR B 1122 21.07 2.38 17.62
CA THR B 1122 20.49 1.07 17.31
C THR B 1122 19.02 1.01 17.68
N TYR B 1123 18.73 0.77 18.96
CA TYR B 1123 17.36 0.73 19.45
C TYR B 1123 16.95 2.02 20.13
N CYS B 1124 17.84 3.02 20.09
CA CYS B 1124 17.60 4.28 20.76
C CYS B 1124 16.22 4.84 20.44
N ALA B 1125 15.42 5.08 21.48
CA ALA B 1125 14.05 5.54 21.32
C ALA B 1125 13.95 7.02 20.98
N PHE B 1126 14.95 7.79 21.42
CA PHE B 1126 14.92 9.24 21.28
C PHE B 1126 15.33 9.74 19.89
N LYS B 1127 15.60 8.80 18.98
CA LYS B 1127 16.01 9.15 17.63
C LYS B 1127 15.05 10.13 16.95
N SER B 1128 13.75 9.90 17.15
CA SER B 1128 12.72 10.73 16.52
C SER B 1128 12.70 12.14 17.09
N VAL B 1129 13.24 12.30 18.29
CA VAL B 1129 13.30 13.61 18.95
C VAL B 1129 14.56 14.37 18.55
N CYS B 1130 15.70 13.68 18.57
CA CYS B 1130 16.96 14.28 18.20
C CYS B 1130 16.98 14.62 16.72
N GLN B 1131 16.23 13.85 15.94
CA GLN B 1131 16.09 14.11 14.51
C GLN B 1131 17.45 14.31 13.85
N PHE B 1132 18.31 13.30 13.98
CA PHE B 1132 19.68 13.38 13.47
C PHE B 1132 19.72 13.13 11.97
N ASP B 1133 20.35 14.04 11.25
CA ASP B 1133 20.46 13.91 9.80
C ASP B 1133 21.89 14.16 9.34
N GLU B 1134 22.54 13.12 8.84
CA GLU B 1134 23.91 13.22 8.35
C GLU B 1134 24.03 14.12 7.12
N SER B 1135 23.24 13.83 6.11
CA SER B 1135 23.27 14.59 4.85
C SER B 1135 23.29 16.08 5.17
N LEU B 1136 22.33 16.52 5.97
CA LEU B 1136 22.33 17.88 6.50
C LEU B 1136 23.63 18.08 7.26
N GLU B 1137 24.41 19.06 6.84
CA GLU B 1137 25.73 19.30 7.43
C GLU B 1137 25.63 19.65 8.91
N GLU B 1138 26.79 19.83 9.55
CA GLU B 1138 26.86 20.21 10.96
C GLU B 1138 26.38 19.13 11.91
N ASN B 1139 25.78 18.07 11.36
CA ASN B 1139 25.44 16.89 12.15
C ASN B 1139 26.36 15.73 11.77
N GLU B 1140 27.21 15.33 12.72
CA GLU B 1140 28.25 14.35 12.41
C GLU B 1140 28.28 13.16 13.37
N TYR B 1141 28.75 12.03 12.86
CA TYR B 1141 29.09 10.88 13.69
C TYR B 1141 30.50 11.07 14.21
N ARG B 1142 30.65 11.18 15.53
CA ARG B 1142 31.97 11.23 16.13
C ARG B 1142 32.58 9.83 16.13
N PRO B 1143 33.66 9.63 15.36
CA PRO B 1143 34.25 8.30 15.18
C PRO B 1143 35.05 7.84 16.39
N LEU B 1144 34.97 6.56 16.69
CA LEU B 1144 35.82 5.93 17.69
C LEU B 1144 36.52 4.76 17.01
N LYS B 1145 37.80 4.57 17.31
CA LYS B 1145 38.60 3.59 16.59
C LYS B 1145 38.79 2.29 17.38
N ALA B 1146 38.59 1.16 16.71
CA ALA B 1146 38.85 -0.14 17.32
C ALA B 1146 40.31 -0.19 17.75
N GLU B 1147 40.54 -0.56 19.00
CA GLU B 1147 41.88 -0.47 19.57
C GLU B 1147 42.33 -1.76 20.21
N LYS B 1148 43.56 -2.19 19.87
CA LYS B 1148 44.20 -3.26 20.60
C LYS B 1148 44.21 -2.81 22.05
N ASP B 1149 43.83 -3.69 22.96
CA ASP B 1149 43.70 -3.31 24.37
C ASP B 1149 44.86 -2.43 24.82
N LYS B 1150 46.06 -2.74 24.33
CA LYS B 1150 47.24 -1.97 24.68
C LYS B 1150 47.21 -0.56 24.12
N THR B 1151 46.66 -0.41 22.91
CA THR B 1151 46.66 0.86 22.20
C THR B 1151 45.85 1.96 22.88
N ILE B 1152 44.86 1.56 23.68
CA ILE B 1152 44.14 2.52 24.50
C ILE B 1152 44.78 2.57 25.88
N LEU B 1153 45.47 1.49 26.24
CA LEU B 1153 46.19 1.42 27.51
C LEU B 1153 47.22 2.54 27.60
N GLU B 1154 48.10 2.64 26.61
CA GLU B 1154 49.14 3.67 26.61
C GLU B 1154 48.54 5.06 26.43
N TRP B 1155 47.42 5.14 25.73
CA TRP B 1155 46.71 6.41 25.58
C TRP B 1155 46.39 6.96 26.96
N ILE B 1156 45.84 6.12 27.82
CA ILE B 1156 45.52 6.50 29.19
C ILE B 1156 46.78 6.93 29.90
N LYS B 1157 47.84 6.14 29.75
CA LYS B 1157 49.12 6.42 30.38
C LYS B 1157 49.59 7.84 30.09
N LYS B 1158 49.34 8.31 28.88
CA LYS B 1158 49.80 9.62 28.44
C LYS B 1158 48.99 10.77 29.04
N GLU B 1159 47.70 10.53 29.30
CA GLU B 1159 46.81 11.56 29.81
C GLU B 1159 47.44 12.35 30.96
N ALA B 1160 47.83 11.63 32.02
CA ALA B 1160 48.44 12.27 33.18
C ALA B 1160 49.82 11.68 33.46
FE1 SF4 D . 21.37 10.52 20.26
FE2 SF4 D . 21.60 8.98 18.18
FE3 SF4 D . 19.32 10.11 18.72
FE4 SF4 D . 20.20 8.20 20.24
S1 SF4 D . 19.57 7.93 18.06
S2 SF4 D . 19.24 10.14 21.00
S3 SF4 D . 22.47 8.53 20.24
S4 SF4 D . 21.21 11.23 18.09
#